data_3GNK
# 
_entry.id   3GNK 
# 
_audit.revision_id       1 
_audit.creation_date     2009-03-17 
_audit.creation_method   
;Created by mtz2various (CCP4) from
/userhome/xtal/abeer/newtcgg/newtcgg_refmac1.mtz
;
_audit.update_record     ? 
# 
_audit_conform.dict_name       mmcif_pdbx.dic 
_audit_conform.dict_version    5.378 
_audit_conform.dict_location   http://mmcif.pdb.org/dictionaries/ascii/mmcif_pdbx.dic 
# 
loop_
_database_2.database_id 
_database_2.database_code 
_database_2.pdbx_database_accession 
_database_2.pdbx_DOI 
PDB   3GNK         pdb_00003gnk 10.2210/pdb3gnk/pdb 
NDB   UD0078       ?            ?                   
RCSB  RCSB052083   ?            ?                   
WWPDB D_1000052083 ?            ?                   
# 
loop_
_pdbx_database_related.db_name 
_pdbx_database_related.db_id 
_pdbx_database_related.details 
_pdbx_database_related.content_type 
PDB 1l4j 'Calcium bound to the Holliday junction sequence d(TCGGTACCGA)4'   unspecified 
PDB 1NVY 'Strontium bound to the Holliday junction sequence d(TCGGTACCGA)4' unspecified 
# 
_pdbx_database_status.entry_id                        3GNK 
_pdbx_database_status.deposit_site                    RCSB 
_pdbx_database_status.process_site                    RCSB 
_pdbx_database_status.recvd_initial_deposition_date   2009-03-17 
_pdbx_database_status.status_code                     REL 
_pdbx_database_status.status_code_sf                  REL 
_pdbx_database_status.status_code_mr                  ? 
_pdbx_database_status.SG_entry                        ? 
_pdbx_database_status.pdb_format_compatible           Y 
_pdbx_database_status.status_code_cs                  ? 
_pdbx_database_status.methods_development_category    ? 
_pdbx_database_status.status_code_nmr_data            ? 
# 
loop_
_audit_author.name 
_audit_author.pdbx_ordinal 
'Naseer, A.'   1 
'Cardin, C.J.' 2 
# 
_citation.id                        primary 
_citation.title                     'Calcium bound to the Holliday junction sequence d(TCGGCGCCGA)4' 
_citation.journal_abbrev            'To be Published' 
_citation.journal_volume            ? 
_citation.page_first                ? 
_citation.page_last                 ? 
_citation.year                      ? 
_citation.journal_id_ASTM           ? 
_citation.country                   ? 
_citation.journal_id_ISSN           ? 
_citation.journal_id_CSD            0353 
_citation.book_publisher            ? 
_citation.pdbx_database_id_PubMed   ? 
_citation.pdbx_database_id_DOI      ? 
# 
loop_
_citation_author.citation_id 
_citation_author.name 
_citation_author.ordinal 
_citation_author.identifier_ORCID 
primary 'Naseer, A.'   1 ? 
primary 'Cardin, C.J.' 2 ? 
# 
_cell.entry_id           3GNK 
_cell.length_a           65.9700 
_cell.length_b           24.1700 
_cell.length_c           73.8900 
_cell.angle_alpha        90.0000 
_cell.angle_beta         110.3700 
_cell.angle_gamma        90.0000 
_cell.pdbx_unique_axis   ? 
_cell.Z_PDB              16 
_cell.length_a_esd       ? 
_cell.length_b_esd       ? 
_cell.length_c_esd       ? 
_cell.angle_alpha_esd    ? 
_cell.angle_beta_esd     ? 
_cell.angle_gamma_esd    ? 
# 
_symmetry.entry_id                         3GNK 
_symmetry.Int_Tables_number                5 
_symmetry.space_group_name_H-M             'C 1 2 1' 
_symmetry.pdbx_full_space_group_name_H-M   ? 
_symmetry.cell_setting                     ? 
_symmetry.space_group_name_Hall            ? 
# 
loop_
_entity.id 
_entity.type 
_entity.src_method 
_entity.pdbx_description 
_entity.formula_weight 
_entity.pdbx_number_of_molecules 
_entity.pdbx_ec 
_entity.pdbx_mutation 
_entity.pdbx_fragment 
_entity.details 
1 polymer     syn "5'-D(*TP*CP*GP*GP*CP*GP*CP*CP*GP*A)-3'" 3045.992 4   ? ? ? 'Holliday junctions' 
2 non-polymer syn 'CALCIUM ION'                            40.078   2   ? ? ? ?                    
3 non-polymer syn 'SODIUM ION'                             22.990   2   ? ? ? ?                    
4 water       nat water                                    18.015   183 ? ? ? ?                    
# 
_entity_poly.entity_id                      1 
_entity_poly.type                           polydeoxyribonucleotide 
_entity_poly.nstd_linkage                   no 
_entity_poly.nstd_monomer                   no 
_entity_poly.pdbx_seq_one_letter_code       '(DT)(DC)(DG)(DG)(DC)(DG)(DC)(DC)(DG)(DA)' 
_entity_poly.pdbx_seq_one_letter_code_can   TCGGCGCCGA 
_entity_poly.pdbx_strand_id                 A,B,C,D 
_entity_poly.pdbx_target_identifier         ? 
# 
loop_
_entity_poly_seq.entity_id 
_entity_poly_seq.num 
_entity_poly_seq.mon_id 
_entity_poly_seq.hetero 
1 1  DT n 
1 2  DC n 
1 3  DG n 
1 4  DG n 
1 5  DC n 
1 6  DG n 
1 7  DC n 
1 8  DC n 
1 9  DG n 
1 10 DA n 
# 
_struct_ref.id                         1 
_struct_ref.db_name                    PDB 
_struct_ref.db_code                    3GNK 
_struct_ref.pdbx_db_accession          3GNK 
_struct_ref.entity_id                  1 
_struct_ref.pdbx_align_begin           1 
_struct_ref.pdbx_seq_one_letter_code   TCGGCGCCGA 
_struct_ref.pdbx_db_isoform            ? 
# 
loop_
_struct_ref_seq.align_id 
_struct_ref_seq.ref_id 
_struct_ref_seq.pdbx_PDB_id_code 
_struct_ref_seq.pdbx_strand_id 
_struct_ref_seq.seq_align_beg 
_struct_ref_seq.pdbx_seq_align_beg_ins_code 
_struct_ref_seq.seq_align_end 
_struct_ref_seq.pdbx_seq_align_end_ins_code 
_struct_ref_seq.pdbx_db_accession 
_struct_ref_seq.db_align_beg 
_struct_ref_seq.pdbx_db_align_beg_ins_code 
_struct_ref_seq.db_align_end 
_struct_ref_seq.pdbx_db_align_end_ins_code 
_struct_ref_seq.pdbx_auth_seq_align_beg 
_struct_ref_seq.pdbx_auth_seq_align_end 
1 1 3GNK A 1 ? 10 ? 3GNK 1  ? 10 ? 1  10 
2 1 3GNK B 1 ? 10 ? 3GNK 11 ? 20 ? 11 20 
3 1 3GNK C 1 ? 10 ? 3GNK 21 ? 30 ? 21 30 
4 1 3GNK D 1 ? 10 ? 3GNK 31 ? 40 ? 31 40 
# 
loop_
_chem_comp.id 
_chem_comp.type 
_chem_comp.mon_nstd_flag 
_chem_comp.name 
_chem_comp.pdbx_synonyms 
_chem_comp.formula 
_chem_comp.formula_weight 
CA  non-polymer   . 'CALCIUM ION'                        ? 'Ca 2'            40.078  
DA  'DNA linking' y "2'-DEOXYADENOSINE-5'-MONOPHOSPHATE" ? 'C10 H14 N5 O6 P' 331.222 
DC  'DNA linking' y "2'-DEOXYCYTIDINE-5'-MONOPHOSPHATE"  ? 'C9 H14 N3 O7 P'  307.197 
DG  'DNA linking' y "2'-DEOXYGUANOSINE-5'-MONOPHOSPHATE" ? 'C10 H14 N5 O7 P' 347.221 
DT  'DNA linking' y "THYMIDINE-5'-MONOPHOSPHATE"         ? 'C10 H15 N2 O8 P' 322.208 
HOH non-polymer   . WATER                                ? 'H2 O'            18.015  
NA  non-polymer   . 'SODIUM ION'                         ? 'Na 1'            22.990  
# 
_exptl.entry_id          3GNK 
_exptl.method            'X-RAY DIFFRACTION' 
_exptl.crystals_number   1 
# 
_exptl_crystal.id                    1 
_exptl_crystal.density_meas          ? 
_exptl_crystal.density_percent_sol   45.73 
_exptl_crystal.density_Matthews      2.27 
_exptl_crystal.description           ? 
_exptl_crystal.F_000                 ? 
_exptl_crystal.preparation           ? 
# 
_exptl_crystal_grow.crystal_id      1 
_exptl_crystal_grow.method          'VAPOR DIFFUSION, SITTING DROP' 
_exptl_crystal_grow.pH              7 
_exptl_crystal_grow.temp            290.0 
_exptl_crystal_grow.temp_details    ? 
_exptl_crystal_grow.pdbx_details    
'CaCl2, MPD, NaCacodylate , pH 7.0, VAPOR DIFFUSION, SITTING DROP, temperature 290K, temperature 290.0K' 
_exptl_crystal_grow.pdbx_pH_range   ? 
# 
loop_
_exptl_crystal_grow_comp.crystal_id 
_exptl_crystal_grow_comp.id 
_exptl_crystal_grow_comp.sol_id 
_exptl_crystal_grow_comp.name 
_exptl_crystal_grow_comp.conc 
_exptl_crystal_grow_comp.volume 
_exptl_crystal_grow_comp.details 
1 1 1 CaCl2           ? ? ? 
1 2 1 MPD             ? ? ? 
1 3 1 'Na Cacodylate' ? ? ? 
1 4 2 CaCl2           ? ? ? 
1 5 2 MPD             ? ? ? 
1 6 2 'Na Cacodylate' ? ? ? 
# 
_diffrn.id                     1 
_diffrn.ambient_temp           100 
_diffrn.ambient_temp_details   ? 
_diffrn.crystal_id             1 
# 
_diffrn_detector.diffrn_id              1 
_diffrn_detector.detector               CCD 
_diffrn_detector.type                   'OXFORD SAPPHIRE CCD' 
_diffrn_detector.pdbx_collection_date   ? 
_diffrn_detector.details                'multilayer optics' 
# 
_diffrn_radiation.diffrn_id                        1 
_diffrn_radiation.wavelength_id                    1 
_diffrn_radiation.pdbx_diffrn_protocol             'SINGLE WAVELENGTH' 
_diffrn_radiation.monochromator                    ? 
_diffrn_radiation.pdbx_monochromatic_or_laue_m_l   M 
_diffrn_radiation.pdbx_scattering_type             x-ray 
# 
_diffrn_radiation_wavelength.id           1 
_diffrn_radiation_wavelength.wavelength   1.5418 
_diffrn_radiation_wavelength.wt           1.0 
# 
_diffrn_source.diffrn_id                   1 
_diffrn_source.source                      'SEALED TUBE' 
_diffrn_source.type                        'OXFORD DIFFRACTION ENHANCE ULTRA' 
_diffrn_source.pdbx_wavelength             ? 
_diffrn_source.pdbx_wavelength_list        1.5418 
_diffrn_source.pdbx_synchrotron_site       ? 
_diffrn_source.pdbx_synchrotron_beamline   ? 
# 
_reflns.entry_id                     3GNK 
_reflns.d_resolution_high            2.100 
_reflns.d_resolution_low             16.347 
_reflns.limit_h_max                  29 
_reflns.limit_h_min                  -31 
_reflns.limit_k_max                  11 
_reflns.limit_k_min                  0 
_reflns.limit_l_max                  35 
_reflns.limit_l_min                  0 
_reflns.number_all                   6643 
_reflns.number_obs                   6622 
_reflns.observed_criterion_sigma_F   1 
_reflns.observed_criterion_sigma_I   1 
_reflns.percent_possible_obs         99.410 
_reflns.pdbx_Rmerge_I_obs            0.062 
_reflns.pdbx_Rsym_value              ? 
_reflns.pdbx_netI_over_sigmaI        11.44 
_reflns.B_iso_Wilson_estimate        17.122 
_reflns.pdbx_redundancy              3.9 
_reflns.R_free_details               ? 
_reflns.observed_criterion_F_max     ? 
_reflns.observed_criterion_F_min     ? 
_reflns.pdbx_chi_squared             ? 
_reflns.pdbx_scaling_rejects         ? 
_reflns.pdbx_diffrn_id               1 
_reflns.pdbx_ordinal                 1 
# 
_reflns_shell.d_res_high             2.100 
_reflns_shell.d_res_low              2.155 
_reflns_shell.percent_possible_obs   ? 
_reflns_shell.percent_possible_all   99.410 
_reflns_shell.Rmerge_I_obs           0.194 
_reflns_shell.meanI_over_sigI_obs    2.35 
_reflns_shell.pdbx_Rsym_value        ? 
_reflns_shell.pdbx_redundancy        3.00 
_reflns_shell.number_unique_all      1773 
_reflns_shell.number_measured_all    ? 
_reflns_shell.number_measured_obs    ? 
_reflns_shell.number_unique_obs      ? 
_reflns_shell.pdbx_chi_squared       ? 
_reflns_shell.pdbx_diffrn_id         ? 
_reflns_shell.pdbx_ordinal           1 
# 
_refine.ls_d_res_high                            2.100 
_refine.ls_d_res_low                             16.347 
_refine.pdbx_ls_sigma_F                          . 
_refine.ls_percent_reflns_obs                    99.410 
_refine.ls_number_reflns_obs                     6622 
_refine.pdbx_ls_cross_valid_method               THROUGHOUT 
_refine.pdbx_R_Free_selection_details            RANDOM 
_refine.ls_R_factor_all                          0.218 
_refine.ls_R_factor_R_work                       0.214 
_refine.ls_R_factor_R_free                       0.306 
_refine.ls_percent_reflns_R_free                 4.700 
_refine.ls_number_reflns_R_free                  311 
_refine.B_iso_mean                               17.122 
_refine.aniso_B[1][1]                            -1.240 
_refine.aniso_B[2][2]                            1.300 
_refine.aniso_B[3][3]                            -0.020 
_refine.aniso_B[1][2]                            0.000 
_refine.aniso_B[1][3]                            0.060 
_refine.aniso_B[2][3]                            0.000 
_refine.correlation_coeff_Fo_to_Fc               0.948 
_refine.correlation_coeff_Fo_to_Fc_free          0.872 
_refine.overall_SU_R_Cruickshank_DPI             0.299 
_refine.pdbx_overall_ESU_R_Free                  0.260 
_refine.overall_SU_ML                            0.158 
_refine.overall_SU_B                             5.862 
_refine.solvent_model_details                    MASK 
_refine.pdbx_solvent_vdw_probe_radii             1.200 
_refine.pdbx_solvent_ion_probe_radii             0.800 
_refine.pdbx_solvent_shrinkage_radii             0.800 
_refine.entry_id                                 3GNK 
_refine.pdbx_ls_sigma_I                          ? 
_refine.ls_number_reflns_all                     6622 
_refine.ls_R_factor_obs                          0.218 
_refine.ls_redundancy_reflns_obs                 ? 
_refine.pdbx_data_cutoff_high_absF               ? 
_refine.pdbx_data_cutoff_low_absF                ? 
_refine.ls_number_parameters                     ? 
_refine.ls_number_restraints                     ? 
_refine.ls_R_factor_R_free_error                 ? 
_refine.ls_R_factor_R_free_error_details         ? 
_refine.pdbx_method_to_determine_struct          'MOLECULAR REPLACEMENT' 
_refine.pdbx_starting_model                      'PDB entry 1L4J' 
_refine.pdbx_stereochem_target_val_spec_case     ? 
_refine.pdbx_stereochemistry_target_values       ? 
_refine.solvent_model_param_bsol                 ? 
_refine.solvent_model_param_ksol                 ? 
_refine.occupancy_max                            ? 
_refine.occupancy_min                            ? 
_refine.pdbx_isotropic_thermal_model             ? 
_refine.details                                  ? 
_refine.B_iso_min                                ? 
_refine.B_iso_max                                ? 
_refine.overall_SU_R_free                        ? 
_refine.pdbx_data_cutoff_high_rms_absF           ? 
_refine.pdbx_overall_ESU_R                       ? 
_refine.ls_wR_factor_R_free                      ? 
_refine.ls_wR_factor_R_work                      ? 
_refine.overall_FOM_free_R_set                   ? 
_refine.overall_FOM_work_R_set                   ? 
_refine.pdbx_overall_phase_error                 ? 
_refine.pdbx_refine_id                           'X-RAY DIFFRACTION' 
_refine.pdbx_diffrn_id                           1 
_refine.pdbx_TLS_residual_ADP_flag               ? 
_refine.pdbx_overall_SU_R_free_Cruickshank_DPI   ? 
_refine.pdbx_overall_SU_R_Blow_DPI               ? 
_refine.pdbx_overall_SU_R_free_Blow_DPI          ? 
# 
_refine_hist.pdbx_refine_id                   'X-RAY DIFFRACTION' 
_refine_hist.cycle_id                         LAST 
_refine_hist.pdbx_number_atoms_protein        0 
_refine_hist.pdbx_number_atoms_nucleic_acid   808 
_refine_hist.pdbx_number_atoms_ligand         4 
_refine_hist.number_atoms_solvent             183 
_refine_hist.number_atoms_total               995 
_refine_hist.d_res_high                       2.100 
_refine_hist.d_res_low                        16.347 
# 
loop_
_refine_ls_restr.type 
_refine_ls_restr.number 
_refine_ls_restr.dev_ideal 
_refine_ls_restr.weight 
_refine_ls_restr.dev_ideal_target 
_refine_ls_restr.pdbx_refine_id 
_refine_ls_restr.pdbx_restraint_function 
r_bond_refined_d                        904  0.005 0.021 ? 'X-RAY DIFFRACTION' ? 
r_angle_refined_deg                     1388 1.285 3.000 ? 'X-RAY DIFFRACTION' ? 
r_chiral_restr                          156  0.053 0.200 ? 'X-RAY DIFFRACTION' ? 
r_gen_planes_refined                    416  0.005 0.020 ? 'X-RAY DIFFRACTION' ? 
r_nbd_refined                           269  0.162 0.200 ? 'X-RAY DIFFRACTION' ? 
r_nbtor_refined                         515  0.293 0.200 ? 'X-RAY DIFFRACTION' ? 
r_xyhbond_nbd_refined                   170  0.119 0.200 ? 'X-RAY DIFFRACTION' ? 
'POTENTIAL METAL-ION REFINED ATOMS (A)' 7    0.163 0.200 ? 'X-RAY DIFFRACTION' ? 
r_symmetry_vdw_refined                  35   0.098 0.200 ? 'X-RAY DIFFRACTION' ? 
r_symmetry_hbond_refined                13   0.071 0.200 ? 'X-RAY DIFFRACTION' ? 
r_scbond_it                             1103 0.716 3.000 ? 'X-RAY DIFFRACTION' ? 
r_scangle_it                            1388 1.079 4.500 ? 'X-RAY DIFFRACTION' ? 
# 
_refine_ls_shell.d_res_high                       2.100 
_refine_ls_shell.d_res_low                        2.155 
_refine_ls_shell.pdbx_total_number_of_bins_used   20 
_refine_ls_shell.percent_reflns_obs               98.970 
_refine_ls_shell.number_reflns_R_work             453 
_refine_ls_shell.R_factor_R_work                  0.256 
_refine_ls_shell.R_factor_R_free                  0.344 
_refine_ls_shell.percent_reflns_R_free            ? 
_refine_ls_shell.number_reflns_R_free             28 
_refine_ls_shell.R_factor_R_free_error            ? 
_refine_ls_shell.number_reflns_obs                6622 
_refine_ls_shell.redundancy_reflns_obs            ? 
_refine_ls_shell.number_reflns_all                ? 
_refine_ls_shell.R_factor_all                     ? 
_refine_ls_shell.pdbx_refine_id                   'X-RAY DIFFRACTION' 
# 
_struct.entry_id                  3GNK 
_struct.title                     'Calcium bound to the Holliday junction sequence d(TCGGCGCCGA)4' 
_struct.pdbx_model_details        ? 
_struct.pdbx_CASP_flag            ? 
_struct.pdbx_model_type_details   ? 
# 
_struct_keywords.entry_id        3GNK 
_struct_keywords.pdbx_keywords   DNA 
_struct_keywords.text            'Holliday junction Calcium ion Ca2+, DNA' 
# 
loop_
_struct_asym.id 
_struct_asym.pdbx_blank_PDB_chainid_flag 
_struct_asym.pdbx_modified 
_struct_asym.entity_id 
_struct_asym.details 
A N N 1 ? 
B N N 1 ? 
C N N 1 ? 
D N N 1 ? 
E N N 2 ? 
F N N 3 ? 
G N N 3 ? 
H N N 2 ? 
I N N 4 ? 
J N N 4 ? 
K N N 4 ? 
L N N 4 ? 
# 
_struct_biol.id        1 
_struct_biol.details   ? 
# 
loop_
_struct_conn.id 
_struct_conn.conn_type_id 
_struct_conn.pdbx_leaving_atom_flag 
_struct_conn.pdbx_PDB_id 
_struct_conn.ptnr1_label_asym_id 
_struct_conn.ptnr1_label_comp_id 
_struct_conn.ptnr1_label_seq_id 
_struct_conn.ptnr1_label_atom_id 
_struct_conn.pdbx_ptnr1_label_alt_id 
_struct_conn.pdbx_ptnr1_PDB_ins_code 
_struct_conn.pdbx_ptnr1_standard_comp_id 
_struct_conn.ptnr1_symmetry 
_struct_conn.ptnr2_label_asym_id 
_struct_conn.ptnr2_label_comp_id 
_struct_conn.ptnr2_label_seq_id 
_struct_conn.ptnr2_label_atom_id 
_struct_conn.pdbx_ptnr2_label_alt_id 
_struct_conn.pdbx_ptnr2_PDB_ins_code 
_struct_conn.ptnr1_auth_asym_id 
_struct_conn.ptnr1_auth_comp_id 
_struct_conn.ptnr1_auth_seq_id 
_struct_conn.ptnr2_auth_asym_id 
_struct_conn.ptnr2_auth_comp_id 
_struct_conn.ptnr2_auth_seq_id 
_struct_conn.ptnr2_symmetry 
_struct_conn.pdbx_ptnr3_label_atom_id 
_struct_conn.pdbx_ptnr3_label_seq_id 
_struct_conn.pdbx_ptnr3_label_comp_id 
_struct_conn.pdbx_ptnr3_label_asym_id 
_struct_conn.pdbx_ptnr3_label_alt_id 
_struct_conn.pdbx_ptnr3_PDB_ins_code 
_struct_conn.details 
_struct_conn.pdbx_dist_value 
_struct_conn.pdbx_value_order 
_struct_conn.pdbx_role 
metalc1  metalc ? ? I HOH .  O  ? ? ? 1_555 E CA  .  CA ? ? A HOH 59  A CA  60  1_555 ? ? ? ? ? ? ?            2.673 ? ? 
metalc2  metalc ? ? E CA  .  CA ? ? ? 1_555 I HOH .  O  ? ? A CA  60  A HOH 61  1_555 ? ? ? ? ? ? ?            2.424 ? ? 
metalc3  metalc ? ? E CA  .  CA ? ? ? 1_555 I HOH .  O  ? ? A CA  60  A HOH 62  1_555 ? ? ? ? ? ? ?            2.446 ? ? 
metalc4  metalc ? ? E CA  .  CA ? ? ? 1_555 I HOH .  O  ? ? A CA  60  A HOH 63  1_555 ? ? ? ? ? ? ?            2.314 ? ? 
metalc5  metalc ? ? E CA  .  CA ? ? ? 1_555 I HOH .  O  ? ? A CA  60  A HOH 64  1_555 ? ? ? ? ? ? ?            2.673 ? ? 
metalc6  metalc ? ? E CA  .  CA ? ? ? 1_555 L HOH .  O  ? ? A CA  60  D HOH 58  1_555 ? ? ? ? ? ? ?            2.458 ? ? 
metalc7  metalc ? ? I HOH .  O  ? ? ? 1_555 G NA  .  NA ? ? A HOH 126 D NA  42  1_555 ? ? ? ? ? ? ?            2.407 ? ? 
metalc8  metalc ? ? I HOH .  O  ? ? ? 1_555 F NA  .  NA ? ? A HOH 182 B NA  106 1_555 ? ? ? ? ? ? ?            2.092 ? ? 
metalc9  metalc ? ? J HOH .  O  ? ? ? 1_555 F NA  .  NA ? ? B HOH 105 B NA  106 1_555 ? ? ? ? ? ? ?            2.387 ? ? 
metalc10 metalc ? ? F NA  .  NA ? ? ? 1_555 J HOH .  O  ? ? B NA  106 B HOH 107 1_555 ? ? ? ? ? ? ?            2.572 ? ? 
metalc11 metalc ? ? F NA  .  NA ? ? ? 1_555 J HOH .  O  ? ? B NA  106 B HOH 108 1_555 ? ? ? ? ? ? ?            2.185 ? ? 
metalc12 metalc ? ? F NA  .  NA ? ? ? 1_555 J HOH .  O  ? ? B NA  106 B HOH 181 1_555 ? ? ? ? ? ? ?            2.314 ? ? 
metalc13 metalc ? ? K HOH .  O  ? ? ? 1_555 H CA  .  CA ? ? C HOH 77  D CA  77  1_555 ? ? ? ? ? ? ?            2.427 ? ? 
metalc14 metalc ? ? K HOH .  O  ? ? ? 1_555 H CA  .  CA ? ? C HOH 78  D CA  77  1_555 ? ? ? ? ? ? ?            2.307 ? ? 
metalc15 metalc ? ? L HOH .  O  ? ? ? 1_555 G NA  .  NA ? ? D HOH 41  D NA  42  1_555 ? ? ? ? ? ? ?            2.975 ? ? 
metalc16 metalc ? ? G NA  .  NA ? ? ? 1_555 L HOH .  O  ? ? D NA  42  D HOH 125 1_555 ? ? ? ? ? ? ?            2.721 ? ? 
metalc17 metalc ? ? G NA  .  NA ? ? ? 1_555 L HOH .  O  ? ? D NA  42  D HOH 165 1_555 ? ? ? ? ? ? ?            2.518 ? ? 
metalc18 metalc ? ? L HOH .  O  ? ? ? 1_555 H CA  .  CA ? ? D HOH 76  D CA  77  1_555 ? ? ? ? ? ? ?            2.627 ? ? 
hydrog1  hydrog ? ? A DT  1  N3 ? ? ? 1_555 D DA  10 N1 ? ? A DT  1   D DA  40  1_555 ? ? ? ? ? ? WATSON-CRICK ?     ? ? 
hydrog2  hydrog ? ? A DT  1  O4 ? ? ? 1_555 D DA  10 N6 ? ? A DT  1   D DA  40  1_555 ? ? ? ? ? ? WATSON-CRICK ?     ? ? 
hydrog3  hydrog ? ? A DC  2  N3 ? ? ? 1_555 D DG  9  N1 ? ? A DC  2   D DG  39  1_555 ? ? ? ? ? ? WATSON-CRICK ?     ? ? 
hydrog4  hydrog ? ? A DC  2  N4 ? ? ? 1_555 D DG  9  O6 ? ? A DC  2   D DG  39  1_555 ? ? ? ? ? ? WATSON-CRICK ?     ? ? 
hydrog5  hydrog ? ? A DC  2  O2 ? ? ? 1_555 D DG  9  N2 ? ? A DC  2   D DG  39  1_555 ? ? ? ? ? ? WATSON-CRICK ?     ? ? 
hydrog6  hydrog ? ? A DG  3  N1 ? ? ? 1_555 D DC  8  N3 ? ? A DG  3   D DC  38  1_555 ? ? ? ? ? ? WATSON-CRICK ?     ? ? 
hydrog7  hydrog ? ? A DG  3  N2 ? ? ? 1_555 D DC  8  O2 ? ? A DG  3   D DC  38  1_555 ? ? ? ? ? ? WATSON-CRICK ?     ? ? 
hydrog8  hydrog ? ? A DG  3  O6 ? ? ? 1_555 D DC  8  N4 ? ? A DG  3   D DC  38  1_555 ? ? ? ? ? ? WATSON-CRICK ?     ? ? 
hydrog9  hydrog ? ? A DG  4  N1 ? ? ? 1_555 D DC  7  N3 ? ? A DG  4   D DC  37  1_555 ? ? ? ? ? ? WATSON-CRICK ?     ? ? 
hydrog10 hydrog ? ? A DG  4  N2 ? ? ? 1_555 D DC  7  O2 ? ? A DG  4   D DC  37  1_555 ? ? ? ? ? ? WATSON-CRICK ?     ? ? 
hydrog11 hydrog ? ? A DG  4  O6 ? ? ? 1_555 D DC  7  N4 ? ? A DG  4   D DC  37  1_555 ? ? ? ? ? ? WATSON-CRICK ?     ? ? 
hydrog12 hydrog ? ? A DC  5  N3 ? ? ? 1_555 B DG  6  N1 ? ? A DC  5   B DG  16  1_555 ? ? ? ? ? ? WATSON-CRICK ?     ? ? 
hydrog13 hydrog ? ? A DC  5  N4 ? ? ? 1_555 B DG  6  O6 ? ? A DC  5   B DG  16  1_555 ? ? ? ? ? ? WATSON-CRICK ?     ? ? 
hydrog14 hydrog ? ? A DC  5  O2 ? ? ? 1_555 B DG  6  N2 ? ? A DC  5   B DG  16  1_555 ? ? ? ? ? ? WATSON-CRICK ?     ? ? 
hydrog15 hydrog ? ? A DG  6  N1 ? ? ? 1_555 B DC  5  N3 ? ? A DG  6   B DC  15  1_555 ? ? ? ? ? ? WATSON-CRICK ?     ? ? 
hydrog16 hydrog ? ? A DG  6  N2 ? ? ? 1_555 B DC  5  O2 ? ? A DG  6   B DC  15  1_555 ? ? ? ? ? ? WATSON-CRICK ?     ? ? 
hydrog17 hydrog ? ? A DG  6  O6 ? ? ? 1_555 B DC  5  N4 ? ? A DG  6   B DC  15  1_555 ? ? ? ? ? ? WATSON-CRICK ?     ? ? 
hydrog18 hydrog ? ? A DC  7  N3 ? ? ? 1_555 B DG  4  N1 ? ? A DC  7   B DG  14  1_555 ? ? ? ? ? ? WATSON-CRICK ?     ? ? 
hydrog19 hydrog ? ? A DC  7  N4 ? ? ? 1_555 B DG  4  O6 ? ? A DC  7   B DG  14  1_555 ? ? ? ? ? ? WATSON-CRICK ?     ? ? 
hydrog20 hydrog ? ? A DC  7  O2 ? ? ? 1_555 B DG  4  N2 ? ? A DC  7   B DG  14  1_555 ? ? ? ? ? ? WATSON-CRICK ?     ? ? 
hydrog21 hydrog ? ? A DC  8  N3 ? ? ? 1_555 B DG  3  N1 ? ? A DC  8   B DG  13  1_555 ? ? ? ? ? ? WATSON-CRICK ?     ? ? 
hydrog22 hydrog ? ? A DC  8  N4 ? ? ? 1_555 B DG  3  O6 ? ? A DC  8   B DG  13  1_555 ? ? ? ? ? ? WATSON-CRICK ?     ? ? 
hydrog23 hydrog ? ? A DC  8  O2 ? ? ? 1_555 B DG  3  N2 ? ? A DC  8   B DG  13  1_555 ? ? ? ? ? ? WATSON-CRICK ?     ? ? 
hydrog24 hydrog ? ? A DG  9  N1 ? ? ? 1_555 B DC  2  N3 ? ? A DG  9   B DC  12  1_555 ? ? ? ? ? ? WATSON-CRICK ?     ? ? 
hydrog25 hydrog ? ? A DG  9  N2 ? ? ? 1_555 B DC  2  O2 ? ? A DG  9   B DC  12  1_555 ? ? ? ? ? ? WATSON-CRICK ?     ? ? 
hydrog26 hydrog ? ? A DG  9  O6 ? ? ? 1_555 B DC  2  N4 ? ? A DG  9   B DC  12  1_555 ? ? ? ? ? ? WATSON-CRICK ?     ? ? 
hydrog27 hydrog ? ? A DA  10 N1 ? ? ? 1_555 B DT  1  N3 ? ? A DA  10  B DT  11  1_555 ? ? ? ? ? ? WATSON-CRICK ?     ? ? 
hydrog28 hydrog ? ? A DA  10 N6 ? ? ? 1_555 B DT  1  O4 ? ? A DA  10  B DT  11  1_555 ? ? ? ? ? ? WATSON-CRICK ?     ? ? 
hydrog29 hydrog ? ? B DC  7  N3 ? ? ? 1_555 C DG  4  N1 ? ? B DC  17  C DG  24  1_555 ? ? ? ? ? ? WATSON-CRICK ?     ? ? 
hydrog30 hydrog ? ? B DC  7  N4 ? ? ? 1_555 C DG  4  O6 ? ? B DC  17  C DG  24  1_555 ? ? ? ? ? ? WATSON-CRICK ?     ? ? 
hydrog31 hydrog ? ? B DC  7  O2 ? ? ? 1_555 C DG  4  N2 ? ? B DC  17  C DG  24  1_555 ? ? ? ? ? ? WATSON-CRICK ?     ? ? 
hydrog32 hydrog ? ? B DC  8  N3 ? ? ? 1_555 C DG  3  N1 ? ? B DC  18  C DG  23  1_555 ? ? ? ? ? ? WATSON-CRICK ?     ? ? 
hydrog33 hydrog ? ? B DC  8  N4 ? ? ? 1_555 C DG  3  O6 ? ? B DC  18  C DG  23  1_555 ? ? ? ? ? ? WATSON-CRICK ?     ? ? 
hydrog34 hydrog ? ? B DC  8  O2 ? ? ? 1_555 C DG  3  N2 ? ? B DC  18  C DG  23  1_555 ? ? ? ? ? ? WATSON-CRICK ?     ? ? 
hydrog35 hydrog ? ? B DG  9  N1 ? ? ? 1_555 C DC  2  N3 ? ? B DG  19  C DC  22  1_555 ? ? ? ? ? ? WATSON-CRICK ?     ? ? 
hydrog36 hydrog ? ? B DG  9  N2 ? ? ? 1_555 C DC  2  O2 ? ? B DG  19  C DC  22  1_555 ? ? ? ? ? ? WATSON-CRICK ?     ? ? 
hydrog37 hydrog ? ? B DG  9  O6 ? ? ? 1_555 C DC  2  N4 ? ? B DG  19  C DC  22  1_555 ? ? ? ? ? ? WATSON-CRICK ?     ? ? 
hydrog38 hydrog ? ? B DA  10 N1 ? ? ? 1_555 C DT  1  N3 ? ? B DA  20  C DT  21  1_555 ? ? ? ? ? ? WATSON-CRICK ?     ? ? 
hydrog39 hydrog ? ? B DA  10 N6 ? ? ? 1_555 C DT  1  O4 ? ? B DA  20  C DT  21  1_555 ? ? ? ? ? ? WATSON-CRICK ?     ? ? 
hydrog40 hydrog ? ? C DC  5  N3 ? ? ? 1_555 D DG  6  N1 ? ? C DC  25  D DG  36  1_555 ? ? ? ? ? ? WATSON-CRICK ?     ? ? 
hydrog41 hydrog ? ? C DC  5  N4 ? ? ? 1_555 D DG  6  O6 ? ? C DC  25  D DG  36  1_555 ? ? ? ? ? ? WATSON-CRICK ?     ? ? 
hydrog42 hydrog ? ? C DC  5  O2 ? ? ? 1_555 D DG  6  N2 ? ? C DC  25  D DG  36  1_555 ? ? ? ? ? ? WATSON-CRICK ?     ? ? 
hydrog43 hydrog ? ? C DG  6  N1 ? ? ? 1_555 D DC  5  N3 ? ? C DG  26  D DC  35  1_555 ? ? ? ? ? ? WATSON-CRICK ?     ? ? 
hydrog44 hydrog ? ? C DG  6  N2 ? ? ? 1_555 D DC  5  O2 ? ? C DG  26  D DC  35  1_555 ? ? ? ? ? ? WATSON-CRICK ?     ? ? 
hydrog45 hydrog ? ? C DG  6  O6 ? ? ? 1_555 D DC  5  N4 ? ? C DG  26  D DC  35  1_555 ? ? ? ? ? ? WATSON-CRICK ?     ? ? 
hydrog46 hydrog ? ? C DC  7  N3 ? ? ? 1_555 D DG  4  N1 ? ? C DC  27  D DG  34  1_555 ? ? ? ? ? ? WATSON-CRICK ?     ? ? 
hydrog47 hydrog ? ? C DC  7  N4 ? ? ? 1_555 D DG  4  O6 ? ? C DC  27  D DG  34  1_555 ? ? ? ? ? ? WATSON-CRICK ?     ? ? 
hydrog48 hydrog ? ? C DC  7  O2 ? ? ? 1_555 D DG  4  N2 ? ? C DC  27  D DG  34  1_555 ? ? ? ? ? ? WATSON-CRICK ?     ? ? 
hydrog49 hydrog ? ? C DC  8  N3 ? ? ? 1_555 D DG  3  N1 ? ? C DC  28  D DG  33  1_555 ? ? ? ? ? ? WATSON-CRICK ?     ? ? 
hydrog50 hydrog ? ? C DC  8  N4 ? ? ? 1_555 D DG  3  O6 ? ? C DC  28  D DG  33  1_555 ? ? ? ? ? ? WATSON-CRICK ?     ? ? 
hydrog51 hydrog ? ? C DC  8  O2 ? ? ? 1_555 D DG  3  N2 ? ? C DC  28  D DG  33  1_555 ? ? ? ? ? ? WATSON-CRICK ?     ? ? 
hydrog52 hydrog ? ? C DG  9  N1 ? ? ? 1_555 D DC  2  N3 ? ? C DG  29  D DC  32  1_555 ? ? ? ? ? ? WATSON-CRICK ?     ? ? 
hydrog53 hydrog ? ? C DG  9  N2 ? ? ? 1_555 D DC  2  O2 ? ? C DG  29  D DC  32  1_555 ? ? ? ? ? ? WATSON-CRICK ?     ? ? 
hydrog54 hydrog ? ? C DG  9  O6 ? ? ? 1_555 D DC  2  N4 ? ? C DG  29  D DC  32  1_555 ? ? ? ? ? ? WATSON-CRICK ?     ? ? 
hydrog55 hydrog ? ? C DA  10 N1 ? ? ? 1_555 D DT  1  N3 ? ? C DA  30  D DT  31  1_555 ? ? ? ? ? ? WATSON-CRICK ?     ? ? 
hydrog56 hydrog ? ? C DA  10 N6 ? ? ? 1_555 D DT  1  O4 ? ? C DA  30  D DT  31  1_555 ? ? ? ? ? ? WATSON-CRICK ?     ? ? 
# 
loop_
_struct_conn_type.id 
_struct_conn_type.criteria 
_struct_conn_type.reference 
metalc ? ? 
hydrog ? ? 
# 
loop_
_struct_site.id 
_struct_site.pdbx_evidence_code 
_struct_site.pdbx_auth_asym_id 
_struct_site.pdbx_auth_comp_id 
_struct_site.pdbx_auth_seq_id 
_struct_site.pdbx_auth_ins_code 
_struct_site.pdbx_num_residues 
_struct_site.details 
AC1 Software A CA 60  ? 6 'BINDING SITE FOR RESIDUE CA A 60'  
AC2 Software B NA 106 ? 5 'BINDING SITE FOR RESIDUE NA B 106' 
AC3 Software D NA 42  ? 5 'BINDING SITE FOR RESIDUE NA D 42'  
AC4 Software D CA 77  ? 3 'BINDING SITE FOR RESIDUE CA D 77'  
# 
loop_
_struct_site_gen.id 
_struct_site_gen.site_id 
_struct_site_gen.pdbx_num_res 
_struct_site_gen.label_comp_id 
_struct_site_gen.label_asym_id 
_struct_site_gen.label_seq_id 
_struct_site_gen.pdbx_auth_ins_code 
_struct_site_gen.auth_comp_id 
_struct_site_gen.auth_asym_id 
_struct_site_gen.auth_seq_id 
_struct_site_gen.label_atom_id 
_struct_site_gen.label_alt_id 
_struct_site_gen.symmetry 
_struct_site_gen.details 
1  AC1 6 HOH I . ? HOH A 59  . ? 1_555 ? 
2  AC1 6 HOH I . ? HOH A 61  . ? 1_555 ? 
3  AC1 6 HOH I . ? HOH A 62  . ? 1_555 ? 
4  AC1 6 HOH I . ? HOH A 63  . ? 1_555 ? 
5  AC1 6 HOH I . ? HOH A 64  . ? 1_555 ? 
6  AC1 6 HOH L . ? HOH D 58  . ? 1_555 ? 
7  AC2 5 HOH I . ? HOH A 182 . ? 1_555 ? 
8  AC2 5 HOH J . ? HOH B 105 . ? 1_555 ? 
9  AC2 5 HOH J . ? HOH B 107 . ? 1_555 ? 
10 AC2 5 HOH J . ? HOH B 108 . ? 1_555 ? 
11 AC2 5 HOH J . ? HOH B 181 . ? 1_555 ? 
12 AC3 5 HOH I . ? HOH A 126 . ? 1_555 ? 
13 AC3 5 DG  D 6 ? DG  D 36  . ? 1_555 ? 
14 AC3 5 HOH L . ? HOH D 41  . ? 1_555 ? 
15 AC3 5 HOH L . ? HOH D 125 . ? 1_555 ? 
16 AC3 5 HOH L . ? HOH D 165 . ? 1_555 ? 
17 AC4 3 HOH K . ? HOH C 77  . ? 1_555 ? 
18 AC4 3 HOH K . ? HOH C 78  . ? 1_555 ? 
19 AC4 3 HOH L . ? HOH D 76  . ? 1_555 ? 
# 
_atom_sites.entry_id                    3GNK 
_atom_sites.fract_transf_matrix[1][1]   -0.00462548 
_atom_sites.fract_transf_matrix[1][2]   0.01105276 
_atom_sites.fract_transf_matrix[1][3]   0.01090144 
_atom_sites.fract_transf_matrix[2][1]   0.00550724 
_atom_sites.fract_transf_matrix[2][2]   0.02995859 
_atom_sites.fract_transf_matrix[2][3]   -0.02803771 
_atom_sites.fract_transf_matrix[3][1]   -0.01424570 
_atom_sites.fract_transf_matrix[3][2]   0.00199334 
_atom_sites.fract_transf_matrix[3][3]   -0.00066827 
_atom_sites.fract_transf_vector[1]      -0.000368 
_atom_sites.fract_transf_vector[2]      -0.088350 
_atom_sites.fract_transf_vector[3]      0.247137 
# 
loop_
_atom_type.symbol 
C  
CA 
N  
NA 
O  
P  
# 
loop_
_atom_site.group_PDB 
_atom_site.id 
_atom_site.type_symbol 
_atom_site.label_atom_id 
_atom_site.label_alt_id 
_atom_site.label_comp_id 
_atom_site.label_asym_id 
_atom_site.label_entity_id 
_atom_site.label_seq_id 
_atom_site.pdbx_PDB_ins_code 
_atom_site.Cartn_x 
_atom_site.Cartn_y 
_atom_site.Cartn_z 
_atom_site.occupancy 
_atom_site.B_iso_or_equiv 
_atom_site.pdbx_formal_charge 
_atom_site.auth_seq_id 
_atom_site.auth_comp_id 
_atom_site.auth_asym_id 
_atom_site.auth_atom_id 
_atom_site.pdbx_PDB_model_num 
ATOM   1   O  "O5'" . DT  A 1 1  ? 1.463   -6.222  -9.420  1.00 12.71 ? 1   DT  A "O5'" 1 
ATOM   2   C  "C5'" . DT  A 1 1  ? 1.468   -7.425  -10.191 1.00 12.67 ? 1   DT  A "C5'" 1 
ATOM   3   C  "C4'" . DT  A 1 1  ? 2.847   -7.671  -10.780 1.00 12.61 ? 1   DT  A "C4'" 1 
ATOM   4   O  "O4'" . DT  A 1 1  ? 3.238   -6.524  -11.574 1.00 12.36 ? 1   DT  A "O4'" 1 
ATOM   5   C  "C3'" . DT  A 1 1  ? 3.972   -7.871  -9.759  1.00 13.08 ? 1   DT  A "C3'" 1 
ATOM   6   O  "O3'" . DT  A 1 1  ? 4.746   -9.006  -10.105 1.00 14.25 ? 1   DT  A "O3'" 1 
ATOM   7   C  "C2'" . DT  A 1 1  ? 4.820   -6.611  -9.880  1.00 12.47 ? 1   DT  A "C2'" 1 
ATOM   8   C  "C1'" . DT  A 1 1  ? 4.609   -6.279  -11.346 1.00 11.94 ? 1   DT  A "C1'" 1 
ATOM   9   N  N1    . DT  A 1 1  ? 4.969   -4.885  -11.732 1.00 12.15 ? 1   DT  A N1    1 
ATOM   10  C  C2    . DT  A 1 1  ? 6.299   -4.601  -11.996 1.00 11.99 ? 1   DT  A C2    1 
ATOM   11  O  O2    . DT  A 1 1  ? 7.198   -5.422  -11.924 1.00 11.84 ? 1   DT  A O2    1 
ATOM   12  N  N3    . DT  A 1 1  ? 6.545   -3.301  -12.359 1.00 11.80 ? 1   DT  A N3    1 
ATOM   13  C  C4    . DT  A 1 1  ? 5.621   -2.284  -12.483 1.00 12.13 ? 1   DT  A C4    1 
ATOM   14  O  O4    . DT  A 1 1  ? 5.971   -1.159  -12.816 1.00 13.02 ? 1   DT  A O4    1 
ATOM   15  C  C5    . DT  A 1 1  ? 4.244   -2.639  -12.192 1.00 12.06 ? 1   DT  A C5    1 
ATOM   16  C  C7    . DT  A 1 1  ? 3.157   -1.602  -12.250 1.00 11.77 ? 1   DT  A C7    1 
ATOM   17  C  C6    . DT  A 1 1  ? 3.984   -3.910  -11.838 1.00 11.87 ? 1   DT  A C6    1 
ATOM   18  P  P     . DC  A 1 2  ? 4.461   -10.430 -9.439  1.00 15.23 ? 2   DC  A P     1 
ATOM   19  O  OP1   . DC  A 1 2  ? 5.190   -11.416 -10.257 1.00 15.16 ? 2   DC  A OP1   1 
ATOM   20  O  OP2   . DC  A 1 2  ? 2.997   -10.570 -9.250  1.00 15.87 ? 2   DC  A OP2   1 
ATOM   21  O  "O5'" . DC  A 1 2  ? 5.104   -10.309 -7.973  1.00 15.63 ? 2   DC  A "O5'" 1 
ATOM   22  C  "C5'" . DC  A 1 2  ? 6.519   -10.152 -7.758  1.00 15.47 ? 2   DC  A "C5'" 1 
ATOM   23  C  "C4'" . DC  A 1 2  ? 6.836   -9.173  -6.633  1.00 14.65 ? 2   DC  A "C4'" 1 
ATOM   24  O  "O4'" . DC  A 1 2  ? 6.616   -7.819  -7.097  1.00 14.13 ? 2   DC  A "O4'" 1 
ATOM   25  C  "C3'" . DC  A 1 2  ? 6.020   -9.289  -5.341  1.00 15.21 ? 2   DC  A "C3'" 1 
ATOM   26  O  "O3'" . DC  A 1 2  ? 6.914   -9.356  -4.232  1.00 16.64 ? 2   DC  A "O3'" 1 
ATOM   27  C  "C2'" . DC  A 1 2  ? 5.194   -8.005  -5.293  1.00 14.73 ? 2   DC  A "C2'" 1 
ATOM   28  C  "C1'" . DC  A 1 2  ? 6.143   -7.049  -6.013  1.00 13.54 ? 2   DC  A "C1'" 1 
ATOM   29  N  N1    . DC  A 1 2  ? 5.574   -5.802  -6.617  1.00 13.18 ? 2   DC  A N1    1 
ATOM   30  C  C2    . DC  A 1 2  ? 6.459   -4.886  -7.216  1.00 12.64 ? 2   DC  A C2    1 
ATOM   31  O  O2    . DC  A 1 2  ? 7.676   -5.119  -7.217  1.00 12.32 ? 2   DC  A O2    1 
ATOM   32  N  N3    . DC  A 1 2  ? 5.956   -3.760  -7.787  1.00 12.20 ? 2   DC  A N3    1 
ATOM   33  C  C4    . DC  A 1 2  ? 4.640   -3.536  -7.778  1.00 12.00 ? 2   DC  A C4    1 
ATOM   34  N  N4    . DC  A 1 2  ? 4.197   -2.417  -8.351  1.00 11.84 ? 2   DC  A N4    1 
ATOM   35  C  C5    . DC  A 1 2  ? 3.722   -4.452  -7.175  1.00 12.94 ? 2   DC  A C5    1 
ATOM   36  C  C6    . DC  A 1 2  ? 4.224   -5.562  -6.612  1.00 13.17 ? 2   DC  A C6    1 
ATOM   37  P  P     . DG  A 1 3  ? 7.336   -10.775 -3.627  1.00 17.80 ? 3   DG  A P     1 
ATOM   38  O  OP1   . DG  A 1 3  ? 7.671   -11.696 -4.737  1.00 17.98 ? 3   DG  A OP1   1 
ATOM   39  O  OP2   . DG  A 1 3  ? 6.288   -11.127 -2.638  1.00 17.59 ? 3   DG  A OP2   1 
ATOM   40  O  "O5'" . DG  A 1 3  ? 8.701   -10.469 -2.849  1.00 17.72 ? 3   DG  A "O5'" 1 
ATOM   41  C  "C5'" . DG  A 1 3  ? 9.844   -9.999  -3.563  1.00 17.15 ? 3   DG  A "C5'" 1 
ATOM   42  C  "C4'" . DG  A 1 3  ? 10.381  -8.731  -2.911  1.00 16.76 ? 3   DG  A "C4'" 1 
ATOM   43  O  "O4'" . DG  A 1 3  ? 9.571   -7.582  -3.273  1.00 15.38 ? 3   DG  A "O4'" 1 
ATOM   44  C  "C3'" . DG  A 1 3  ? 10.416  -8.755  -1.390  1.00 16.45 ? 3   DG  A "C3'" 1 
ATOM   45  O  "O3'" . DG  A 1 3  ? 11.611  -8.143  -0.964  1.00 17.00 ? 3   DG  A "O3'" 1 
ATOM   46  C  "C2'" . DG  A 1 3  ? 9.187   -7.942  -0.988  1.00 15.57 ? 3   DG  A "C2'" 1 
ATOM   47  C  "C1'" . DG  A 1 3  ? 9.171   -6.901  -2.102  1.00 13.58 ? 3   DG  A "C1'" 1 
ATOM   48  N  N9    . DG  A 1 3  ? 7.877   -6.269  -2.365  1.00 12.86 ? 3   DG  A N9    1 
ATOM   49  C  C8    . DG  A 1 3  ? 6.626   -6.664  -1.942  1.00 12.28 ? 3   DG  A C8    1 
ATOM   50  N  N7    . DG  A 1 3  ? 5.668   -5.874  -2.362  1.00 12.86 ? 3   DG  A N7    1 
ATOM   51  C  C5    . DG  A 1 3  ? 6.328   -4.898  -3.108  1.00 12.10 ? 3   DG  A C5    1 
ATOM   52  C  C6    . DG  A 1 3  ? 5.826   -3.774  -3.811  1.00 12.82 ? 3   DG  A C6    1 
ATOM   53  O  O6    . DG  A 1 3  ? 4.643   -3.403  -3.919  1.00 12.80 ? 3   DG  A O6    1 
ATOM   54  N  N1    . DG  A 1 3  ? 6.848   -3.050  -4.440  1.00 12.44 ? 3   DG  A N1    1 
ATOM   55  C  C2    . DG  A 1 3  ? 8.189   -3.372  -4.385  1.00 12.02 ? 3   DG  A C2    1 
ATOM   56  N  N2    . DG  A 1 3  ? 9.041   -2.575  -5.040  1.00 12.32 ? 3   DG  A N2    1 
ATOM   57  N  N3    . DG  A 1 3  ? 8.665   -4.418  -3.729  1.00 11.93 ? 3   DG  A N3    1 
ATOM   58  C  C4    . DG  A 1 3  ? 7.686   -5.133  -3.117  1.00 11.78 ? 3   DG  A C4    1 
ATOM   59  P  P     . DG  A 1 4  ? 12.901  -9.019  -0.585  1.00 17.66 ? 4   DG  A P     1 
ATOM   60  O  OP1   . DG  A 1 4  ? 13.169  -10.008 -1.657  1.00 17.36 ? 4   DG  A OP1   1 
ATOM   61  O  OP2   . DG  A 1 4  ? 12.714  -9.468  0.810   1.00 17.32 ? 4   DG  A OP2   1 
ATOM   62  O  "O5'" . DG  A 1 4  ? 14.041  -7.904  -0.630  1.00 16.42 ? 4   DG  A "O5'" 1 
ATOM   63  C  "C5'" . DG  A 1 4  ? 14.445  -7.331  -1.874  1.00 15.28 ? 4   DG  A "C5'" 1 
ATOM   64  C  "C4'" . DG  A 1 4  ? 14.633  -5.823  -1.771  1.00 15.42 ? 4   DG  A "C4'" 1 
ATOM   65  O  "O4'" . DG  A 1 4  ? 13.339  -5.161  -1.748  1.00 15.27 ? 4   DG  A "O4'" 1 
ATOM   66  C  "C3'" . DG  A 1 4  ? 15.391  -5.290  -0.555  1.00 15.50 ? 4   DG  A "C3'" 1 
ATOM   67  O  "O3'" . DG  A 1 4  ? 16.240  -4.238  -1.011  1.00 15.43 ? 4   DG  A "O3'" 1 
ATOM   68  C  "C2'" . DG  A 1 4  ? 14.274  -4.807  0.377   1.00 15.48 ? 4   DG  A "C2'" 1 
ATOM   69  C  "C1'" . DG  A 1 4  ? 13.229  -4.313  -0.620  1.00 14.79 ? 4   DG  A "C1'" 1 
ATOM   70  N  N9    . DG  A 1 4  ? 11.840  -4.454  -0.201  1.00 14.57 ? 4   DG  A N9    1 
ATOM   71  C  C8    . DG  A 1 4  ? 11.307  -5.459  0.573   1.00 14.19 ? 4   DG  A C8    1 
ATOM   72  N  N7    . DG  A 1 4  ? 10.028  -5.340  0.770   1.00 14.42 ? 4   DG  A N7    1 
ATOM   73  C  C5    . DG  A 1 4  ? 9.682   -4.189  0.071   1.00 15.06 ? 4   DG  A C5    1 
ATOM   74  C  C6    . DG  A 1 4  ? 8.422   -3.564  -0.088  1.00 14.41 ? 4   DG  A C6    1 
ATOM   75  O  O6    . DG  A 1 4  ? 7.339   -3.930  0.380   1.00 14.94 ? 4   DG  A O6    1 
ATOM   76  N  N1    . DG  A 1 4  ? 8.496   -2.408  -0.869  1.00 14.21 ? 4   DG  A N1    1 
ATOM   77  C  C2    . DG  A 1 4  ? 9.657   -1.926  -1.436  1.00 14.65 ? 4   DG  A C2    1 
ATOM   78  N  N2    . DG  A 1 4  ? 9.559   -0.807  -2.167  1.00 14.28 ? 4   DG  A N2    1 
ATOM   79  N  N3    . DG  A 1 4  ? 10.842  -2.513  -1.298  1.00 14.12 ? 4   DG  A N3    1 
ATOM   80  C  C4    . DG  A 1 4  ? 10.786  -3.633  -0.538  1.00 14.24 ? 4   DG  A C4    1 
ATOM   81  P  P     . DC  A 1 5  ? 17.217  -3.384  -0.063  1.00 16.31 ? 5   DC  A P     1 
ATOM   82  O  OP1   . DC  A 1 5  ? 18.401  -3.028  -0.882  1.00 15.79 ? 5   DC  A OP1   1 
ATOM   83  O  OP2   . DC  A 1 5  ? 17.385  -4.074  1.238   1.00 15.67 ? 5   DC  A OP2   1 
ATOM   84  O  "O5'" . DC  A 1 5  ? 16.352  -2.050  0.150   1.00 16.23 ? 5   DC  A "O5'" 1 
ATOM   85  C  "C5'" . DC  A 1 5  ? 16.124  -1.176  -0.965  1.00 16.02 ? 5   DC  A "C5'" 1 
ATOM   86  C  "C4'" . DC  A 1 5  ? 15.209  -0.025  -0.594  1.00 16.44 ? 5   DC  A "C4'" 1 
ATOM   87  O  "O4'" . DC  A 1 5  ? 13.908  -0.551  -0.251  1.00 16.85 ? 5   DC  A "O4'" 1 
ATOM   88  C  "C3'" . DC  A 1 5  ? 15.662  0.812   0.598   1.00 16.81 ? 5   DC  A "C3'" 1 
ATOM   89  O  "O3'" . DC  A 1 5  ? 16.016  2.097   0.103   1.00 17.83 ? 5   DC  A "O3'" 1 
ATOM   90  C  "C2'" . DC  A 1 5  ? 14.452  0.851   1.536   1.00 16.54 ? 5   DC  A "C2'" 1 
ATOM   91  C  "C1'" . DC  A 1 5  ? 13.303  0.318   0.682   1.00 16.13 ? 5   DC  A "C1'" 1 
ATOM   92  N  N1    . DC  A 1 5  ? 12.229  -0.495  1.371   1.00 15.91 ? 5   DC  A N1    1 
ATOM   93  C  C2    . DC  A 1 5  ? 10.877  -0.088  1.305   1.00 15.61 ? 5   DC  A C2    1 
ATOM   94  O  O2    . DC  A 1 5  ? 10.564  0.950   0.707   1.00 15.18 ? 5   DC  A O2    1 
ATOM   95  N  N3    . DC  A 1 5  ? 9.931   -0.849  1.922   1.00 15.84 ? 5   DC  A N3    1 
ATOM   96  C  C4    . DC  A 1 5  ? 10.289  -1.970  2.566   1.00 15.74 ? 5   DC  A C4    1 
ATOM   97  N  N4    . DC  A 1 5  ? 9.327   -2.685  3.152   1.00 15.60 ? 5   DC  A N4    1 
ATOM   98  C  C5    . DC  A 1 5  ? 11.652  -2.405  2.638   1.00 15.56 ? 5   DC  A C5    1 
ATOM   99  C  C6    . DC  A 1 5  ? 12.575  -1.648  2.029   1.00 14.71 ? 5   DC  A C6    1 
ATOM   100 P  P     . DG  A 1 6  ? 17.008  3.099   0.860   1.00 19.39 ? 6   DG  A P     1 
ATOM   101 O  OP1   . DG  A 1 6  ? 17.715  3.892   -0.173  1.00 18.48 ? 6   DG  A OP1   1 
ATOM   102 O  OP2   . DG  A 1 6  ? 17.762  2.355   1.891   1.00 18.64 ? 6   DG  A OP2   1 
ATOM   103 O  "O5'" . DG  A 1 6  ? 16.007  4.080   1.632   1.00 18.91 ? 6   DG  A "O5'" 1 
ATOM   104 C  "C5'" . DG  A 1 6  ? 15.061  4.910   0.946   1.00 18.05 ? 6   DG  A "C5'" 1 
ATOM   105 C  "C4'" . DG  A 1 6  ? 13.992  5.405   1.914   1.00 17.40 ? 6   DG  A "C4'" 1 
ATOM   106 O  "O4'" . DG  A 1 6  ? 13.134  4.298   2.292   1.00 17.52 ? 6   DG  A "O4'" 1 
ATOM   107 C  "C3'" . DG  A 1 6  ? 14.501  5.998   3.229   1.00 17.47 ? 6   DG  A "C3'" 1 
ATOM   108 O  "O3'" . DG  A 1 6  ? 13.657  7.057   3.676   1.00 18.26 ? 6   DG  A "O3'" 1 
ATOM   109 C  "C2'" . DG  A 1 6  ? 14.382  4.819   4.187   1.00 17.21 ? 6   DG  A "C2'" 1 
ATOM   110 C  "C1'" . DG  A 1 6  ? 13.050  4.263   3.700   1.00 16.44 ? 6   DG  A "C1'" 1 
ATOM   111 N  N9    . DG  A 1 6  ? 12.703  2.922   4.173   1.00 15.94 ? 6   DG  A N9    1 
ATOM   112 C  C8    . DG  A 1 6  ? 13.552  1.915   4.563   1.00 15.80 ? 6   DG  A C8    1 
ATOM   113 N  N7    . DG  A 1 6  ? 12.938  0.830   4.944   1.00 15.77 ? 6   DG  A N7    1 
ATOM   114 C  C5    . DG  A 1 6  ? 11.589  1.142   4.808   1.00 16.43 ? 6   DG  A C5    1 
ATOM   115 C  C6    . DG  A 1 6  ? 10.438  0.361   5.073   1.00 16.21 ? 6   DG  A C6    1 
ATOM   116 O  O6    . DG  A 1 6  ? 10.387  -0.804  5.497   1.00 16.33 ? 6   DG  A O6    1 
ATOM   117 N  N1    . DG  A 1 6  ? 9.260   1.055   4.807   1.00 15.83 ? 6   DG  A N1    1 
ATOM   118 C  C2    . DG  A 1 6  ? 9.199   2.345   4.336   1.00 16.22 ? 6   DG  A C2    1 
ATOM   119 N  N2    . DG  A 1 6  ? 7.975   2.855   4.129   1.00 16.24 ? 6   DG  A N2    1 
ATOM   120 N  N3    . DG  A 1 6  ? 10.270  3.088   4.082   1.00 16.56 ? 6   DG  A N3    1 
ATOM   121 C  C4    . DG  A 1 6  ? 11.429  2.427   4.339   1.00 16.03 ? 6   DG  A C4    1 
ATOM   122 P  P     . DC  A 1 7  ? 13.924  8.597   3.335   1.00 19.08 ? 7   DC  A P     1 
ATOM   123 O  OP1   . DC  A 1 7  ? 14.500  8.691   1.975   1.00 17.83 ? 7   DC  A OP1   1 
ATOM   124 O  OP2   . DC  A 1 7  ? 14.637  9.208   4.481   1.00 18.02 ? 7   DC  A OP2   1 
ATOM   125 O  "O5'" . DC  A 1 7  ? 12.433  9.189   3.319   1.00 19.02 ? 7   DC  A "O5'" 1 
ATOM   126 C  "C5'" . DC  A 1 7  ? 11.413  8.568   2.533   1.00 19.54 ? 7   DC  A "C5'" 1 
ATOM   127 C  "C4'" . DC  A 1 7  ? 10.025  8.635   3.172   1.00 19.35 ? 7   DC  A "C4'" 1 
ATOM   128 O  "O4'" . DC  A 1 7  ? 9.710   7.404   3.874   1.00 18.49 ? 7   DC  A "O4'" 1 
ATOM   129 C  "C3'" . DC  A 1 7  ? 9.771   9.751   4.183   1.00 19.65 ? 7   DC  A "C3'" 1 
ATOM   130 O  "O3'" . DC  A 1 7  ? 8.446   10.253  3.985   1.00 19.82 ? 7   DC  A "O3'" 1 
ATOM   131 C  "C2'" . DC  A 1 7  ? 9.936   9.065   5.539   1.00 18.41 ? 7   DC  A "C2'" 1 
ATOM   132 C  "C1'" . DC  A 1 7  ? 9.455   7.647   5.250   1.00 17.92 ? 7   DC  A "C1'" 1 
ATOM   133 N  N1    . DC  A 1 7  ? 10.131  6.524   5.993   1.00 17.09 ? 7   DC  A N1    1 
ATOM   134 C  C2    . DC  A 1 7  ? 9.362   5.475   6.536   1.00 16.83 ? 7   DC  A C2    1 
ATOM   135 O  O2    . DC  A 1 7  ? 8.128   5.491   6.434   1.00 16.13 ? 7   DC  A O2    1 
ATOM   136 N  N3    . DC  A 1 7  ? 9.994   4.457   7.177   1.00 16.31 ? 7   DC  A N3    1 
ATOM   137 C  C4    . DC  A 1 7  ? 11.327  4.452   7.277   1.00 16.78 ? 7   DC  A C4    1 
ATOM   138 N  N4    . DC  A 1 7  ? 11.904  3.429   7.919   1.00 16.83 ? 7   DC  A N4    1 
ATOM   139 C  C5    . DC  A 1 7  ? 12.126  5.500   6.731   1.00 16.71 ? 7   DC  A C5    1 
ATOM   140 C  C6    . DC  A 1 7  ? 11.495  6.500   6.096   1.00 17.10 ? 7   DC  A C6    1 
ATOM   141 P  P     . DC  A 1 8  ? 8.017   11.685  4.551   1.00 19.76 ? 8   DC  A P     1 
ATOM   142 O  OP1   . DC  A 1 8  ? 6.911   12.167  3.688   1.00 20.41 ? 8   DC  A OP1   1 
ATOM   143 O  OP2   . DC  A 1 8  ? 9.223   12.518  4.758   1.00 19.59 ? 8   DC  A OP2   1 
ATOM   144 O  "O5'" . DC  A 1 8  ? 7.443   11.334  5.999   1.00 18.63 ? 8   DC  A "O5'" 1 
ATOM   145 C  "C5'" . DC  A 1 8  ? 6.403   10.377  6.189   1.00 17.43 ? 8   DC  A "C5'" 1 
ATOM   146 C  "C4'" . DC  A 1 8  ? 6.210   10.113  7.676   1.00 16.31 ? 8   DC  A "C4'" 1 
ATOM   147 O  "O4'" . DC  A 1 8  ? 7.136   9.084   8.101   1.00 15.77 ? 8   DC  A "O4'" 1 
ATOM   148 C  "C3'" . DC  A 1 8  ? 6.454   11.308  8.600   1.00 15.61 ? 8   DC  A "C3'" 1 
ATOM   149 O  "O3'" . DC  A 1 8  ? 5.438   11.335  9.583   1.00 15.98 ? 8   DC  A "O3'" 1 
ATOM   150 C  "C2'" . DC  A 1 8  ? 7.808   11.009  9.242   1.00 15.74 ? 8   DC  A "C2'" 1 
ATOM   151 C  "C1'" . DC  A 1 8  ? 7.750   9.482   9.308   1.00 14.46 ? 8   DC  A "C1'" 1 
ATOM   152 N  N1    . DC  A 1 8  ? 9.066   8.756   9.455   1.00 13.53 ? 8   DC  A N1    1 
ATOM   153 C  C2    . DC  A 1 8  ? 9.075   7.467   10.010  1.00 13.02 ? 8   DC  A C2    1 
ATOM   154 O  O2    . DC  A 1 8  ? 8.004   6.945   10.363  1.00 11.80 ? 8   DC  A O2    1 
ATOM   155 N  N3    . DC  A 1 8  ? 10.268  6.822   10.139  1.00 12.76 ? 8   DC  A N3    1 
ATOM   156 C  C4    . DC  A 1 8  ? 11.404  7.416   9.748   1.00 13.14 ? 8   DC  A C4    1 
ATOM   157 N  N4    . DC  A 1 8  ? 12.550  6.747   9.894   1.00 12.83 ? 8   DC  A N4    1 
ATOM   158 C  C5    . DC  A 1 8  ? 11.414  8.727   9.179   1.00 13.51 ? 8   DC  A C5    1 
ATOM   159 C  C6    . DC  A 1 8  ? 10.234  9.348   9.056   1.00 13.64 ? 8   DC  A C6    1 
ATOM   160 P  P     . DG  A 1 9  ? 4.198   12.353  9.534   1.00 15.35 ? 9   DG  A P     1 
ATOM   161 O  OP1   . DG  A 1 9  ? 3.575   12.322  8.196   1.00 14.28 ? 9   DG  A OP1   1 
ATOM   162 O  OP2   . DG  A 1 9  ? 4.646   13.625  10.147  1.00 14.62 ? 9   DG  A OP2   1 
ATOM   163 O  "O5'" . DG  A 1 9  ? 3.194   11.635  10.553  1.00 13.81 ? 9   DG  A "O5'" 1 
ATOM   164 C  "C5'" . DG  A 1 9  ? 2.683   10.334  10.266  1.00 12.99 ? 9   DG  A "C5'" 1 
ATOM   165 C  "C4'" . DG  A 1 9  ? 2.453   9.547   11.552  1.00 12.50 ? 9   DG  A "C4'" 1 
ATOM   166 O  "O4'" . DG  A 1 9  ? 3.689   8.964   12.061  1.00 11.64 ? 9   DG  A "O4'" 1 
ATOM   167 C  "C3'" . DG  A 1 9  ? 1.879   10.324  12.730  1.00 11.50 ? 9   DG  A "C3'" 1 
ATOM   168 O  "O3'" . DG  A 1 9  ? 1.115   9.392   13.475  1.00 13.19 ? 9   DG  A "O3'" 1 
ATOM   169 C  "C2'" . DG  A 1 9  ? 3.128   10.769  13.486  1.00 11.38 ? 9   DG  A "C2'" 1 
ATOM   170 C  "C1'" . DG  A 1 9  ? 4.060   9.570   13.291  1.00 9.90  ? 9   DG  A "C1'" 1 
ATOM   171 N  N9    . DG  A 1 9  ? 5.477   9.866   13.129  1.00 9.86  ? 9   DG  A N9    1 
ATOM   172 C  C8    . DG  A 1 9  ? 6.051   11.043  12.708  1.00 9.48  ? 9   DG  A C8    1 
ATOM   173 N  N7    . DG  A 1 9  ? 7.349   10.982  12.641  1.00 9.93  ? 9   DG  A N7    1 
ATOM   174 C  C5    . DG  A 1 9  ? 7.660   9.685   13.028  1.00 9.33  ? 9   DG  A C5    1 
ATOM   175 C  C6    . DG  A 1 9  ? 8.920   9.034   13.142  1.00 9.57  ? 9   DG  A C6    1 
ATOM   176 O  O6    . DG  A 1 9  ? 10.040  9.513   12.909  1.00 9.47  ? 9   DG  A O6    1 
ATOM   177 N  N1    . DG  A 1 9  ? 8.799   7.705   13.570  1.00 8.82  ? 9   DG  A N1    1 
ATOM   178 C  C2    . DG  A 1 9  ? 7.602   7.083   13.850  1.00 9.10  ? 9   DG  A C2    1 
ATOM   179 N  N2    . DG  A 1 9  ? 7.664   5.803   14.253  1.00 9.16  ? 9   DG  A N2    1 
ATOM   180 N  N3    . DG  A 1 9  ? 6.418   7.686   13.744  1.00 8.95  ? 9   DG  A N3    1 
ATOM   181 C  C4    . DG  A 1 9  ? 6.520   8.981   13.331  1.00 9.60  ? 9   DG  A C4    1 
ATOM   182 P  P     . DA  A 1 10 ? -0.019  9.812   14.514  1.00 13.25 ? 10  DA  A P     1 
ATOM   183 O  OP1   . DA  A 1 10 ? -1.326  9.576   13.865  1.00 13.97 ? 10  DA  A OP1   1 
ATOM   184 O  OP2   . DA  A 1 10 ? 0.308   11.118  15.121  1.00 12.00 ? 10  DA  A OP2   1 
ATOM   185 O  "O5'" . DA  A 1 10 ? 0.165   8.710   15.658  1.00 11.96 ? 10  DA  A "O5'" 1 
ATOM   186 C  "C5'" . DA  A 1 10 ? 0.308   7.327   15.369  1.00 10.50 ? 10  DA  A "C5'" 1 
ATOM   187 C  "C4'" . DA  A 1 10 ? 0.988   6.631   16.544  1.00 10.23 ? 10  DA  A "C4'" 1 
ATOM   188 O  "O4'" . DA  A 1 10 ? 2.398   6.978   16.557  1.00 9.51  ? 10  DA  A "O4'" 1 
ATOM   189 C  "C3'" . DA  A 1 10 ? 0.465   6.987   17.936  1.00 9.90  ? 10  DA  A "C3'" 1 
ATOM   190 O  "O3'" . DA  A 1 10 ? 0.554   5.858   18.800  1.00 11.79 ? 10  DA  A "O3'" 1 
ATOM   191 C  "C2'" . DA  A 1 10 ? 1.403   8.105   18.391  1.00 10.04 ? 10  DA  A "C2'" 1 
ATOM   192 C  "C1'" . DA  A 1 10 ? 2.722   7.687   17.739  1.00 8.89  ? 10  DA  A "C1'" 1 
ATOM   193 N  N9    . DA  A 1 10 ? 3.630   8.760   17.344  1.00 9.33  ? 10  DA  A N9    1 
ATOM   194 C  C8    . DA  A 1 10 ? 3.323   10.049  16.998  1.00 9.28  ? 10  DA  A C8    1 
ATOM   195 N  N7    . DA  A 1 10 ? 4.369   10.771  16.670  1.00 9.82  ? 10  DA  A N7    1 
ATOM   196 C  C5    . DA  A 1 10 ? 5.439   9.899   16.812  1.00 9.24  ? 10  DA  A C5    1 
ATOM   197 C  C6    . DA  A 1 10 ? 6.831   10.051  16.624  1.00 8.75  ? 10  DA  A C6    1 
ATOM   198 N  N6    . DA  A 1 10 ? 7.397   11.197  16.230  1.00 8.34  ? 10  DA  A N6    1 
ATOM   199 N  N1    . DA  A 1 10 ? 7.622   8.978   16.857  1.00 8.02  ? 10  DA  A N1    1 
ATOM   200 C  C2    . DA  A 1 10 ? 7.062   7.825   17.245  1.00 8.59  ? 10  DA  A C2    1 
ATOM   201 N  N3    . DA  A 1 10 ? 5.771   7.565   17.459  1.00 9.17  ? 10  DA  A N3    1 
ATOM   202 C  C4    . DA  A 1 10 ? 5.003   8.651   17.224  1.00 9.41  ? 10  DA  A C4    1 
ATOM   203 O  "O5'" . DT  B 1 1  ? 16.383  7.029   16.023  1.00 13.61 ? 11  DT  B "O5'" 1 
ATOM   204 C  "C5'" . DT  B 1 1  ? 16.623  6.800   17.409  1.00 14.20 ? 11  DT  B "C5'" 1 
ATOM   205 C  "C4'" . DT  B 1 1  ? 15.341  6.444   18.152  1.00 14.44 ? 11  DT  B "C4'" 1 
ATOM   206 O  "O4'" . DT  B 1 1  ? 14.405  7.544   18.063  1.00 14.32 ? 11  DT  B "O4'" 1 
ATOM   207 C  "C3'" . DT  B 1 1  ? 14.593  5.211   17.645  1.00 15.10 ? 11  DT  B "C3'" 1 
ATOM   208 O  "O3'" . DT  B 1 1  ? 14.295  4.366   18.757  1.00 15.89 ? 11  DT  B "O3'" 1 
ATOM   209 C  "C2'" . DT  B 1 1  ? 13.333  5.778   16.985  1.00 14.47 ? 11  DT  B "C2'" 1 
ATOM   210 C  "C1'" . DT  B 1 1  ? 13.111  7.051   17.783  1.00 14.56 ? 11  DT  B "C1'" 1 
ATOM   211 N  N1    . DT  B 1 1  ? 12.295  8.127   17.120  1.00 14.14 ? 11  DT  B N1    1 
ATOM   212 C  C2    . DT  B 1 1  ? 10.911  8.071   17.183  1.00 14.71 ? 11  DT  B C2    1 
ATOM   213 O  O2    . DT  B 1 1  ? 10.283  7.179   17.735  1.00 15.00 ? 11  DT  B O2    1 
ATOM   214 N  N3    . DT  B 1 1  ? 10.268  9.114   16.560  1.00 14.25 ? 11  DT  B N3    1 
ATOM   215 C  C4    . DT  B 1 1  ? 10.847  10.185  15.894  1.00 14.33 ? 11  DT  B C4    1 
ATOM   216 O  O4    . DT  B 1 1  ? 10.157  11.062  15.370  1.00 14.74 ? 11  DT  B O4    1 
ATOM   217 C  C5    . DT  B 1 1  ? 12.297  10.184  15.860  1.00 14.04 ? 11  DT  B C5    1 
ATOM   218 C  C7    . DT  B 1 1  ? 13.056  11.207  15.060  1.00 12.95 ? 11  DT  B C7    1 
ATOM   219 C  C6    . DT  B 1 1  ? 12.937  9.172   16.473  1.00 14.43 ? 11  DT  B C6    1 
ATOM   220 P  P     . DC  B 1 2  ? 14.958  2.912   18.887  1.00 16.74 ? 12  DC  B P     1 
ATOM   221 O  OP1   . DC  B 1 2  ? 14.666  2.406   20.242  1.00 16.69 ? 12  DC  B OP1   1 
ATOM   222 O  OP2   . DC  B 1 2  ? 16.360  2.983   18.411  1.00 16.65 ? 12  DC  B OP2   1 
ATOM   223 O  "O5'" . DC  B 1 2  ? 14.148  2.049   17.811  1.00 15.94 ? 12  DC  B "O5'" 1 
ATOM   224 C  "C5'" . DC  B 1 2  ? 12.771  1.698   17.992  1.00 16.54 ? 12  DC  B "C5'" 1 
ATOM   225 C  "C4'" . DC  B 1 2  ? 12.070  1.482   16.655  1.00 16.23 ? 12  DC  B "C4'" 1 
ATOM   226 O  "O4'" . DC  B 1 2  ? 11.757  2.762   16.047  1.00 16.17 ? 12  DC  B "O4'" 1 
ATOM   227 C  "C3'" . DC  B 1 2  ? 12.871  0.719   15.601  1.00 16.99 ? 12  DC  B "C3'" 1 
ATOM   228 O  "O3'" . DC  B 1 2  ? 12.040  -0.275  14.992  1.00 18.93 ? 12  DC  B "O3'" 1 
ATOM   229 C  "C2'" . DC  B 1 2  ? 13.300  1.802   14.612  1.00 16.29 ? 12  DC  B "C2'" 1 
ATOM   230 C  "C1'" . DC  B 1 2  ? 12.079  2.715   14.671  1.00 14.88 ? 12  DC  B "C1'" 1 
ATOM   231 N  N1    . DC  B 1 2  ? 12.240  4.139   14.196  1.00 14.30 ? 12  DC  B N1    1 
ATOM   232 C  C2    . DC  B 1 2  ? 11.100  4.968   14.126  1.00 13.17 ? 12  DC  B C2    1 
ATOM   233 O  O2    . DC  B 1 2  ? 9.989   4.524   14.441  1.00 12.83 ? 12  DC  B O2    1 
ATOM   234 N  N3    . DC  B 1 2  ? 11.244  6.253   13.709  1.00 13.21 ? 12  DC  B N3    1 
ATOM   235 C  C4    . DC  B 1 2  ? 12.446  6.725   13.374  1.00 12.93 ? 12  DC  B C4    1 
ATOM   236 N  N4    . DC  B 1 2  ? 12.517  8.000   12.974  1.00 13.66 ? 12  DC  B N4    1 
ATOM   237 C  C5    . DC  B 1 2  ? 13.617  5.908   13.438  1.00 13.09 ? 12  DC  B C5    1 
ATOM   238 C  C6    . DC  B 1 2  ? 13.469  4.638   13.847  1.00 13.37 ? 12  DC  B C6    1 
ATOM   239 P  P     . DG  B 1 3  ? 12.059  -1.791  15.530  1.00 19.91 ? 13  DG  B P     1 
ATOM   240 O  OP1   . DG  B 1 3  ? 12.042  -1.778  17.009  1.00 20.28 ? 13  DG  B OP1   1 
ATOM   241 O  OP2   . DG  B 1 3  ? 13.132  -2.484  14.799  1.00 20.11 ? 13  DG  B OP2   1 
ATOM   242 O  "O5'" . DG  B 1 3  ? 10.668  -2.398  15.030  1.00 20.01 ? 13  DG  B "O5'" 1 
ATOM   243 C  "C5'" . DG  B 1 3  ? 9.425   -1.922  15.535  1.00 20.21 ? 13  DG  B "C5'" 1 
ATOM   244 C  "C4'" . DG  B 1 3  ? 8.464   -1.627  14.392  1.00 20.14 ? 13  DG  B "C4'" 1 
ATOM   245 O  "O4'" . DG  B 1 3  ? 8.829   -0.366  13.779  1.00 19.04 ? 13  DG  B "O4'" 1 
ATOM   246 C  "C3'" . DG  B 1 3  ? 8.440   -2.645  13.250  1.00 20.66 ? 13  DG  B "C3'" 1 
ATOM   247 O  "O3'" . DG  B 1 3  ? 7.143   -2.707  12.705  1.00 22.46 ? 13  DG  B "O3'" 1 
ATOM   248 C  "C2'" . DG  B 1 3  ? 9.404   -2.054  12.228  1.00 19.56 ? 13  DG  B "C2'" 1 
ATOM   249 C  "C1'" . DG  B 1 3  ? 9.069   -0.575  12.402  1.00 17.19 ? 13  DG  B "C1'" 1 
ATOM   250 N  N9    . DG  B 1 3  ? 10.109  0.357   11.992  1.00 16.42 ? 13  DG  B N9    1 
ATOM   251 C  C8    . DG  B 1 3  ? 11.458  0.138   11.857  1.00 16.02 ? 13  DG  B C8    1 
ATOM   252 N  N7    . DG  B 1 3  ? 12.113  1.196   11.474  1.00 16.04 ? 13  DG  B N7    1 
ATOM   253 C  C5    . DG  B 1 3  ? 11.132  2.175   11.344  1.00 16.00 ? 13  DG  B C5    1 
ATOM   254 C  C6    . DG  B 1 3  ? 11.227  3.532   10.963  1.00 15.77 ? 13  DG  B C6    1 
ATOM   255 O  O6    . DG  B 1 3  ? 12.240  4.161   10.643  1.00 15.94 ? 13  DG  B O6    1 
ATOM   256 N  N1    . DG  B 1 3  ? 9.983   4.170   10.963  1.00 16.08 ? 13  DG  B N1    1 
ATOM   257 C  C2    . DG  B 1 3  ? 8.790   3.570   11.297  1.00 15.92 ? 13  DG  B C2    1 
ATOM   258 N  N2    . DG  B 1 3  ? 7.692   4.337   11.246  1.00 15.95 ? 13  DG  B N2    1 
ATOM   259 N  N3    . DG  B 1 3  ? 8.687   2.300   11.665  1.00 15.53 ? 13  DG  B N3    1 
ATOM   260 C  C4    . DG  B 1 3  ? 9.891   1.671   11.667  1.00 16.03 ? 13  DG  B C4    1 
ATOM   261 P  P     . DG  B 1 4  ? 6.168   -3.929  13.038  1.00 23.79 ? 14  DG  B P     1 
ATOM   262 O  OP1   . DG  B 1 4  ? 6.140   -4.118  14.509  1.00 24.34 ? 14  DG  B OP1   1 
ATOM   263 O  OP2   . DG  B 1 4  ? 6.540   -5.034  12.127  1.00 23.39 ? 14  DG  B OP2   1 
ATOM   264 O  "O5'" . DG  B 1 4  ? 4.743   -3.368  12.589  1.00 23.35 ? 14  DG  B "O5'" 1 
ATOM   265 C  "C5'" . DG  B 1 4  ? 4.201   -2.206  13.215  1.00 22.98 ? 14  DG  B "C5'" 1 
ATOM   266 C  "C4'" . DG  B 1 4  ? 3.523   -1.287  12.204  1.00 22.07 ? 14  DG  B "C4'" 1 
ATOM   267 O  "O4'" . DG  B 1 4  ? 4.486   -0.435  11.530  1.00 21.36 ? 14  DG  B "O4'" 1 
ATOM   268 C  "C3'" . DG  B 1 4  ? 2.738   -1.963  11.089  1.00 22.29 ? 14  DG  B "C3'" 1 
ATOM   269 O  "O3'" . DG  B 1 4  ? 1.590   -1.152  10.883  1.00 23.11 ? 14  DG  B "O3'" 1 
ATOM   270 C  "C2'" . DG  B 1 4  ? 3.715   -1.959  9.909   1.00 21.31 ? 14  DG  B "C2'" 1 
ATOM   271 C  "C1'" . DG  B 1 4  ? 4.450   -0.640  10.128  1.00 19.97 ? 14  DG  B "C1'" 1 
ATOM   272 N  N9    . DG  B 1 4  ? 5.845   -0.577  9.694   1.00 19.58 ? 14  DG  B N9    1 
ATOM   273 C  C8    . DG  B 1 4  ? 6.803   -1.558  9.795   1.00 18.92 ? 14  DG  B C8    1 
ATOM   274 N  N7    . DG  B 1 4  ? 7.971   -1.199  9.334   1.00 19.05 ? 14  DG  B N7    1 
ATOM   275 C  C5    . DG  B 1 4  ? 7.783   0.111   8.910   1.00 19.08 ? 14  DG  B C5    1 
ATOM   276 C  C6    . DG  B 1 4  ? 8.693   1.029   8.324   1.00 19.12 ? 14  DG  B C6    1 
ATOM   277 O  O6    . DG  B 1 4  ? 9.891   0.858   8.061   1.00 19.38 ? 14  DG  B O6    1 
ATOM   278 N  N1    . DG  B 1 4  ? 8.092   2.257   8.037   1.00 18.85 ? 14  DG  B N1    1 
ATOM   279 C  C2    . DG  B 1 4  ? 6.774   2.564   8.286   1.00 18.43 ? 14  DG  B C2    1 
ATOM   280 N  N2    . DG  B 1 4  ? 6.374   3.798   7.943   1.00 18.73 ? 14  DG  B N2    1 
ATOM   281 N  N3    . DG  B 1 4  ? 5.912   1.715   8.837   1.00 18.35 ? 14  DG  B N3    1 
ATOM   282 C  C4    . DG  B 1 4  ? 6.477   0.511   9.124   1.00 19.13 ? 14  DG  B C4    1 
ATOM   283 P  P     . DC  B 1 5  ? 0.404   -1.563  9.892   1.00 24.37 ? 15  DC  B P     1 
ATOM   284 O  OP1   . DC  B 1 5  ? -0.853  -1.068  10.501  1.00 23.55 ? 15  DC  B OP1   1 
ATOM   285 O  OP2   . DC  B 1 5  ? 0.560   -2.994  9.523   1.00 23.62 ? 15  DC  B OP2   1 
ATOM   286 O  "O5'" . DC  B 1 5  ? 0.735   -0.687  8.596   1.00 23.22 ? 15  DC  B "O5'" 1 
ATOM   287 C  "C5'" . DC  B 1 5  ? 0.842   0.727   8.676   1.00 22.26 ? 15  DC  B "C5'" 1 
ATOM   288 C  "C4'" . DC  B 1 5  ? 1.460   1.250   7.397   1.00 21.36 ? 15  DC  B "C4'" 1 
ATOM   289 O  "O4'" . DC  B 1 5  ? 2.856   0.893   7.355   1.00 20.93 ? 15  DC  B "O4'" 1 
ATOM   290 C  "C3'" . DC  B 1 5  ? 0.850   0.662   6.131   1.00 21.02 ? 15  DC  B "C3'" 1 
ATOM   291 O  "O3'" . DC  B 1 5  ? -0.060  1.637   5.645   1.00 20.99 ? 15  DC  B "O3'" 1 
ATOM   292 C  "C2'" . DC  B 1 5  ? 2.034   0.399   5.194   1.00 20.64 ? 15  DC  B "C2'" 1 
ATOM   293 C  "C1'" . DC  B 1 5  ? 3.256   0.839   6.001   1.00 20.20 ? 15  DC  B "C1'" 1 
ATOM   294 N  N1    . DC  B 1 5  ? 4.491   -0.028  5.945   1.00 19.91 ? 15  DC  B N1    1 
ATOM   295 C  C2    . DC  B 1 5  ? 5.696   0.524   5.467   1.00 19.06 ? 15  DC  B C2    1 
ATOM   296 O  O2    . DC  B 1 5  ? 5.720   1.701   5.079   1.00 18.17 ? 15  DC  B O2    1 
ATOM   297 N  N3    . DC  B 1 5  ? 6.812   -0.254  5.440   1.00 18.38 ? 15  DC  B N3    1 
ATOM   298 C  C4    . DC  B 1 5  ? 6.760   -1.520  5.867   1.00 19.15 ? 15  DC  B C4    1 
ATOM   299 N  N4    . DC  B 1 5  ? 7.887   -2.242  5.819   1.00 18.65 ? 15  DC  B N4    1 
ATOM   300 C  C5    . DC  B 1 5  ? 5.546   -2.100  6.361   1.00 19.08 ? 15  DC  B C5    1 
ATOM   301 C  C6    . DC  B 1 5  ? 4.452   -1.324  6.386   1.00 19.26 ? 15  DC  B C6    1 
ATOM   302 P  P     . DG  B 1 6  ? -1.024  1.391   4.399   1.00 19.53 ? 16  DG  B P     1 
ATOM   303 O  OP1   . DG  B 1 6  ? -2.256  2.190   4.610   1.00 20.00 ? 16  DG  B OP1   1 
ATOM   304 O  OP2   . DG  B 1 6  ? -1.133  -0.061  4.131   1.00 19.67 ? 16  DG  B OP2   1 
ATOM   305 O  "O5'" . DG  B 1 6  ? -0.163  2.070   3.241   1.00 18.63 ? 16  DG  B "O5'" 1 
ATOM   306 C  "C5'" . DG  B 1 6  ? 0.185   3.442   3.314   1.00 16.02 ? 16  DG  B "C5'" 1 
ATOM   307 C  "C4'" . DG  B 1 6  ? 1.099   3.789   2.153   1.00 15.07 ? 16  DG  B "C4'" 1 
ATOM   308 O  "O4'" . DG  B 1 6  ? 2.316   3.025   2.294   1.00 14.76 ? 16  DG  B "O4'" 1 
ATOM   309 C  "C3'" . DG  B 1 6  ? 0.558   3.479   0.757   1.00 14.35 ? 16  DG  B "C3'" 1 
ATOM   310 O  "O3'" . DG  B 1 6  ? 0.800   4.603   -0.072  1.00 15.59 ? 16  DG  B "O3'" 1 
ATOM   311 C  "C2'" . DG  B 1 6  ? 1.362   2.263   0.286   1.00 13.27 ? 16  DG  B "C2'" 1 
ATOM   312 C  "C1'" . DG  B 1 6  ? 2.664   2.403   1.076   1.00 12.14 ? 16  DG  B "C1'" 1 
ATOM   313 N  N9    . DG  B 1 6  ? 3.349   1.172   1.466   1.00 11.42 ? 16  DG  B N9    1 
ATOM   314 C  C8    . DG  B 1 6  ? 2.798   -0.015  1.892   1.00 10.69 ? 16  DG  B C8    1 
ATOM   315 N  N7    . DG  B 1 6  ? 3.683   -0.925  2.185   1.00 9.97  ? 16  DG  B N7    1 
ATOM   316 C  C5    . DG  B 1 6  ? 4.904   -0.303  1.949   1.00 10.65 ? 16  DG  B C5    1 
ATOM   317 C  C6    . DG  B 1 6  ? 6.232   -0.787  2.087   1.00 11.09 ? 16  DG  B C6    1 
ATOM   318 O  O6    . DG  B 1 6  ? 6.596   -1.910  2.466   1.00 10.84 ? 16  DG  B O6    1 
ATOM   319 N  N1    . DG  B 1 6  ? 7.187   0.173   1.734   1.00 11.44 ? 16  DG  B N1    1 
ATOM   320 C  C2    . DG  B 1 6  ? 6.892   1.447   1.298   1.00 11.27 ? 16  DG  B C2    1 
ATOM   321 N  N2    . DG  B 1 6  ? 7.923   2.251   0.996   1.00 10.86 ? 16  DG  B N2    1 
ATOM   322 N  N3    . DG  B 1 6  ? 5.653   1.910   1.174   1.00 11.30 ? 16  DG  B N3    1 
ATOM   323 C  C4    . DG  B 1 6  ? 4.714   0.988   1.511   1.00 11.24 ? 16  DG  B C4    1 
ATOM   324 P  P     . DC  B 1 7  ? -0.260  5.788   -0.261  1.00 14.60 ? 17  DC  B P     1 
ATOM   325 O  OP1   . DC  B 1 7  ? 0.408   6.822   -1.077  1.00 15.85 ? 17  DC  B OP1   1 
ATOM   326 O  OP2   . DC  B 1 7  ? -0.825  6.145   1.058   1.00 16.09 ? 17  DC  B OP2   1 
ATOM   327 O  "O5'" . DC  B 1 7  ? -1.416  5.086   -1.121  1.00 14.93 ? 17  DC  B "O5'" 1 
ATOM   328 C  "C5'" . DC  B 1 7  ? -1.201  4.788   -2.502  1.00 14.66 ? 17  DC  B "C5'" 1 
ATOM   329 C  "C4'" . DC  B 1 7  ? -2.511  4.485   -3.213  1.00 14.68 ? 17  DC  B "C4'" 1 
ATOM   330 O  "O4'" . DC  B 1 7  ? -3.260  3.503   -2.457  1.00 14.06 ? 17  DC  B "O4'" 1 
ATOM   331 C  "C3'" . DC  B 1 7  ? -3.456  5.669   -3.399  1.00 15.13 ? 17  DC  B "C3'" 1 
ATOM   332 O  "O3'" . DC  B 1 7  ? -4.115  5.536   -4.640  1.00 15.67 ? 17  DC  B "O3'" 1 
ATOM   333 C  "C2'" . DC  B 1 7  ? -4.443  5.533   -2.244  1.00 14.81 ? 17  DC  B "C2'" 1 
ATOM   334 C  "C1'" . DC  B 1 7  ? -4.528  4.024   -2.095  1.00 14.27 ? 17  DC  B "C1'" 1 
ATOM   335 N  N1    . DC  B 1 7  ? -4.907  3.552   -0.728  1.00 14.01 ? 17  DC  B N1    1 
ATOM   336 C  C2    . DC  B 1 7  ? -6.264  3.546   -0.355  1.00 13.90 ? 17  DC  B C2    1 
ATOM   337 O  O2    . DC  B 1 7  ? -7.121  3.945   -1.152  1.00 14.21 ? 17  DC  B O2    1 
ATOM   338 N  N3    . DC  B 1 7  ? -6.599  3.104   0.884   1.00 14.20 ? 17  DC  B N3    1 
ATOM   339 C  C4    . DC  B 1 7  ? -5.646  2.679   1.722   1.00 14.33 ? 17  DC  B C4    1 
ATOM   340 N  N4    . DC  B 1 7  ? -6.027  2.255   2.929   1.00 14.67 ? 17  DC  B N4    1 
ATOM   341 C  C5    . DC  B 1 7  ? -4.260  2.683   1.365   1.00 14.17 ? 17  DC  B C5    1 
ATOM   342 C  C6    . DC  B 1 7  ? -3.940  3.122   0.143   1.00 13.11 ? 17  DC  B C6    1 
ATOM   343 P  P     . DC  B 1 8  ? -3.781  6.526   -5.850  1.00 16.30 ? 18  DC  B P     1 
ATOM   344 O  OP1   . DC  B 1 8  ? -4.346  5.887   -7.060  1.00 16.93 ? 18  DC  B OP1   1 
ATOM   345 O  OP2   . DC  B 1 8  ? -2.349  6.893   -5.796  1.00 17.21 ? 18  DC  B OP2   1 
ATOM   346 O  "O5'" . DC  B 1 8  ? -4.605  7.855   -5.494  1.00 15.92 ? 18  DC  B "O5'" 1 
ATOM   347 C  "C5'" . DC  B 1 8  ? -6.032  7.836   -5.410  1.00 15.92 ? 18  DC  B "C5'" 1 
ATOM   348 C  "C4'" . DC  B 1 8  ? -6.562  8.892   -4.447  1.00 16.13 ? 18  DC  B "C4'" 1 
ATOM   349 O  "O4'" . DC  B 1 8  ? -6.451  8.443   -3.078  1.00 16.22 ? 18  DC  B "O4'" 1 
ATOM   350 C  "C3'" . DC  B 1 8  ? -5.874  10.260  -4.479  1.00 17.24 ? 18  DC  B "C3'" 1 
ATOM   351 O  "O3'" . DC  B 1 8  ? -6.857  11.267  -4.328  1.00 18.23 ? 18  DC  B "O3'" 1 
ATOM   352 C  "C2'" . DC  B 1 8  ? -4.956  10.224  -3.266  1.00 16.73 ? 18  DC  B "C2'" 1 
ATOM   353 C  "C1'" . DC  B 1 8  ? -5.837  9.448   -2.291  1.00 16.78 ? 18  DC  B "C1'" 1 
ATOM   354 N  N1    . DC  B 1 8  ? -5.149  8.725   -1.183  1.00 16.60 ? 18  DC  B N1    1 
ATOM   355 C  C2    . DC  B 1 8  ? -5.938  8.114   -0.189  1.00 16.97 ? 18  DC  B C2    1 
ATOM   356 O  O2    . DC  B 1 8  ? -7.171  8.214   -0.250  1.00 17.16 ? 18  DC  B O2    1 
ATOM   357 N  N3    . DC  B 1 8  ? -5.325  7.432   0.819   1.00 16.86 ? 18  DC  B N3    1 
ATOM   358 C  C4    . DC  B 1 8  ? -3.986  7.347   0.853   1.00 16.77 ? 18  DC  B C4    1 
ATOM   359 N  N4    . DC  B 1 8  ? -3.423  6.665   1.860   1.00 16.61 ? 18  DC  B N4    1 
ATOM   360 C  C5    . DC  B 1 8  ? -3.168  7.964   -0.146  1.00 16.38 ? 18  DC  B C5    1 
ATOM   361 C  C6    . DC  B 1 8  ? -3.784  8.633   -1.136  1.00 16.46 ? 18  DC  B C6    1 
ATOM   362 P  P     . DG  B 1 9  ? -7.311  12.147  -5.576  1.00 19.67 ? 19  DG  B P     1 
ATOM   363 O  OP1   . DG  B 1 9  ? -7.672  11.232  -6.685  1.00 19.75 ? 19  DG  B OP1   1 
ATOM   364 O  OP2   . DG  B 1 9  ? -6.282  13.192  -5.755  1.00 19.21 ? 19  DG  B OP2   1 
ATOM   365 O  "O5'" . DG  B 1 9  ? -8.647  12.869  -5.058  1.00 19.27 ? 19  DG  B "O5'" 1 
ATOM   366 C  "C5'" . DG  B 1 9  ? -9.752  12.136  -4.509  1.00 19.42 ? 19  DG  B "C5'" 1 
ATOM   367 C  "C4'" . DG  B 1 9  ? -10.229 12.772  -3.209  1.00 20.42 ? 19  DG  B "C4'" 1 
ATOM   368 O  "O4'" . DG  B 1 9  ? -9.464  12.257  -2.085  1.00 20.17 ? 19  DG  B "O4'" 1 
ATOM   369 C  "C3'" . DG  B 1 9  ? -10.098 14.297  -3.119  1.00 20.62 ? 19  DG  B "C3'" 1 
ATOM   370 O  "O3'" . DG  B 1 9  ? -11.074 14.806  -2.244  1.00 21.71 ? 19  DG  B "O3'" 1 
ATOM   371 C  "C2'" . DG  B 1 9  ? -8.733  14.475  -2.466  1.00 20.62 ? 19  DG  B "C2'" 1 
ATOM   372 C  "C1'" . DG  B 1 9  ? -8.777  13.328  -1.461  1.00 19.48 ? 19  DG  B "C1'" 1 
ATOM   373 N  N9    . DG  B 1 9  ? -7.473  12.877  -0.980  1.00 19.28 ? 19  DG  B N9    1 
ATOM   374 C  C8    . DG  B 1 9  ? -6.225  13.139  -1.504  1.00 19.08 ? 19  DG  B C8    1 
ATOM   375 N  N7    . DG  B 1 9  ? -5.254  12.592  -0.825  1.00 19.29 ? 19  DG  B N7    1 
ATOM   376 C  C5    . DG  B 1 9  ? -5.900  11.924  0.212   1.00 19.15 ? 19  DG  B C5    1 
ATOM   377 C  C6    . DG  B 1 9  ? -5.375  11.144  1.274   1.00 19.20 ? 19  DG  B C6    1 
ATOM   378 O  O6    . DG  B 1 9  ? -4.187  10.877  1.515   1.00 19.64 ? 19  DG  B O6    1 
ATOM   379 N  N1    . DG  B 1 9  ? -6.382  10.650  2.105   1.00 19.25 ? 19  DG  B N1    1 
ATOM   380 C  C2    . DG  B 1 9  ? -7.731  10.881  1.935   1.00 19.04 ? 19  DG  B C2    1 
ATOM   381 N  N2    . DG  B 1 9  ? -8.565  10.335  2.827   1.00 19.02 ? 19  DG  B N2    1 
ATOM   382 N  N3    . DG  B 1 9  ? -8.231  11.608  0.946   1.00 19.28 ? 19  DG  B N3    1 
ATOM   383 C  C4    . DG  B 1 9  ? -7.263  12.093  0.127   1.00 18.74 ? 19  DG  B C4    1 
ATOM   384 P  P     . DA  B 1 10 ? -12.443 15.458  -2.750  1.00 21.64 ? 20  DA  B P     1 
ATOM   385 O  OP1   . DA  B 1 10 ? -13.095 14.531  -3.699  1.00 21.63 ? 20  DA  B OP1   1 
ATOM   386 O  OP2   . DA  B 1 10 ? -12.115 16.851  -3.131  1.00 22.05 ? 20  DA  B OP2   1 
ATOM   387 O  "O5'" . DA  B 1 10 ? -13.295 15.501  -1.392  1.00 20.60 ? 20  DA  B "O5'" 1 
ATOM   388 C  "C5'" . DA  B 1 10 ? -13.577 14.301  -0.661  1.00 18.91 ? 20  DA  B "C5'" 1 
ATOM   389 C  "C4'" . DA  B 1 10 ? -13.483 14.500  0.850   1.00 17.56 ? 20  DA  B "C4'" 1 
ATOM   390 O  "O4'" . DA  B 1 10 ? -12.139 14.195  1.312   1.00 16.76 ? 20  DA  B "O4'" 1 
ATOM   391 C  "C3'" . DA  B 1 10 ? -13.799 15.900  1.380   1.00 16.67 ? 20  DA  B "C3'" 1 
ATOM   392 O  "O3'" . DA  B 1 10 ? -14.524 15.797  2.596   1.00 16.17 ? 20  DA  B "O3'" 1 
ATOM   393 C  "C2'" . DA  B 1 10 ? -12.421 16.520  1.616   1.00 16.22 ? 20  DA  B "C2'" 1 
ATOM   394 C  "C1'" . DA  B 1 10 ? -11.616 15.295  2.039   1.00 15.69 ? 20  DA  B "C1'" 1 
ATOM   395 N  N9    . DA  B 1 10 ? -10.180 15.357  1.783   1.00 15.51 ? 20  DA  B N9    1 
ATOM   396 C  C8    . DA  B 1 10 ? -9.528  16.005  0.769   1.00 15.36 ? 20  DA  B C8    1 
ATOM   397 N  N7    . DA  B 1 10 ? -8.225  15.862  0.808   1.00 15.71 ? 20  DA  B N7    1 
ATOM   398 C  C5    . DA  B 1 10 ? -8.003  15.061  1.916   1.00 15.19 ? 20  DA  B C5    1 
ATOM   399 C  C6    . DA  B 1 10 ? -6.823  14.543  2.509   1.00 15.65 ? 20  DA  B C6    1 
ATOM   400 N  N6    . DA  B 1 10 ? -5.595  14.769  2.026   1.00 15.29 ? 20  DA  B N6    1 
ATOM   401 N  N1    . DA  B 1 10 ? -6.953  13.780  3.619   1.00 15.20 ? 20  DA  B N1    1 
ATOM   402 C  C2    . DA  B 1 10 ? -8.186  13.547  4.104   1.00 15.92 ? 20  DA  B C2    1 
ATOM   403 N  N3    . DA  B 1 10 ? -9.362  13.982  3.633   1.00 15.25 ? 20  DA  B N3    1 
ATOM   404 C  C4    . DA  B 1 10 ? -9.199  14.741  2.531   1.00 15.29 ? 20  DA  B C4    1 
ATOM   405 O  "O5'" . DT  C 1 1  ? -0.929  9.546   9.548   1.00 24.38 ? 21  DT  C "O5'" 1 
ATOM   406 C  "C5'" . DT  C 1 1  ? -1.449  10.285  10.646  1.00 23.06 ? 21  DT  C "C5'" 1 
ATOM   407 C  "C4'" . DT  C 1 1  ? -2.855  10.774  10.342  1.00 23.10 ? 21  DT  C "C4'" 1 
ATOM   408 O  "O4'" . DT  C 1 1  ? -2.836  11.602  9.156   1.00 21.81 ? 21  DT  C "O4'" 1 
ATOM   409 C  "C3'" . DT  C 1 1  ? -3.892  9.687   10.073  1.00 23.56 ? 21  DT  C "C3'" 1 
ATOM   410 O  "O3'" . DT  C 1 1  ? -4.975  9.885   10.952  1.00 26.68 ? 21  DT  C "O3'" 1 
ATOM   411 C  "C2'" . DT  C 1 1  ? -4.343  9.911   8.635   1.00 22.60 ? 21  DT  C "C2'" 1 
ATOM   412 C  "C1'" . DT  C 1 1  ? -4.043  11.393  8.460   1.00 21.49 ? 21  DT  C "C1'" 1 
ATOM   413 N  N1    . DT  C 1 1  ? -3.877  11.832  7.045   1.00 20.69 ? 21  DT  C N1    1 
ATOM   414 C  C2    . DT  C 1 1  ? -4.970  12.366  6.378   1.00 20.06 ? 21  DT  C C2    1 
ATOM   415 O  O2    . DT  C 1 1  ? -6.073  12.502  6.893   1.00 19.59 ? 21  DT  C O2    1 
ATOM   416 N  N3    . DT  C 1 1  ? -4.716  12.744  5.079   1.00 18.74 ? 21  DT  C N3    1 
ATOM   417 C  C4    . DT  C 1 1  ? -3.505  12.645  4.405   1.00 19.08 ? 21  DT  C C4    1 
ATOM   418 O  O4    . DT  C 1 1  ? -3.379  13.020  3.243   1.00 19.50 ? 21  DT  C O4    1 
ATOM   419 C  C5    . DT  C 1 1  ? -2.407  12.076  5.161   1.00 19.43 ? 21  DT  C C5    1 
ATOM   420 C  C7    . DT  C 1 1  ? -1.044  11.916  4.549   1.00 18.87 ? 21  DT  C C7    1 
ATOM   421 C  C6    . DT  C 1 1  ? -2.643  11.702  6.429   1.00 19.80 ? 21  DT  C C6    1 
ATOM   422 P  P     . DC  C 1 2  ? -5.544  8.673   11.827  1.00 28.90 ? 22  DC  C P     1 
ATOM   423 O  OP1   . DC  C 1 2  ? -6.040  9.252   13.098  1.00 28.87 ? 22  DC  C OP1   1 
ATOM   424 O  OP2   . DC  C 1 2  ? -4.560  7.563   11.844  1.00 28.05 ? 22  DC  C OP2   1 
ATOM   425 O  "O5'" . DC  C 1 2  ? -6.786  8.159   10.964  1.00 27.47 ? 22  DC  C "O5'" 1 
ATOM   426 C  "C5'" . DC  C 1 2  ? -7.680  9.021   10.273  1.00 26.74 ? 22  DC  C "C5'" 1 
ATOM   427 C  "C4'" . DC  C 1 2  ? -8.384  8.226   9.183   1.00 26.08 ? 22  DC  C "C4'" 1 
ATOM   428 O  "O4'" . DC  C 1 2  ? -7.849  8.613   7.896   1.00 25.60 ? 22  DC  C "O4'" 1 
ATOM   429 C  "C3'" . DC  C 1 2  ? -8.214  6.708   9.267   1.00 26.05 ? 22  DC  C "C3'" 1 
ATOM   430 O  "O3'" . DC  C 1 2  ? -9.447  6.055   8.976   1.00 27.41 ? 22  DC  C "O3'" 1 
ATOM   431 C  "C2'" . DC  C 1 2  ? -7.141  6.396   8.222   1.00 25.75 ? 22  DC  C "C2'" 1 
ATOM   432 C  "C1'" . DC  C 1 2  ? -7.459  7.460   7.174   1.00 25.62 ? 22  DC  C "C1'" 1 
ATOM   433 N  N1    . DC  C 1 2  ? -6.357  7.863   6.225   1.00 24.88 ? 22  DC  C N1    1 
ATOM   434 C  C2    . DC  C 1 2  ? -6.688  8.697   5.146   1.00 24.63 ? 22  DC  C C2    1 
ATOM   435 O  O2    . DC  C 1 2  ? -7.860  9.069   5.009   1.00 24.91 ? 22  DC  C O2    1 
ATOM   436 N  N3    . DC  C 1 2  ? -5.715  9.077   4.277   1.00 24.12 ? 22  DC  C N3    1 
ATOM   437 C  C4    . DC  C 1 2  ? -4.460  8.660   4.453   1.00 24.57 ? 22  DC  C C4    1 
ATOM   438 N  N4    . DC  C 1 2  ? -3.547  9.067   3.568   1.00 24.97 ? 22  DC  C N4    1 
ATOM   439 C  C5    . DC  C 1 2  ? -4.093  7.810   5.546   1.00 24.74 ? 22  DC  C C5    1 
ATOM   440 C  C6    . DC  C 1 2  ? -5.064  7.438   6.395   1.00 24.78 ? 22  DC  C C6    1 
ATOM   441 P  P     . DG  C 1 3  ? -10.481 5.626   10.132  1.00 27.55 ? 23  DG  C P     1 
ATOM   442 O  OP1   . DG  C 1 3  ? -10.730 6.771   11.035  1.00 27.41 ? 23  DG  C OP1   1 
ATOM   443 O  OP2   . DG  C 1 3  ? -9.994  4.330   10.662  1.00 27.72 ? 23  DG  C OP2   1 
ATOM   444 O  "O5'" . DG  C 1 3  ? -11.840 5.376   9.320   1.00 26.15 ? 23  DG  C "O5'" 1 
ATOM   445 C  "C5'" . DG  C 1 3  ? -12.327 6.364   8.394   1.00 23.40 ? 23  DG  C "C5'" 1 
ATOM   446 C  "C4'" . DG  C 1 3  ? -12.555 5.787   7.000   1.00 21.19 ? 23  DG  C "C4'" 1 
ATOM   447 O  "O4'" . DG  C 1 3  ? -11.366 5.931   6.172   1.00 20.37 ? 23  DG  C "O4'" 1 
ATOM   448 C  "C3'" . DG  C 1 3  ? -12.926 4.308   6.924   1.00 19.99 ? 23  DG  C "C3'" 1 
ATOM   449 O  "O3'" . DG  C 1 3  ? -13.897 4.158   5.905   1.00 19.30 ? 23  DG  C "O3'" 1 
ATOM   450 C  "C2'" . DG  C 1 3  ? -11.617 3.646   6.507   1.00 19.44 ? 23  DG  C "C2'" 1 
ATOM   451 C  "C1'" . DG  C 1 3  ? -11.086 4.700   5.541   1.00 18.83 ? 23  DG  C "C1'" 1 
ATOM   452 N  N9    . DG  C 1 3  ? -9.654  4.651   5.268   1.00 18.39 ? 23  DG  C N9    1 
ATOM   453 C  C8    . DG  C 1 3  ? -8.689  3.968   5.977   1.00 18.94 ? 23  DG  C C8    1 
ATOM   454 N  N7    . DG  C 1 3  ? -7.486  4.115   5.498   1.00 18.70 ? 23  DG  C N7    1 
ATOM   455 C  C5    . DG  C 1 3  ? -7.664  4.952   4.404   1.00 18.44 ? 23  DG  C C5    1 
ATOM   456 C  C6    . DG  C 1 3  ? -6.706  5.459   3.495   1.00 18.47 ? 23  DG  C C6    1 
ATOM   457 O  O6    . DG  C 1 3  ? -5.482  5.253   3.499   1.00 18.66 ? 23  DG  C O6    1 
ATOM   458 N  N1    . DG  C 1 3  ? -7.289  6.274   2.520   1.00 18.08 ? 23  DG  C N1    1 
ATOM   459 C  C2    . DG  C 1 3  ? -8.635  6.560   2.435   1.00 17.95 ? 23  DG  C C2    1 
ATOM   460 N  N2    . DG  C 1 3  ? -9.008  7.365   1.430   1.00 17.98 ? 23  DG  C N2    1 
ATOM   461 N  N3    . DG  C 1 3  ? -9.548  6.087   3.287   1.00 17.62 ? 23  DG  C N3    1 
ATOM   462 C  C4    . DG  C 1 3  ? -8.991  5.293   4.244   1.00 18.03 ? 23  DG  C C4    1 
ATOM   463 P  P     . DG  C 1 4  ? -15.398 3.722   6.221   1.00 19.29 ? 24  DG  C P     1 
ATOM   464 O  OP1   . DG  C 1 4  ? -15.964 4.666   7.212   1.00 18.37 ? 24  DG  C OP1   1 
ATOM   465 O  OP2   . DG  C 1 4  ? -15.424 2.266   6.496   1.00 19.02 ? 24  DG  C OP2   1 
ATOM   466 O  "O5'" . DG  C 1 4  ? -16.083 3.947   4.795   1.00 17.96 ? 24  DG  C "O5'" 1 
ATOM   467 C  "C5'" . DG  C 1 4  ? -16.260 5.253   4.253   1.00 17.33 ? 24  DG  C "C5'" 1 
ATOM   468 C  "C4'" . DG  C 1 4  ? -15.995 5.276   2.752   1.00 16.69 ? 24  DG  C "C4'" 1 
ATOM   469 O  "O4'" . DG  C 1 4  ? -14.584 5.062   2.500   1.00 15.90 ? 24  DG  C "O4'" 1 
ATOM   470 C  "C3'" . DG  C 1 4  ? -16.724 4.224   1.918   1.00 16.67 ? 24  DG  C "C3'" 1 
ATOM   471 O  "O3'" . DG  C 1 4  ? -17.139 4.796   0.675   1.00 17.48 ? 24  DG  C "O3'" 1 
ATOM   472 C  "C2'" . DG  C 1 4  ? -15.684 3.120   1.732   1.00 15.70 ? 24  DG  C "C2'" 1 
ATOM   473 C  "C1'" . DG  C 1 4  ? -14.388 3.920   1.687   1.00 14.86 ? 24  DG  C "C1'" 1 
ATOM   474 N  N9    . DG  C 1 4  ? -13.218 3.228   2.223   1.00 14.51 ? 24  DG  C N9    1 
ATOM   475 C  C8    . DG  C 1 4  ? -13.178 2.370   3.296   1.00 14.28 ? 24  DG  C C8    1 
ATOM   476 N  N7    . DG  C 1 4  ? -11.981 1.923   3.550   1.00 14.31 ? 24  DG  C N7    1 
ATOM   477 C  C5    . DG  C 1 4  ? -11.175 2.525   2.596   1.00 13.86 ? 24  DG  C C5    1 
ATOM   478 C  C6    . DG  C 1 4  ? -9.777  2.412   2.381   1.00 14.30 ? 24  DG  C C6    1 
ATOM   479 O  O6    . DG  C 1 4  ? -8.966  1.733   3.022   1.00 15.11 ? 24  DG  C O6    1 
ATOM   480 N  N1    . DG  C 1 4  ? -9.343  3.182   1.300   1.00 13.99 ? 24  DG  C N1    1 
ATOM   481 C  C2    . DG  C 1 4  ? -10.167 3.970   0.526   1.00 13.92 ? 24  DG  C C2    1 
ATOM   482 N  N2    . DG  C 1 4  ? -9.583  4.644   -0.471  1.00 14.11 ? 24  DG  C N2    1 
ATOM   483 N  N3    . DG  C 1 4  ? -11.483 4.085   0.720   1.00 13.81 ? 24  DG  C N3    1 
ATOM   484 C  C4    . DG  C 1 4  ? -11.919 3.336   1.771   1.00 13.74 ? 24  DG  C C4    1 
ATOM   485 P  P     . DC  C 1 5  ? -17.958 3.940   -0.407  1.00 19.26 ? 25  DC  C P     1 
ATOM   486 O  OP1   . DC  C 1 5  ? -18.943 4.855   -1.018  1.00 18.98 ? 25  DC  C OP1   1 
ATOM   487 O  OP2   . DC  C 1 5  ? -18.411 2.659   0.203   1.00 18.14 ? 25  DC  C OP2   1 
ATOM   488 O  "O5'" . DC  C 1 5  ? -16.833 3.591   -1.495  1.00 18.94 ? 25  DC  C "O5'" 1 
ATOM   489 C  "C5'" . DC  C 1 5  ? -16.163 4.641   -2.201  1.00 18.10 ? 25  DC  C "C5'" 1 
ATOM   490 C  "C4'" . DC  C 1 5  ? -14.975 4.088   -2.963  1.00 17.45 ? 25  DC  C "C4'" 1 
ATOM   491 O  "O4'" . DC  C 1 5  ? -14.059 3.490   -2.024  1.00 17.39 ? 25  DC  C "O4'" 1 
ATOM   492 C  "C3'" . DC  C 1 5  ? -15.310 2.970   -3.942  1.00 17.48 ? 25  DC  C "C3'" 1 
ATOM   493 O  "O3'" . DC  C 1 5  ? -15.322 3.474   -5.280  1.00 18.06 ? 25  DC  C "O3'" 1 
ATOM   494 C  "C2'" . DC  C 1 5  ? -14.233 1.900   -3.711  1.00 16.62 ? 25  DC  C "C2'" 1 
ATOM   495 C  "C1'" . DC  C 1 5  ? -13.269 2.569   -2.741  1.00 16.20 ? 25  DC  C "C1'" 1 
ATOM   496 N  N1    . DC  C 1 5  ? -12.570 1.691   -1.735  1.00 15.52 ? 25  DC  C N1    1 
ATOM   497 C  C2    . DC  C 1 5  ? -11.180 1.452   -1.840  1.00 15.50 ? 25  DC  C C2    1 
ATOM   498 O  O2    . DC  C 1 5  ? -10.531 1.948   -2.779  1.00 15.05 ? 25  DC  C O2    1 
ATOM   499 N  N3    . DC  C 1 5  ? -10.579 0.671   -0.899  1.00 14.73 ? 25  DC  C N3    1 
ATOM   500 C  C4    . DC  C 1 5  ? -11.303 0.147   0.101   1.00 15.17 ? 25  DC  C C4    1 
ATOM   501 N  N4    . DC  C 1 5  ? -10.686 -0.618  1.003   1.00 14.91 ? 25  DC  C N4    1 
ATOM   502 C  C5    . DC  C 1 5  ? -12.708 0.375   0.221   1.00 15.07 ? 25  DC  C C5    1 
ATOM   503 C  C6    . DC  C 1 5  ? -13.286 1.150   -0.703  1.00 15.08 ? 25  DC  C C6    1 
ATOM   504 P  P     . DG  C 1 6  ? -16.173 2.745   -6.429  1.00 19.01 ? 26  DG  C P     1 
ATOM   505 O  OP1   . DG  C 1 6  ? -16.722 3.807   -7.299  1.00 19.29 ? 26  DG  C OP1   1 
ATOM   506 O  OP2   . DG  C 1 6  ? -17.065 1.740   -5.816  1.00 18.87 ? 26  DG  C OP2   1 
ATOM   507 O  "O5'" . DG  C 1 6  ? -15.066 1.925   -7.248  1.00 19.76 ? 26  DG  C "O5'" 1 
ATOM   508 C  "C5'" . DG  C 1 6  ? -13.839 2.514   -7.700  1.00 19.62 ? 26  DG  C "C5'" 1 
ATOM   509 C  "C4'" . DG  C 1 6  ? -12.827 1.438   -8.094  1.00 20.01 ? 26  DG  C "C4'" 1 
ATOM   510 O  "O4'" . DG  C 1 6  ? -12.206 0.880   -6.904  1.00 19.45 ? 26  DG  C "O4'" 1 
ATOM   511 C  "C3'" . DG  C 1 6  ? -13.385 0.229   -8.851  1.00 19.99 ? 26  DG  C "C3'" 1 
ATOM   512 O  "O3'" . DG  C 1 6  ? -12.384 -0.358  -9.673  1.00 20.66 ? 26  DG  C "O3'" 1 
ATOM   513 C  "C2'" . DG  C 1 6  ? -13.701 -0.729  -7.713  1.00 19.44 ? 26  DG  C "C2'" 1 
ATOM   514 C  "C1'" . DG  C 1 6  ? -12.436 -0.514  -6.890  1.00 19.17 ? 26  DG  C "C1'" 1 
ATOM   515 N  N9    . DG  C 1 6  ? -12.471 -1.017  -5.519  1.00 19.27 ? 26  DG  C N9    1 
ATOM   516 C  C8    . DG  C 1 6  ? -13.568 -1.239  -4.718  1.00 18.89 ? 26  DG  C C8    1 
ATOM   517 N  N7    . DG  C 1 6  ? -13.261 -1.697  -3.539  1.00 18.61 ? 26  DG  C N7    1 
ATOM   518 C  C5    . DG  C 1 6  ? -11.876 -1.793  -3.559  1.00 18.68 ? 26  DG  C C5    1 
ATOM   519 C  C6    . DG  C 1 6  ? -10.974 -2.229  -2.563  1.00 18.66 ? 26  DG  C C6    1 
ATOM   520 O  O6    . DG  C 1 6  ? -11.242 -2.634  -1.424  1.00 19.18 ? 26  DG  C O6    1 
ATOM   521 N  N1    . DG  C 1 6  ? -9.644  -2.172  -2.992  1.00 19.02 ? 26  DG  C N1    1 
ATOM   522 C  C2    . DG  C 1 6  ? -9.234  -1.741  -4.234  1.00 19.21 ? 26  DG  C C2    1 
ATOM   523 N  N2    . DG  C 1 6  ? -7.914  -1.751  -4.481  1.00 19.17 ? 26  DG  C N2    1 
ATOM   524 N  N3    . DG  C 1 6  ? -10.072 -1.328  -5.176  1.00 19.41 ? 26  DG  C N3    1 
ATOM   525 C  C4    . DG  C 1 6  ? -11.372 -1.381  -4.772  1.00 19.21 ? 26  DG  C C4    1 
ATOM   526 P  P     . DC  C 1 7  ? -12.202 -0.022  -11.223 1.00 21.08 ? 27  DC  C P     1 
ATOM   527 O  OP1   . DC  C 1 7  ? -12.237 1.444   -11.404 1.00 21.19 ? 27  DC  C OP1   1 
ATOM   528 O  OP2   . DC  C 1 7  ? -13.114 -0.899  -11.983 1.00 20.38 ? 27  DC  C OP2   1 
ATOM   529 O  "O5'" . DC  C 1 7  ? -10.706 -0.529  -11.476 1.00 20.31 ? 27  DC  C "O5'" 1 
ATOM   530 C  "C5'" . DC  C 1 7  ? -9.604  0.172   -10.913 1.00 19.24 ? 27  DC  C "C5'" 1 
ATOM   531 C  "C4'" . DC  C 1 7  ? -8.488  -0.780  -10.512 1.00 17.97 ? 27  DC  C "C4'" 1 
ATOM   532 O  "O4'" . DC  C 1 7  ? -8.823  -1.435  -9.271  1.00 17.57 ? 27  DC  C "O4'" 1 
ATOM   533 C  "C3'" . DC  C 1 7  ? -8.176  -1.899  -11.495 1.00 17.70 ? 27  DC  C "C3'" 1 
ATOM   534 O  "O3'" . DC  C 1 7  ? -6.761  -1.960  -11.622 1.00 17.08 ? 27  DC  C "O3'" 1 
ATOM   535 C  "C2'" . DC  C 1 7  ? -8.786  -3.150  -10.856 1.00 16.44 ? 27  DC  C "C2'" 1 
ATOM   536 C  "C1'" . DC  C 1 7  ? -8.653  -2.834  -9.373  1.00 16.66 ? 27  DC  C "C1'" 1 
ATOM   537 N  N1    . DC  C 1 7  ? -9.669  -3.402  -8.424  1.00 16.21 ? 27  DC  C N1    1 
ATOM   538 C  C2    . DC  C 1 7  ? -9.244  -4.007  -7.225  1.00 15.67 ? 27  DC  C C2    1 
ATOM   539 O  O2    . DC  C 1 7  ? -8.038  -4.111  -6.971  1.00 16.28 ? 27  DC  C O2    1 
ATOM   540 N  N3    . DC  C 1 7  ? -10.178 -4.483  -6.364  1.00 15.76 ? 27  DC  C N3    1 
ATOM   541 C  C4    . DC  C 1 7  ? -11.479 -4.370  -6.654  1.00 15.51 ? 27  DC  C C4    1 
ATOM   542 N  N4    . DC  C 1 7  ? -12.355 -4.853  -5.772  1.00 15.79 ? 27  DC  C N4    1 
ATOM   543 C  C5    . DC  C 1 7  ? -11.935 -3.752  -7.858  1.00 15.85 ? 27  DC  C C5    1 
ATOM   544 C  C6    . DC  C 1 7  ? -11.008 -3.277  -8.702  1.00 15.78 ? 27  DC  C C6    1 
ATOM   545 P  P     . DC  C 1 8  ? -6.061  -2.778  -12.797 1.00 16.61 ? 28  DC  C P     1 
ATOM   546 O  OP1   . DC  C 1 8  ? -4.708  -2.199  -12.958 1.00 16.81 ? 28  DC  C OP1   1 
ATOM   547 O  OP2   . DC  C 1 8  ? -6.974  -2.887  -13.957 1.00 16.44 ? 28  DC  C OP2   1 
ATOM   548 O  "O5'" . DC  C 1 8  ? -5.938  -4.248  -12.173 1.00 14.85 ? 28  DC  C "O5'" 1 
ATOM   549 C  "C5'" . DC  C 1 8  ? -5.119  -4.510  -11.034 1.00 14.12 ? 28  DC  C "C5'" 1 
ATOM   550 C  "C4'" . DC  C 1 8  ? -5.250  -5.973  -10.639 1.00 13.85 ? 28  DC  C "C4'" 1 
ATOM   551 O  "O4'" . DC  C 1 8  ? -6.554  -6.184  -10.039 1.00 13.35 ? 28  DC  C "O4'" 1 
ATOM   552 C  "C3'" . DC  C 1 8  ? -5.164  -6.968  -11.796 1.00 13.37 ? 28  DC  C "C3'" 1 
ATOM   553 O  "O3'" . DC  C 1 8  ? -4.348  -8.067  -11.413 1.00 14.60 ? 28  DC  C "O3'" 1 
ATOM   554 C  "C2'" . DC  C 1 8  ? -6.621  -7.388  -12.027 1.00 12.96 ? 28  DC  C "C2'" 1 
ATOM   555 C  "C1'" . DC  C 1 8  ? -7.146  -7.335  -10.597 1.00 12.24 ? 28  DC  C "C1'" 1 
ATOM   556 N  N1    . DC  C 1 8  ? -8.610  -7.171  -10.374 1.00 12.56 ? 28  DC  C N1    1 
ATOM   557 C  C2    . DC  C 1 8  ? -9.151  -7.637  -9.166  1.00 12.38 ? 28  DC  C C2    1 
ATOM   558 O  O2    . DC  C 1 8  ? -8.391  -8.176  -8.348  1.00 11.29 ? 28  DC  C O2    1 
ATOM   559 N  N3    . DC  C 1 8  ? -10.486 -7.478  -8.935  1.00 11.74 ? 28  DC  C N3    1 
ATOM   560 C  C4    . DC  C 1 8  ? -11.254 -6.878  -9.857  1.00 12.14 ? 28  DC  C C4    1 
ATOM   561 N  N4    . DC  C 1 8  ? -12.560 -6.733  -9.609  1.00 12.30 ? 28  DC  C N4    1 
ATOM   562 C  C5    . DC  C 1 8  ? -10.718 -6.393  -11.088 1.00 12.39 ? 28  DC  C C5    1 
ATOM   563 C  C6    . DC  C 1 8  ? -9.407  -6.557  -11.301 1.00 12.41 ? 28  DC  C C6    1 
ATOM   564 P  P     . DG  C 1 9  ? -2.800  -8.150  -11.838 1.00 15.58 ? 29  DG  C P     1 
ATOM   565 O  OP1   . DG  C 1 9  ? -2.111  -6.958  -11.278 1.00 15.03 ? 29  DG  C OP1   1 
ATOM   566 O  OP2   . DG  C 1 9  ? -2.748  -8.463  -13.277 1.00 13.46 ? 29  DG  C OP2   1 
ATOM   567 O  "O5'" . DG  C 1 9  ? -2.290  -9.447  -11.043 1.00 14.41 ? 29  DG  C "O5'" 1 
ATOM   568 C  "C5'" . DG  C 1 9  ? -2.302  -9.471  -9.615  1.00 14.65 ? 29  DG  C "C5'" 1 
ATOM   569 C  "C4'" . DG  C 1 9  ? -2.770  -10.816 -9.060  1.00 14.06 ? 29  DG  C "C4'" 1 
ATOM   570 O  "O4'" . DG  C 1 9  ? -4.217  -10.925 -9.096  1.00 13.82 ? 29  DG  C "O4'" 1 
ATOM   571 C  "C3'" . DG  C 1 9  ? -2.298  -12.081 -9.757  1.00 14.24 ? 29  DG  C "C3'" 1 
ATOM   572 O  "O3'" . DG  C 1 9  ? -2.242  -13.082 -8.757  1.00 15.65 ? 29  DG  C "O3'" 1 
ATOM   573 C  "C2'" . DG  C 1 9  ? -3.419  -12.367 -10.757 1.00 13.80 ? 29  DG  C "C2'" 1 
ATOM   574 C  "C1'" . DG  C 1 9  ? -4.628  -12.028 -9.889  1.00 12.39 ? 29  DG  C "C1'" 1 
ATOM   575 N  N9    . DG  C 1 9  ? -5.841  -11.568 -10.556 1.00 12.07 ? 29  DG  C N9    1 
ATOM   576 C  C8    . DG  C 1 9  ? -5.981  -11.070 -11.833 1.00 12.31 ? 29  DG  C C8    1 
ATOM   577 N  N7    . DG  C 1 9  ? -7.205  -10.716 -12.121 1.00 12.22 ? 29  DG  C N7    1 
ATOM   578 C  C5    . DG  C 1 9  ? -7.917  -10.985 -10.958 1.00 12.30 ? 29  DG  C C5    1 
ATOM   579 C  C6    . DG  C 1 9  ? -9.291  -10.805 -10.662 1.00 12.06 ? 29  DG  C C6    1 
ATOM   580 O  O6    . DG  C 1 9  ? -10.171 -10.355 -11.406 1.00 12.28 ? 29  DG  C O6    1 
ATOM   581 N  N1    . DG  C 1 9  ? -9.615  -11.211 -9.367  1.00 11.86 ? 29  DG  C N1    1 
ATOM   582 C  C2    . DG  C 1 9  ? -8.715  -11.722 -8.454  1.00 11.87 ? 29  DG  C C2    1 
ATOM   583 N  N2    . DG  C 1 9  ? -9.201  -12.057 -7.249  1.00 11.55 ? 29  DG  C N2    1 
ATOM   584 N  N3    . DG  C 1 9  ? -7.424  -11.896 -8.721  1.00 12.05 ? 29  DG  C N3    1 
ATOM   585 C  C4    . DG  C 1 9  ? -7.092  -11.507 -9.983  1.00 11.86 ? 29  DG  C C4    1 
ATOM   586 P  P     . DA  C 1 10 ? -0.957  -14.017 -8.598  1.00 14.81 ? 30  DA  C P     1 
ATOM   587 O  OP1   . DA  C 1 10 ? 0.131   -13.210 -8.017  1.00 14.76 ? 30  DA  C OP1   1 
ATOM   588 O  OP2   . DA  C 1 10 ? -0.782  -14.745 -9.875  1.00 13.69 ? 30  DA  C OP2   1 
ATOM   589 O  "O5'" . DA  C 1 10 ? -1.439  -15.047 -7.476  1.00 14.77 ? 30  DA  C "O5'" 1 
ATOM   590 C  "C5'" . DA  C 1 10 ? -2.093  -14.630 -6.276  1.00 14.07 ? 30  DA  C "C5'" 1 
ATOM   591 C  "C4'" . DA  C 1 10 ? -3.132  -15.658 -5.833  1.00 12.96 ? 30  DA  C "C4'" 1 
ATOM   592 O  "O4'" . DA  C 1 10 ? -4.329  -15.497 -6.630  1.00 13.14 ? 30  DA  C "O4'" 1 
ATOM   593 C  "C3'" . DA  C 1 10 ? -2.744  -17.129 -5.976  1.00 12.10 ? 30  DA  C "C3'" 1 
ATOM   594 O  "O3'" . DA  C 1 10 ? -3.241  -17.874 -4.865  1.00 12.47 ? 30  DA  C "O3'" 1 
ATOM   595 C  "C2'" . DA  C 1 10 ? -3.386  -17.564 -7.294  1.00 12.04 ? 30  DA  C "C2'" 1 
ATOM   596 C  "C1'" . DA  C 1 10 ? -4.617  -16.660 -7.383  1.00 12.30 ? 30  DA  C "C1'" 1 
ATOM   597 N  N9    . DA  C 1 10 ? -4.973  -16.182 -8.719  1.00 12.16 ? 30  DA  C N9    1 
ATOM   598 C  C8    . DA  C 1 10 ? -4.154  -16.038 -9.804  1.00 11.65 ? 30  DA  C C8    1 
ATOM   599 N  N7    . DA  C 1 10 ? -4.760  -15.567 -10.866 1.00 12.26 ? 30  DA  C N7    1 
ATOM   600 C  C5    . DA  C 1 10 ? -6.072  -15.375 -10.454 1.00 12.40 ? 30  DA  C C5    1 
ATOM   601 C  C6    . DA  C 1 10 ? -7.229  -14.897 -11.113 1.00 12.20 ? 30  DA  C C6    1 
ATOM   602 N  N6    . DA  C 1 10 ? -7.247  -14.496 -12.387 1.00 12.36 ? 30  DA  C N6    1 
ATOM   603 N  N1    . DA  C 1 10 ? -8.378  -14.833 -10.410 1.00 11.96 ? 30  DA  C N1    1 
ATOM   604 C  C2    . DA  C 1 10 ? -8.379  -15.228 -9.130  1.00 12.43 ? 30  DA  C C2    1 
ATOM   605 N  N3    . DA  C 1 10 ? -7.362  -15.695 -8.406  1.00 12.34 ? 30  DA  C N3    1 
ATOM   606 C  C4    . DA  C 1 10 ? -6.222  -15.746 -9.130  1.00 12.79 ? 30  DA  C C4    1 
ATOM   607 O  "O5'" . DT  D 1 1  ? -16.778 -11.812 -10.888 1.00 15.45 ? 31  DT  D "O5'" 1 
ATOM   608 C  "C5'" . DT  D 1 1  ? -17.507 -13.030 -10.701 1.00 14.45 ? 31  DT  D "C5'" 1 
ATOM   609 C  "C4'" . DT  D 1 1  ? -16.630 -14.122 -10.111 1.00 13.84 ? 31  DT  D "C4'" 1 
ATOM   610 O  "O4'" . DT  D 1 1  ? -15.472 -14.315 -10.964 1.00 13.65 ? 31  DT  D "O4'" 1 
ATOM   611 C  "C3'" . DT  D 1 1  ? -16.089 -13.855 -8.705  1.00 13.62 ? 31  DT  D "C3'" 1 
ATOM   612 O  "O3'" . DT  D 1 1  ? -16.259 -15.018 -7.910  1.00 13.47 ? 31  DT  D "O3'" 1 
ATOM   613 C  "C2'" . DT  D 1 1  ? -14.606 -13.555 -8.914  1.00 12.86 ? 31  DT  D "C2'" 1 
ATOM   614 C  "C1'" . DT  D 1 1  ? -14.313 -14.386 -10.158 1.00 12.88 ? 31  DT  D "C1'" 1 
ATOM   615 N  N1    . DT  D 1 1  ? -13.100 -13.968 -10.935 1.00 12.57 ? 31  DT  D N1    1 
ATOM   616 C  C2    . DT  D 1 1  ? -11.858 -14.403 -10.498 1.00 12.08 ? 31  DT  D C2    1 
ATOM   617 O  O2    . DT  D 1 1  ? -11.695 -15.104 -9.513  1.00 11.58 ? 31  DT  D O2    1 
ATOM   618 N  N3    . DT  D 1 1  ? -10.805 -13.988 -11.272 1.00 11.55 ? 31  DT  D N3    1 
ATOM   619 C  C4    . DT  D 1 1  ? -10.857 -13.202 -12.409 1.00 12.41 ? 31  DT  D C4    1 
ATOM   620 O  O4    . DT  D 1 1  ? -9.824  -12.897 -13.011 1.00 12.57 ? 31  DT  D O4    1 
ATOM   621 C  C5    . DT  D 1 1  ? -12.189 -12.773 -12.807 1.00 12.18 ? 31  DT  D C5    1 
ATOM   622 C  C7    . DT  D 1 1  ? -12.399 -11.803 -13.934 1.00 12.22 ? 31  DT  D C7    1 
ATOM   623 C  C6    . DT  D 1 1  ? -13.230 -13.175 -12.062 1.00 12.10 ? 31  DT  D C6    1 
ATOM   624 P  P     . DC  D 1 2  ? -17.349 -15.049 -6.745  1.00 14.66 ? 32  DC  D P     1 
ATOM   625 O  OP1   . DC  D 1 2  ? -17.401 -16.441 -6.245  1.00 14.50 ? 32  DC  D OP1   1 
ATOM   626 O  OP2   . DC  D 1 2  ? -18.589 -14.397 -7.237  1.00 14.56 ? 32  DC  D OP2   1 
ATOM   627 O  "O5'" . DC  D 1 2  ? -16.759 -14.069 -5.629  1.00 14.10 ? 32  DC  D "O5'" 1 
ATOM   628 C  "C5'" . DC  D 1 2  ? -15.674 -14.446 -4.798  1.00 15.90 ? 32  DC  D "C5'" 1 
ATOM   629 C  "C4'" . DC  D 1 2  ? -14.904 -13.234 -4.298  1.00 16.29 ? 32  DC  D "C4'" 1 
ATOM   630 O  "O4'" . DC  D 1 2  ? -14.104 -12.696 -5.377  1.00 16.24 ? 32  DC  D "O4'" 1 
ATOM   631 C  "C3'" . DC  D 1 2  ? -15.727 -12.056 -3.782  1.00 17.42 ? 32  DC  D "C3'" 1 
ATOM   632 O  "O3'" . DC  D 1 2  ? -15.095 -11.555 -2.610  1.00 19.69 ? 32  DC  D "O3'" 1 
ATOM   633 C  "C2'" . DC  D 1 2  ? -15.678 -11.048 -4.931  1.00 16.57 ? 32  DC  D "C2'" 1 
ATOM   634 C  "C1'" . DC  D 1 2  ? -14.260 -11.293 -5.437  1.00 15.14 ? 32  DC  D "C1'" 1 
ATOM   635 N  N1    . DC  D 1 2  ? -13.920 -10.873 -6.841  1.00 14.70 ? 32  DC  D N1    1 
ATOM   636 C  C2    . DC  D 1 2  ? -12.589 -11.027 -7.277  1.00 14.52 ? 32  DC  D C2    1 
ATOM   637 O  O2    . DC  D 1 2  ? -11.734 -11.494 -6.507  1.00 14.66 ? 32  DC  D O2    1 
ATOM   638 N  N3    . DC  D 1 2  ? -12.267 -10.659 -8.542  1.00 13.92 ? 32  DC  D N3    1 
ATOM   639 C  C4    . DC  D 1 2  ? -13.199 -10.157 -9.358  1.00 14.08 ? 32  DC  D C4    1 
ATOM   640 N  N4    . DC  D 1 2  ? -12.815 -9.811  -10.591 1.00 13.64 ? 32  DC  D N4    1 
ATOM   641 C  C5    . DC  D 1 2  ? -14.557 -9.987  -8.940  1.00 13.89 ? 32  DC  D C5    1 
ATOM   642 C  C6    . DC  D 1 2  ? -14.867 -10.352 -7.686  1.00 14.44 ? 32  DC  D C6    1 
ATOM   643 P  P     . DG  D 1 3  ? -15.659 -11.921 -1.154  1.00 20.55 ? 33  DG  D P     1 
ATOM   644 O  OP1   . DG  D 1 3  ? -15.858 -13.387 -1.075  1.00 21.63 ? 33  DG  D OP1   1 
ATOM   645 O  OP2   . DG  D 1 3  ? -16.779 -10.990 -0.897  1.00 20.95 ? 33  DG  D OP2   1 
ATOM   646 O  "O5'" . DG  D 1 3  ? -14.444 -11.553 -0.184  1.00 20.63 ? 33  DG  D "O5'" 1 
ATOM   647 C  "C5'" . DG  D 1 3  ? -13.239 -12.323 -0.208  1.00 20.95 ? 33  DG  D "C5'" 1 
ATOM   648 C  "C4'" . DG  D 1 3  ? -11.994 -11.440 -0.219  1.00 21.56 ? 33  DG  D "C4'" 1 
ATOM   649 O  "O4'" . DG  D 1 3  ? -11.799 -10.859 -1.537  1.00 20.81 ? 33  DG  D "O4'" 1 
ATOM   650 C  "C3'" . DG  D 1 3  ? -11.972 -10.257 0.745   1.00 22.04 ? 33  DG  D "C3'" 1 
ATOM   651 O  "O3'" . DG  D 1 3  ? -10.627 -10.019 1.109   1.00 24.27 ? 33  DG  D "O3'" 1 
ATOM   652 C  "C2'" . DG  D 1 3  ? -12.491 -9.112  -0.119  1.00 21.25 ? 33  DG  D "C2'" 1 
ATOM   653 C  "C1'" . DG  D 1 3  ? -11.793 -9.445  -1.438  1.00 19.80 ? 33  DG  D "C1'" 1 
ATOM   654 N  N9    . DG  D 1 3  ? -12.412 -8.901  -2.645  1.00 19.01 ? 33  DG  D N9    1 
ATOM   655 C  C8    . DG  D 1 3  ? -13.720 -8.516  -2.822  1.00 18.80 ? 33  DG  D C8    1 
ATOM   656 N  N7    . DG  D 1 3  ? -13.970 -8.070  -4.019  1.00 18.95 ? 33  DG  D N7    1 
ATOM   657 C  C5    . DG  D 1 3  ? -12.752 -8.158  -4.681  1.00 18.72 ? 33  DG  D C5    1 
ATOM   658 C  C6    . DG  D 1 3  ? -12.407 -7.825  -6.014  1.00 18.86 ? 33  DG  D C6    1 
ATOM   659 O  O6    . DG  D 1 3  ? -13.141 -7.355  -6.896  1.00 18.75 ? 33  DG  D O6    1 
ATOM   660 N  N1    . DG  D 1 3  ? -11.057 -8.070  -6.289  1.00 19.02 ? 33  DG  D N1    1 
ATOM   661 C  C2    . DG  D 1 3  ? -10.158 -8.586  -5.384  1.00 18.79 ? 33  DG  D C2    1 
ATOM   662 N  N2    . DG  D 1 3  ? -8.906  -8.759  -5.820  1.00 18.72 ? 33  DG  D N2    1 
ATOM   663 N  N3    . DG  D 1 3  ? -10.472 -8.908  -4.132  1.00 18.79 ? 33  DG  D N3    1 
ATOM   664 C  C4    . DG  D 1 3  ? -11.782 -8.671  -3.850  1.00 18.78 ? 33  DG  D C4    1 
ATOM   665 P  P     . DG  D 1 4  ? -10.089 -10.115 2.613   1.00 24.60 ? 34  DG  D P     1 
ATOM   666 O  OP1   . DG  D 1 4  ? -10.351 -11.472 3.139   1.00 25.93 ? 34  DG  D OP1   1 
ATOM   667 O  OP2   . DG  D 1 4  ? -10.578 -8.921  3.339   1.00 25.73 ? 34  DG  D OP2   1 
ATOM   668 O  "O5'" . DG  D 1 4  ? -8.514  -9.947  2.403   1.00 24.01 ? 34  DG  D "O5'" 1 
ATOM   669 C  "C5'" . DG  D 1 4  ? -7.805  -10.820 1.543   1.00 22.93 ? 34  DG  D "C5'" 1 
ATOM   670 C  "C4'" . DG  D 1 4  ? -6.642  -10.115 0.855   1.00 22.19 ? 34  DG  D "C4'" 1 
ATOM   671 O  "O4'" . DG  D 1 4  ? -7.091  -9.337  -0.283  1.00 21.10 ? 34  DG  D "O4'" 1 
ATOM   672 C  "C3'" . DG  D 1 4  ? -5.810  -9.144  1.688   1.00 22.27 ? 34  DG  D "C3'" 1 
ATOM   673 O  "O3'" . DG  D 1 4  ? -4.468  -9.272  1.225   1.00 22.70 ? 34  DG  D "O3'" 1 
ATOM   674 C  "C2'" . DG  D 1 4  ? -6.423  -7.777  1.373   1.00 21.33 ? 34  DG  D "C2'" 1 
ATOM   675 C  "C1'" . DG  D 1 4  ? -6.839  -7.956  -0.087  1.00 19.66 ? 34  DG  D "C1'" 1 
ATOM   676 N  N9    . DG  D 1 4  ? -8.065  -7.291  -0.524  1.00 19.05 ? 34  DG  D N9    1 
ATOM   677 C  C8    . DG  D 1 4  ? -9.249  -7.145  0.163   1.00 18.51 ? 34  DG  D C8    1 
ATOM   678 N  N7    . DG  D 1 4  ? -10.169 -6.522  -0.520  1.00 18.55 ? 34  DG  D N7    1 
ATOM   679 C  C5    . DG  D 1 4  ? -9.566  -6.250  -1.745  1.00 18.51 ? 34  DG  D C5    1 
ATOM   680 C  C6    . DG  D 1 4  ? -10.072 -5.593  -2.894  1.00 18.62 ? 34  DG  D C6    1 
ATOM   681 O  O6    . DG  D 1 4  ? -11.199 -5.115  -3.064  1.00 18.81 ? 34  DG  D O6    1 
ATOM   682 N  N1    . DG  D 1 4  ? -9.131  -5.519  -3.921  1.00 18.61 ? 34  DG  D N1    1 
ATOM   683 C  C2    . DG  D 1 4  ? -7.848  -6.027  -3.847  1.00 18.68 ? 34  DG  D C2    1 
ATOM   684 N  N2    . DG  D 1 4  ? -7.077  -5.868  -4.933  1.00 18.36 ? 34  DG  D N2    1 
ATOM   685 N  N3    . DG  D 1 4  ? -7.360  -6.646  -2.775  1.00 18.34 ? 34  DG  D N3    1 
ATOM   686 C  C4    . DG  D 1 4  ? -8.269  -6.721  -1.764  1.00 18.82 ? 34  DG  D C4    1 
ATOM   687 P  P     . DC  D 1 5  ? -3.227  -8.551  1.928   1.00 23.89 ? 35  DC  D P     1 
ATOM   688 O  OP1   . DC  D 1 5  ? -2.066  -9.461  1.766   1.00 22.62 ? 35  DC  D OP1   1 
ATOM   689 O  OP2   . DC  D 1 5  ? -3.634  -8.053  3.264   1.00 22.82 ? 35  DC  D OP2   1 
ATOM   690 O  "O5'" . DC  D 1 5  ? -3.015  -7.269  0.995   1.00 21.91 ? 35  DC  D "O5'" 1 
ATOM   691 C  "C5'" . DC  D 1 5  ? -2.566  -7.425  -0.354  1.00 20.19 ? 35  DC  D "C5'" 1 
ATOM   692 C  "C4'" . DC  D 1 5  ? -2.619  -6.094  -1.080  1.00 18.94 ? 35  DC  D "C4'" 1 
ATOM   693 O  "O4'" . DC  D 1 5  ? -4.000  -5.696  -1.232  1.00 18.09 ? 35  DC  D "O4'" 1 
ATOM   694 C  "C3'" . DC  D 1 5  ? -1.934  -4.953  -0.341  1.00 18.42 ? 35  DC  D "C3'" 1 
ATOM   695 O  "O3'" . DC  D 1 5  ? -0.722  -4.665  -1.035  1.00 17.85 ? 35  DC  D "O3'" 1 
ATOM   696 C  "C2'" . DC  D 1 5  ? -2.945  -3.797  -0.350  1.00 17.83 ? 35  DC  D "C2'" 1 
ATOM   697 C  "C1'" . DC  D 1 5  ? -4.091  -4.289  -1.230  1.00 17.34 ? 35  DC  D "C1'" 1 
ATOM   698 N  N1    . DC  D 1 5  ? -5.491  -3.983  -0.766  1.00 17.02 ? 35  DC  D N1    1 
ATOM   699 C  C2    . DC  D 1 5  ? -6.422  -3.386  -1.644  1.00 16.79 ? 35  DC  D C2    1 
ATOM   700 O  O2    . DC  D 1 5  ? -6.084  -3.087  -2.802  1.00 16.14 ? 35  DC  D O2    1 
ATOM   701 N  N3    . DC  D 1 5  ? -7.684  -3.148  -1.192  1.00 16.14 ? 35  DC  D N3    1 
ATOM   702 C  C4    . DC  D 1 5  ? -8.030  -3.483  0.059   1.00 16.65 ? 35  DC  D C4    1 
ATOM   703 N  N4    . DC  D 1 5  ? -9.282  -3.235  0.463   1.00 16.58 ? 35  DC  D N4    1 
ATOM   704 C  C5    . DC  D 1 5  ? -7.103  -4.092  0.961   1.00 16.49 ? 35  DC  D C5    1 
ATOM   705 C  C6    . DC  D 1 5  ? -5.866  -4.325  0.508   1.00 16.52 ? 35  DC  D C6    1 
ATOM   706 P  P     . DG  D 1 6  ? 0.303   -3.545  -0.527  1.00 17.57 ? 36  DG  D P     1 
ATOM   707 O  OP1   . DG  D 1 6  ? 1.628   -3.865  -1.111  1.00 17.86 ? 36  DG  D OP1   1 
ATOM   708 O  OP2   . DG  D 1 6  ? 0.179   -3.327  0.935   1.00 17.16 ? 36  DG  D OP2   1 
ATOM   709 O  "O5'" . DG  D 1 6  ? -0.293  -2.248  -1.243  1.00 16.20 ? 36  DG  D "O5'" 1 
ATOM   710 C  "C5'" . DG  D 1 6  ? -0.380  -2.189  -2.650  1.00 14.24 ? 36  DG  D "C5'" 1 
ATOM   711 C  "C4'" . DG  D 1 6  ? -1.074  -0.918  -3.082  1.00 13.73 ? 36  DG  D "C4'" 1 
ATOM   712 O  "O4'" . DG  D 1 6  ? -2.429  -0.962  -2.584  1.00 13.05 ? 36  DG  D "O4'" 1 
ATOM   713 C  "C3'" . DG  D 1 6  ? -0.456  0.381   -2.560  1.00 13.44 ? 36  DG  D "C3'" 1 
ATOM   714 O  "O3'" . DG  D 1 6  ? -0.416  1.341   -3.608  1.00 13.77 ? 36  DG  D "O3'" 1 
ATOM   715 C  "C2'" . DG  D 1 6  ? -1.430  0.817   -1.465  1.00 12.96 ? 36  DG  D "C2'" 1 
ATOM   716 C  "C1'" . DG  D 1 6  ? -2.755  0.278   -2.001  1.00 12.24 ? 36  DG  D "C1'" 1 
ATOM   717 N  N9    . DG  D 1 6  ? -3.813  0.017   -1.024  1.00 12.23 ? 36  DG  D N9    1 
ATOM   718 C  C8    . DG  D 1 6  ? -3.674  -0.487  0.250   1.00 12.00 ? 36  DG  D C8    1 
ATOM   719 N  N7    . DG  D 1 6  ? -4.811  -0.618  0.879   1.00 12.23 ? 36  DG  D N7    1 
ATOM   720 C  C5    . DG  D 1 6  ? -5.765  -0.180  -0.032  1.00 11.45 ? 36  DG  D C5    1 
ATOM   721 C  C6    . DG  D 1 6  ? -7.177  -0.087  0.088   1.00 11.90 ? 36  DG  D C6    1 
ATOM   722 O  O6    . DG  D 1 6  ? -7.878  -0.393  1.062   1.00 11.89 ? 36  DG  D O6    1 
ATOM   723 N  N1    . DG  D 1 6  ? -7.777  0.417   -1.069  1.00 11.32 ? 36  DG  D N1    1 
ATOM   724 C  C2    . DG  D 1 6  ? -7.091  0.784   -2.206  1.00 12.11 ? 36  DG  D C2    1 
ATOM   725 N  N2    . DG  D 1 6  ? -7.818  1.252   -3.234  1.00 11.75 ? 36  DG  D N2    1 
ATOM   726 N  N3    . DG  D 1 6  ? -5.770  0.701   -2.324  1.00 12.13 ? 36  DG  D N3    1 
ATOM   727 C  C4    . DG  D 1 6  ? -5.169  0.212   -1.208  1.00 11.79 ? 36  DG  D C4    1 
ATOM   728 P  P     . DC  D 1 7  ? 0.746   1.432   -4.712  1.00 13.36 ? 37  DC  D P     1 
ATOM   729 O  OP1   . DC  D 1 7  ? 0.275   2.449   -5.686  1.00 13.95 ? 37  DC  D OP1   1 
ATOM   730 O  OP2   . DC  D 1 7  ? 1.129   0.085   -5.179  1.00 13.29 ? 37  DC  D OP2   1 
ATOM   731 O  "O5'" . DC  D 1 7  ? 1.976   2.022   -3.879  1.00 13.62 ? 37  DC  D "O5'" 1 
ATOM   732 C  "C5'" . DC  D 1 7  ? 2.016   3.405   -3.528  1.00 13.30 ? 37  DC  D "C5'" 1 
ATOM   733 C  "C4'" . DC  D 1 7  ? 3.409   3.784   -3.060  1.00 13.74 ? 37  DC  D "C4'" 1 
ATOM   734 O  "O4'" . DC  D 1 7  ? 3.831   2.847   -2.041  1.00 13.35 ? 37  DC  D "O4'" 1 
ATOM   735 C  "C3'" . DC  D 1 7  ? 4.494   3.755   -4.134  1.00 13.44 ? 37  DC  D "C3'" 1 
ATOM   736 O  "O3'" . DC  D 1 7  ? 5.388   4.837   -3.910  1.00 14.78 ? 37  DC  D "O3'" 1 
ATOM   737 C  "C2'" . DC  D 1 7  ? 5.195   2.414   -3.922  1.00 13.05 ? 37  DC  D "C2'" 1 
ATOM   738 C  "C1'" . DC  D 1 7  ? 5.027   2.191   -2.425  1.00 12.49 ? 37  DC  D "C1'" 1 
ATOM   739 N  N1    . DC  D 1 7  ? 4.963   0.759   -1.981  1.00 11.91 ? 37  DC  D N1    1 
ATOM   740 C  C2    . DC  D 1 7  ? 6.153   0.013   -1.855  1.00 10.81 ? 37  DC  D C2    1 
ATOM   741 O  O2    . DC  D 1 7  ? 7.244   0.531   -2.125  1.00 10.21 ? 37  DC  D O2    1 
ATOM   742 N  N3    . DC  D 1 7  ? 6.078   -1.274  -1.433  1.00 11.15 ? 37  DC  D N3    1 
ATOM   743 C  C4    . DC  D 1 7  ? 4.892   -1.823  -1.145  1.00 11.00 ? 37  DC  D C4    1 
ATOM   744 N  N4    . DC  D 1 7  ? 4.888   -3.095  -0.741  1.00 10.88 ? 37  DC  D N4    1 
ATOM   745 C  C5    . DC  D 1 7  ? 3.668   -1.092  -1.271  1.00 10.67 ? 37  DC  D C5    1 
ATOM   746 C  C6    . DC  D 1 7  ? 3.750   0.181   -1.685  1.00 11.62 ? 37  DC  D C6    1 
ATOM   747 P  P     . DC  D 1 8  ? 5.675   5.906   -5.062  1.00 15.23 ? 38  DC  D P     1 
ATOM   748 O  OP1   . DC  D 1 8  ? 6.347   7.062   -4.431  1.00 15.51 ? 38  DC  D OP1   1 
ATOM   749 O  OP2   . DC  D 1 8  ? 4.439   6.097   -5.859  1.00 16.21 ? 38  DC  D OP2   1 
ATOM   750 O  "O5'" . DC  D 1 8  ? 6.688   5.137   -6.029  1.00 15.35 ? 38  DC  D "O5'" 1 
ATOM   751 C  "C5'" . DC  D 1 8  ? 8.052   4.851   -5.680  1.00 14.76 ? 38  DC  D "C5'" 1 
ATOM   752 C  "C4'" . DC  D 1 8  ? 8.667   3.897   -6.702  1.00 13.48 ? 38  DC  D "C4'" 1 
ATOM   753 O  "O4'" . DC  D 1 8  ? 8.212   2.543   -6.459  1.00 12.79 ? 38  DC  D "O4'" 1 
ATOM   754 C  "C3'" . DC  D 1 8  ? 8.321   4.158   -8.168  1.00 13.60 ? 38  DC  D "C3'" 1 
ATOM   755 O  "O3'" . DC  D 1 8  ? 9.443   3.839   -8.974  1.00 14.68 ? 38  DC  D "O3'" 1 
ATOM   756 C  "C2'" . DC  D 1 8  ? 7.165   3.200   -8.442  1.00 12.94 ? 38  DC  D "C2'" 1 
ATOM   757 C  "C1'" . DC  D 1 8  ? 7.575   1.998   -7.598  1.00 12.68 ? 38  DC  D "C1'" 1 
ATOM   758 N  N1    . DC  D 1 8  ? 6.482   1.124   -7.063  1.00 12.45 ? 38  DC  D N1    1 
ATOM   759 C  C2    . DC  D 1 8  ? 6.845   -0.041  -6.363  1.00 13.01 ? 38  DC  D C2    1 
ATOM   760 O  O2    . DC  D 1 8  ? 8.045   -0.321  -6.228  1.00 12.82 ? 38  DC  D O2    1 
ATOM   761 N  N3    . DC  D 1 8  ? 5.867   -0.837  -5.848  1.00 12.30 ? 38  DC  D N3    1 
ATOM   762 C  C4    . DC  D 1 8  ? 4.581   -0.506  -6.004  1.00 12.16 ? 38  DC  D C4    1 
ATOM   763 N  N4    . DC  D 1 8  ? 3.663   -1.327  -5.480  1.00 12.12 ? 38  DC  D N4    1 
ATOM   764 C  C5    . DC  D 1 8  ? 4.186   0.673   -6.715  1.00 11.65 ? 38  DC  D C5    1 
ATOM   765 C  C6    . DC  D 1 8  ? 5.159   1.452   -7.213  1.00 12.27 ? 38  DC  D C6    1 
ATOM   766 P  P     . DG  D 1 9  ? 10.423  4.985   -9.498  1.00 16.02 ? 39  DG  D P     1 
ATOM   767 O  OP1   . DG  D 1 9  ? 10.814  5.847   -8.361  1.00 15.88 ? 39  DG  D OP1   1 
ATOM   768 O  OP2   . DG  D 1 9  ? 9.790   5.569   -10.701 1.00 16.50 ? 39  DG  D OP2   1 
ATOM   769 O  "O5'" . DG  D 1 9  ? 11.706  4.167   -9.996  1.00 15.86 ? 39  DG  D "O5'" 1 
ATOM   770 C  "C5'" . DG  D 1 9  ? 12.559  3.492   -9.067  1.00 15.74 ? 39  DG  D "C5'" 1 
ATOM   771 C  "C4'" . DG  D 1 9  ? 12.983  2.122   -9.584  1.00 15.56 ? 39  DG  D "C4'" 1 
ATOM   772 O  "O4'" . DG  D 1 9  ? 11.895  1.169   -9.473  1.00 14.80 ? 39  DG  D "O4'" 1 
ATOM   773 C  "C3'" . DG  D 1 9  ? 13.407  2.019   -11.044 1.00 15.48 ? 39  DG  D "C3'" 1 
ATOM   774 O  "O3'" . DG  D 1 9  ? 14.271  0.904   -11.160 1.00 17.39 ? 39  DG  D "O3'" 1 
ATOM   775 C  "C2'" . DG  D 1 9  ? 12.093  1.716   -11.751 1.00 13.92 ? 39  DG  D "C2'" 1 
ATOM   776 C  "C1'" . DG  D 1 9  ? 11.514  0.709   -10.764 1.00 12.38 ? 39  DG  D "C1'" 1 
ATOM   777 N  N9    . DG  D 1 9  ? 10.062  0.593   -10.715 1.00 11.50 ? 39  DG  D N9    1 
ATOM   778 C  C8    . DG  D 1 9  ? 9.124   1.494   -11.157 1.00 11.10 ? 39  DG  D C8    1 
ATOM   779 N  N7    . DG  D 1 9  ? 7.901   1.096   -10.944 1.00 11.63 ? 39  DG  D N7    1 
ATOM   780 C  C5    . DG  D 1 9  ? 8.036   -0.136  -10.313 1.00 10.97 ? 39  DG  D C5    1 
ATOM   781 C  C6    . DG  D 1 9  ? 7.052   -1.040  -9.838  1.00 10.84 ? 39  DG  D C6    1 
ATOM   782 O  O6    . DG  D 1 9  ? 5.824   -0.924  -9.878  1.00 11.12 ? 39  DG  D O6    1 
ATOM   783 N  N1    . DG  D 1 9  ? 7.607   -2.179  -9.269  1.00 10.46 ? 39  DG  D N1    1 
ATOM   784 C  C2    . DG  D 1 9  ? 8.959   -2.418  -9.155  1.00 10.91 ? 39  DG  D C2    1 
ATOM   785 N  N2    . DG  D 1 9  ? 9.301   -3.571  -8.566  1.00 11.25 ? 39  DG  D N2    1 
ATOM   786 N  N3    . DG  D 1 9  ? 9.898   -1.588  -9.592  1.00 10.28 ? 39  DG  D N3    1 
ATOM   787 C  C4    . DG  D 1 9  ? 9.365   -0.463  -10.160 1.00 11.33 ? 39  DG  D C4    1 
ATOM   788 P  P     . DA  D 1 10 ? 15.765  1.049   -11.696 1.00 17.98 ? 40  DA  D P     1 
ATOM   789 O  OP1   . DA  D 1 10 ? 16.599  1.661   -10.640 1.00 18.10 ? 40  DA  D OP1   1 
ATOM   790 O  OP2   . DA  D 1 10 ? 15.666  1.667   -13.035 1.00 18.16 ? 40  DA  D OP2   1 
ATOM   791 O  "O5'" . DA  D 1 10 ? 16.216  -0.474  -11.878 1.00 16.80 ? 40  DA  D "O5'" 1 
ATOM   792 C  "C5'" . DA  D 1 10 ? 16.337  -1.362  -10.768 1.00 15.77 ? 40  DA  D "C5'" 1 
ATOM   793 C  "C4'" . DA  D 1 10 ? 15.930  -2.776  -11.163 1.00 14.55 ? 40  DA  D "C4'" 1 
ATOM   794 O  "O4'" . DA  D 1 10 ? 14.499  -2.808  -11.404 1.00 13.63 ? 40  DA  D "O4'" 1 
ATOM   795 C  "C3'" . DA  D 1 10 ? 16.573  -3.359  -12.421 1.00 14.36 ? 40  DA  D "C3'" 1 
ATOM   796 O  "O3'" . DA  D 1 10 ? 16.832  -4.752  -12.233 1.00 15.07 ? 40  DA  D "O3'" 1 
ATOM   797 C  "C2'" . DA  D 1 10 ? 15.521  -3.141  -13.510 1.00 13.50 ? 40  DA  D "C2'" 1 
ATOM   798 C  "C1'" . DA  D 1 10 ? 14.221  -3.259  -12.713 1.00 11.70 ? 40  DA  D "C1'" 1 
ATOM   799 N  N9    . DA  D 1 10 ? 13.094  -2.449  -13.178 1.00 11.19 ? 40  DA  D N9    1 
ATOM   800 C  C8    . DA  D 1 10 ? 13.121  -1.277  -13.881 1.00 11.07 ? 40  DA  D C8    1 
ATOM   801 N  N7    . DA  D 1 10 ? 11.928  -0.791  -14.141 1.00 11.63 ? 40  DA  D N7    1 
ATOM   802 C  C5    . DA  D 1 10 ? 11.060  -1.703  -13.553 1.00 10.80 ? 40  DA  D C5    1 
ATOM   803 C  C6    . DA  D 1 10 ? 9.651   -1.772  -13.465 1.00 10.60 ? 40  DA  D C6    1 
ATOM   804 N  N6    . DA  D 1 10 ? 8.832   -0.856  -13.988 1.00 10.07 ? 40  DA  D N6    1 
ATOM   805 N  N1    . DA  D 1 10 ? 9.110   -2.826  -12.811 1.00 10.46 ? 40  DA  D N1    1 
ATOM   806 C  C2    . DA  D 1 10 ? 9.919   -3.752  -12.278 1.00 10.20 ? 40  DA  D C2    1 
ATOM   807 N  N3    . DA  D 1 10 ? 11.253  -3.792  -12.299 1.00 10.02 ? 40  DA  D N3    1 
ATOM   808 C  C4    . DA  D 1 10 ? 11.766  -2.731  -12.956 1.00 10.61 ? 40  DA  D C4    1 
HETATM 809 CA CA    . CA  E 2 .  ? 12.162  -6.053  -6.309  1.00 21.22 ? 60  CA  A CA    1 
HETATM 810 NA NA    . NA  F 3 .  ? 6.046   2.085   14.947  1.00 14.97 ? 106 NA  B NA    1 
HETATM 811 NA NA    . NA  G 3 .  ? 0.082   -4.236  -5.599  1.00 19.70 ? 42  NA  D NA    1 
HETATM 812 CA CA    . CA  H 2 .  ? -8.650  -12.858 -3.116  1.00 22.80 ? 77  CA  D CA    1 
HETATM 813 O  O     . HOH I 4 .  ? 1.272   -1.769  -8.930  1.00 5.19  ? 44  HOH A O     1 
HETATM 814 O  O     . HOH I 4 .  ? 1.821   0.768   -9.667  1.00 21.15 ? 46  HOH A O     1 
HETATM 815 O  O     . HOH I 4 .  ? 4.911   -8.586  -14.343 1.00 4.67  ? 52  HOH A O     1 
HETATM 816 O  O     . HOH I 4 .  ? 2.215   -9.473  -13.896 1.00 12.75 ? 53  HOH A O     1 
HETATM 817 O  O     . HOH I 4 .  ? 0.830   -3.767  -10.477 1.00 9.02  ? 55  HOH A O     1 
HETATM 818 O  O     . HOH I 4 .  ? 8.828   -7.625  -8.829  1.00 9.80  ? 57  HOH A O     1 
HETATM 819 O  O     . HOH I 4 .  ? 9.600   -6.695  -5.902  1.00 7.37  ? 59  HOH A O     1 
HETATM 820 O  O     . HOH I 4 .  ? 12.382  -3.707  -6.875  1.00 10.24 ? 61  HOH A O     1 
HETATM 821 O  O     . HOH I 4 .  ? 14.244  -5.817  -5.045  1.00 14.55 ? 62  HOH A O     1 
HETATM 822 O  O     . HOH I 4 .  ? 12.025  -8.275  -5.677  1.00 19.78 ? 63  HOH A O     1 
HETATM 823 O  O     . HOH I 4 .  ? 11.538  -4.855  -4.003  1.00 16.91 ? 64  HOH A O     1 
HETATM 824 O  O     . HOH I 4 .  ? 14.972  -3.083  -4.383  1.00 16.61 ? 67  HOH A O     1 
HETATM 825 O  O     . HOH I 4 .  ? 12.864  -1.597  -2.848  1.00 21.67 ? 68  HOH A O     1 
HETATM 826 O  O     . HOH I 4 .  ? 8.141   -8.087  -11.373 1.00 13.48 ? 74  HOH A O     1 
HETATM 827 O  O     . HOH I 4 .  ? 4.116   6.236   14.562  1.00 5.91  ? 100 HOH A O     1 
HETATM 828 O  O     . HOH I 4 .  ? 5.242   7.071   10.657  1.00 9.12  ? 102 HOH A O     1 
HETATM 829 O  O     . HOH I 4 .  ? 11.042  11.644  11.683  1.00 9.49  ? 115 HOH A O     1 
HETATM 830 O  O     . HOH I 4 .  ? 11.754  -1.531  -5.425  1.00 11.91 ? 123 HOH A O     1 
HETATM 831 O  O     . HOH I 4 .  ? 0.400   -6.127  -7.055  1.00 9.18  ? 126 HOH A O     1 
HETATM 832 O  O     . HOH I 4 .  ? 9.849   -13.595 -4.488  1.00 34.38 ? 137 HOH A O     1 
HETATM 833 O  O     . HOH I 4 .  ? 9.573   -12.046 -6.588  1.00 23.58 ? 138 HOH A O     1 
HETATM 834 O  O     . HOH I 4 .  ? 5.857   -13.479 -5.717  1.00 29.94 ? 139 HOH A O     1 
HETATM 835 O  O     . HOH I 4 .  ? 2.566   10.399  6.776   1.00 20.48 ? 153 HOH A O     1 
HETATM 836 O  O     . HOH I 4 .  ? 3.539   13.694  6.021   1.00 33.94 ? 154 HOH A O     1 
HETATM 837 O  O     . HOH I 4 .  ? 10.833  12.086  6.801   1.00 22.50 ? 156 HOH A O     1 
HETATM 838 O  O     . HOH I 4 .  ? 14.944  7.694   8.604   1.00 12.18 ? 157 HOH A O     1 
HETATM 839 O  O     . HOH I 4 .  ? 15.884  5.748   7.177   1.00 30.41 ? 158 HOH A O     1 
HETATM 840 O  O     . HOH I 4 .  ? 14.654  3.480   7.977   1.00 22.11 ? 159 HOH A O     1 
HETATM 841 O  O     . HOH I 4 .  ? 10.125  -5.064  4.804   1.00 24.63 ? 169 HOH A O     1 
HETATM 842 O  O     . HOH I 4 .  ? 10.338  -12.425 -0.660  1.00 37.54 ? 170 HOH A O     1 
HETATM 843 O  O     . HOH I 4 .  ? 14.113  -9.867  -4.276  1.00 29.01 ? 171 HOH A O     1 
HETATM 844 O  O     . HOH I 4 .  ? 16.477  -7.587  -4.630  1.00 41.15 ? 172 HOH A O     1 
HETATM 845 O  O     . HOH I 4 .  ? 14.561  -1.184  5.385   1.00 25.12 ? 179 HOH A O     1 
HETATM 846 O  O     . HOH I 4 .  ? 15.576  -2.871  3.266   1.00 30.45 ? 180 HOH A O     1 
HETATM 847 O  O     . HOH I 4 .  ? 6.565   3.834   15.970  1.00 18.77 ? 182 HOH A O     1 
HETATM 848 O  O     . HOH I 4 .  ? 7.031   5.846   3.459   1.00 26.76 ? 185 HOH A O     1 
HETATM 849 O  O     . HOH I 4 .  ? 17.492  -3.180  -3.315  1.00 21.80 ? 186 HOH A O     1 
HETATM 850 O  O     . HOH I 4 .  ? 17.533  2.834   4.584   0.50 32.06 ? 190 HOH A O     1 
HETATM 851 O  O     . HOH I 4 .  ? 10.076  5.055   2.254   1.00 26.91 ? 194 HOH A O     1 
HETATM 852 O  O     . HOH I 4 .  ? 11.239  3.144   -0.585  1.00 27.03 ? 195 HOH A O     1 
HETATM 853 O  O     . HOH I 4 .  ? 3.319   -12.547 -5.462  1.00 33.94 ? 200 HOH A O     1 
HETATM 854 O  O     . HOH I 4 .  ? 6.653   -6.048  1.940   1.00 31.88 ? 201 HOH A O     1 
HETATM 855 O  O     . HOH I 4 .  ? -2.217  7.199   13.102  1.00 29.00 ? 202 HOH A O     1 
HETATM 856 O  O     . HOH I 4 .  ? 5.005   1.050   -13.770 1.00 26.69 ? 210 HOH A O     1 
HETATM 857 O  O     . HOH I 4 .  ? 6.648   -9.843  -12.510 1.00 11.77 ? 215 HOH A O     1 
HETATM 858 O  O     . HOH I 4 .  ? 5.032   -12.969 -12.855 1.00 25.68 ? 216 HOH A O     1 
HETATM 859 O  O     . HOH J 4 .  ? -0.511  -0.636  1.504   1.00 7.97  ? 43  HOH B O     1 
HETATM 860 O  O     . HOH J 4 .  ? -0.335  5.311   -5.698  1.00 17.78 ? 47  HOH B O     1 
HETATM 861 O  O     . HOH J 4 .  ? -9.267  9.500   -1.831  1.00 14.73 ? 51  HOH B O     1 
HETATM 862 O  O     . HOH J 4 .  ? 5.238   4.614   1.068   1.00 23.62 ? 73  HOH B O     1 
HETATM 863 O  O     . HOH J 4 .  ? -6.951  4.067   -5.829  1.00 22.28 ? 96  HOH B O     1 
HETATM 864 O  O     . HOH J 4 .  ? 4.814   4.519   11.533  1.00 8.38  ? 101 HOH B O     1 
HETATM 865 O  O     . HOH J 4 .  ? 2.238   2.430   12.112  1.00 14.52 ? 103 HOH B O     1 
HETATM 866 O  O     . HOH J 4 .  ? 3.588   2.816   9.758   1.00 17.47 ? 104 HOH B O     1 
HETATM 867 O  O     . HOH J 4 .  ? 4.773   3.835   13.939  1.00 15.87 ? 105 HOH B O     1 
HETATM 868 O  O     . HOH J 4 .  ? 8.592   2.096   15.318  1.00 11.62 ? 107 HOH B O     1 
HETATM 869 O  O     . HOH J 4 .  ? 5.948   1.442   12.862  1.00 10.05 ? 108 HOH B O     1 
HETATM 870 O  O     . HOH J 4 .  ? 9.586   4.266   17.533  1.00 16.49 ? 109 HOH B O     1 
HETATM 871 O  O     . HOH J 4 .  ? 14.415  -0.218  20.510  1.00 23.25 ? 110 HOH B O     1 
HETATM 872 O  O     . HOH J 4 .  ? 16.581  4.809   14.504  1.00 12.24 ? 111 HOH B O     1 
HETATM 873 O  O     . HOH J 4 .  ? 17.170  2.641   15.768  1.00 24.12 ? 112 HOH B O     1 
HETATM 874 O  O     . HOH J 4 .  ? 16.230  9.406   15.087  1.00 10.27 ? 113 HOH B O     1 
HETATM 875 O  O     . HOH J 4 .  ? 14.891  9.364   12.513  1.00 19.55 ? 114 HOH B O     1 
HETATM 876 O  O     . HOH J 4 .  ? 10.484  13.522  14.424  1.00 27.95 ? 116 HOH B O     1 
HETATM 877 O  O     . HOH J 4 .  ? 4.445   3.956   4.757   1.00 21.81 ? 121 HOH B O     1 
HETATM 878 O  O     . HOH J 4 .  ? 2.519   -3.225  2.780   1.00 19.50 ? 133 HOH B O     1 
HETATM 879 O  O     . HOH J 4 .  ? -4.521  0.795   4.721   1.00 23.54 ? 141 HOH B O     1 
HETATM 880 O  O     . HOH J 4 .  ? 1.655   -3.305  6.090   1.00 26.80 ? 143 HOH B O     1 
HETATM 881 O  O     . HOH J 4 .  ? -9.275  8.854   -6.480  1.00 24.58 ? 146 HOH B O     1 
HETATM 882 O  O     . HOH J 4 .  ? -14.145 13.544  4.443   1.00 11.91 ? 149 HOH B O     1 
HETATM 883 O  O     . HOH J 4 .  ? -11.501 13.116  5.256   1.00 14.37 ? 150 HOH B O     1 
HETATM 884 O  O     . HOH J 4 .  ? -0.391  9.338   -2.247  1.00 19.64 ? 151 HOH B O     1 
HETATM 885 O  O     . HOH J 4 .  ? 0.158   9.848   1.865   1.00 15.89 ? 152 HOH B O     1 
HETATM 886 O  O     . HOH J 4 .  ? 13.646  11.284  11.298  1.00 10.50 ? 155 HOH B O     1 
HETATM 887 O  O     . HOH J 4 .  ? 15.183  3.971   10.506  1.00 15.73 ? 160 HOH B O     1 
HETATM 888 O  O     . HOH J 4 .  ? 5.341   -4.082  3.272   1.00 30.06 ? 168 HOH B O     1 
HETATM 889 O  O     . HOH J 4 .  ? 4.105   0.862   14.649  1.00 23.27 ? 181 HOH B O     1 
HETATM 890 O  O     . HOH J 4 .  ? 1.835   2.910   16.270  1.00 24.51 ? 183 HOH B O     1 
HETATM 891 O  O     . HOH J 4 .  ? -0.493  3.759   15.319  1.00 26.84 ? 184 HOH B O     1 
HETATM 892 O  O     . HOH J 4 .  ? -1.605  9.210   -4.576  1.00 28.24 ? 191 HOH B O     1 
HETATM 893 O  O     . HOH J 4 .  ? 10.505  -1.169  18.976  1.00 33.48 ? 192 HOH B O     1 
HETATM 894 O  O     . HOH J 4 .  ? 0.929   -3.346  13.756  1.00 38.87 ? 193 HOH B O     1 
HETATM 895 O  O     . HOH J 4 .  ? -11.064 11.776  0.616   1.00 30.86 ? 203 HOH B O     1 
HETATM 896 O  O     . HOH J 4 .  ? 8.708   -5.645  10.214  1.00 31.98 ? 207 HOH B O     1 
HETATM 897 O  O     . HOH J 4 .  ? 14.771  -1.744  18.408  1.00 30.62 ? 208 HOH B O     1 
HETATM 898 O  O     . HOH J 4 .  ? -7.932  4.765   -3.535  1.00 21.59 ? 209 HOH B O     1 
HETATM 899 O  O     . HOH J 4 .  ? 11.662  5.102   20.542  1.00 21.98 ? 218 HOH B O     1 
HETATM 900 O  O     . HOH J 4 .  ? -5.940  15.875  -3.991  1.00 28.94 ? 220 HOH B O     1 
HETATM 901 O  O     . HOH K 4 .  ? -12.496 8.981   4.280   1.00 9.99  ? 48  HOH C O     1 
HETATM 902 O  O     . HOH K 4 .  ? -12.428 6.830   3.121   1.00 9.85  ? 49  HOH C O     1 
HETATM 903 O  O     . HOH K 4 .  ? -12.849 6.047   -0.646  1.00 16.65 ? 50  HOH C O     1 
HETATM 904 O  O     . HOH K 4 .  ? -1.481  -4.437  -11.445 1.00 15.05 ? 54  HOH C O     1 
HETATM 905 O  O     . HOH K 4 .  ? -2.536  -3.424  -13.653 1.00 18.94 ? 56  HOH C O     1 
HETATM 906 O  O     . HOH K 4 .  ? -5.824  -8.961  -7.689  1.00 13.34 ? 75  HOH C O     1 
HETATM 907 O  O     . HOH K 4 .  ? -9.415  -14.439 -4.792  1.00 14.09 ? 77  HOH C O     1 
HETATM 908 O  O     . HOH K 4 .  ? -7.306  -11.997 -4.782  1.00 10.29 ? 78  HOH C O     1 
HETATM 909 O  O     . HOH K 4 .  ? -5.740  -13.019 -6.628  1.00 12.60 ? 80  HOH C O     1 
HETATM 910 O  O     . HOH K 4 .  ? -6.250  -17.200 -3.843  1.00 7.38  ? 81  HOH C O     1 
HETATM 911 O  O     . HOH K 4 .  ? -3.977  -11.383 -5.122  1.00 16.97 ? 82  HOH C O     1 
HETATM 912 O  O     . HOH K 4 .  ? -7.858  -16.439 -5.763  1.00 14.07 ? 85  HOH C O     1 
HETATM 913 O  O     . HOH K 4 .  ? -14.219 -4.889  -11.038 1.00 22.14 ? 92  HOH C O     1 
HETATM 914 O  O     . HOH K 4 .  ? -15.463 -3.272  -9.448  1.00 23.68 ? 93  HOH C O     1 
HETATM 915 O  O     . HOH K 4 .  ? -18.483 0.913   2.720   1.00 11.04 ? 94  HOH C O     1 
HETATM 916 O  O     . HOH K 4 .  ? -9.067  0.224   -7.137  1.00 31.09 ? 95  HOH C O     1 
HETATM 917 O  O     . HOH K 4 .  ? -16.370 0.173   -0.711  1.00 26.50 ? 97  HOH C O     1 
HETATM 918 O  O     . HOH K 4 .  ? -12.273 -1.915  3.069   1.00 21.91 ? 98  HOH C O     1 
HETATM 919 O  O     . HOH K 4 .  ? -11.985 -0.251  5.053   1.00 30.66 ? 99  HOH C O     1 
HETATM 920 O  O     . HOH K 4 .  ? 0.069   10.031  7.231   1.00 17.30 ? 122 HOH C O     1 
HETATM 921 O  O     . HOH K 4 .  ? -14.891 -0.958  2.306   1.00 30.57 ? 124 HOH C O     1 
HETATM 922 O  O     . HOH K 4 .  ? -5.383  -3.897  -7.554  1.00 20.08 ? 127 HOH C O     1 
HETATM 923 O  O     . HOH K 4 .  ? -4.790  -14.579 -2.271  1.00 19.55 ? 131 HOH C O     1 
HETATM 924 O  O     . HOH K 4 .  ? -5.171  -13.996 -14.141 1.00 16.85 ? 134 HOH C O     1 
HETATM 925 O  O     . HOH K 4 .  ? -3.561  -7.023  -15.134 1.00 23.82 ? 135 HOH C O     1 
HETATM 926 O  O     . HOH K 4 .  ? -9.652  -9.067  -13.912 1.00 14.65 ? 136 HOH C O     1 
HETATM 927 O  O     . HOH K 4 .  ? -1.990  -6.057  -8.281  1.00 25.40 ? 144 HOH C O     1 
HETATM 928 O  O     . HOH K 4 .  ? -3.326  -4.655  -16.084 1.00 21.59 ? 145 HOH C O     1 
HETATM 929 O  O     . HOH K 4 .  ? -9.972  3.328   -5.093  1.00 29.34 ? 147 HOH C O     1 
HETATM 930 O  O     . HOH K 4 .  ? -11.223 8.258   -0.138  1.00 20.27 ? 148 HOH C O     1 
HETATM 931 O  O     . HOH K 4 .  ? -8.823  0.233   5.180   1.00 28.50 ? 163 HOH C O     1 
HETATM 932 O  O     . HOH K 4 .  ? -2.140  -17.006 -2.419  1.00 26.60 ? 174 HOH C O     1 
HETATM 933 O  O     . HOH K 4 .  ? -2.587  -3.359  -8.589  1.00 28.38 ? 176 HOH C O     1 
HETATM 934 O  O     . HOH K 4 .  ? -15.737 0.498   4.505   1.00 26.01 ? 178 HOH C O     1 
HETATM 935 O  O     . HOH K 4 .  ? -8.812  -5.038  -14.249 1.00 36.19 ? 197 HOH C O     1 
HETATM 936 O  O     . HOH K 4 .  ? -6.656  12.641  10.532  1.00 31.55 ? 204 HOH C O     1 
HETATM 937 O  O     . HOH K 4 .  ? -8.199  13.479  8.386   1.00 23.17 ? 205 HOH C O     1 
HETATM 938 O  O     . HOH K 4 .  ? -9.692  11.464  12.565  1.00 26.99 ? 206 HOH C O     1 
HETATM 939 O  O     . HOH K 4 .  ? -14.855 8.030   -0.096  1.00 34.41 ? 221 HOH C O     1 
HETATM 940 O  O     . HOH K 4 .  ? -13.210 0.584   7.320   1.00 39.05 ? 222 HOH C O     1 
HETATM 941 O  O     . HOH K 4 .  ? -1.383  13.699  0.934   1.00 25.35 ? 225 HOH C O     1 
HETATM 942 O  O     . HOH L 4 .  ? 2.162   -4.700  -3.524  1.00 6.86  ? 41  HOH D O     1 
HETATM 943 O  O     . HOH L 4 .  ? 1.344   2.940   -8.083  1.00 18.57 ? 45  HOH D O     1 
HETATM 944 O  O     . HOH L 4 .  ? 11.106  -6.304  -8.513  1.00 4.87  ? 58  HOH D O     1 
HETATM 945 O  O     . HOH L 4 .  ? 12.320  -5.845  -10.853 1.00 12.79 ? 65  HOH D O     1 
HETATM 946 O  O     . HOH L 4 .  ? 12.652  -2.226  -9.224  1.00 6.55  ? 66  HOH D O     1 
HETATM 947 O  O     . HOH L 4 .  ? 15.600  -2.062  -6.841  1.00 19.49 ? 69  HOH D O     1 
HETATM 948 O  O     . HOH L 4 .  ? 10.565  0.642   -6.869  1.00 9.65  ? 70  HOH D O     1 
HETATM 949 O  O     . HOH L 4 .  ? 13.960  -0.486  -7.710  1.00 22.19 ? 71  HOH D O     1 
HETATM 950 O  O     . HOH L 4 .  ? 8.611   2.866   -2.764  1.00 20.32 ? 72  HOH D O     1 
HETATM 951 O  O     . HOH L 4 .  ? -11.113 -12.246 -3.795  1.00 14.66 ? 76  HOH D O     1 
HETATM 952 O  O     . HOH L 4 .  ? -6.441  -9.627  -5.152  1.00 11.24 ? 79  HOH D O     1 
HETATM 953 O  O     . HOH L 4 .  ? -5.065  -10.696 -1.972  1.00 15.78 ? 83  HOH D O     1 
HETATM 954 O  O     . HOH L 4 .  ? -12.237 -14.853 -5.682  1.00 21.54 ? 84  HOH D O     1 
HETATM 955 O  O     . HOH L 4 .  ? -9.550  -13.879 1.411   1.00 23.26 ? 86  HOH D O     1 
HETATM 956 O  O     . HOH L 4 .  ? -14.652 -15.586 -1.495  1.00 30.63 ? 87  HOH D O     1 
HETATM 957 O  O     . HOH L 4 .  ? -18.364 -17.045 -3.732  1.00 30.31 ? 88  HOH D O     1 
HETATM 958 O  O     . HOH L 4 .  ? -15.863 -10.856 -13.259 1.00 11.36 ? 89  HOH D O     1 
HETATM 959 O  O     . HOH L 4 .  ? -16.298 -11.346 -15.699 1.00 25.50 ? 90  HOH D O     1 
HETATM 960 O  O     . HOH L 4 .  ? -14.287 -8.540  -12.570 1.00 15.91 ? 91  HOH D O     1 
HETATM 961 O  O     . HOH L 4 .  ? 4.540   1.393   -10.562 1.00 7.15  ? 117 HOH D O     1 
HETATM 962 O  O     . HOH L 4 .  ? 4.634   4.088   -10.437 1.00 23.75 ? 118 HOH D O     1 
HETATM 963 O  O     . HOH L 4 .  ? 3.573   4.213   -7.904  1.00 16.26 ? 119 HOH D O     1 
HETATM 964 O  O     . HOH L 4 .  ? 7.923   4.971   -1.386  1.00 20.46 ? 120 HOH D O     1 
HETATM 965 O  O     . HOH L 4 .  ? -2.411  -4.360  -4.513  1.00 10.13 ? 125 HOH D O     1 
HETATM 966 O  O     . HOH L 4 .  ? -4.292  -6.576  -6.887  1.00 25.90 ? 128 HOH D O     1 
HETATM 967 O  O     . HOH L 4 .  ? -5.095  -8.271  -3.049  1.00 20.80 ? 129 HOH D O     1 
HETATM 968 O  O     . HOH L 4 .  ? -2.778  -7.480  -4.088  1.00 37.26 ? 130 HOH D O     1 
HETATM 969 O  O     . HOH L 4 .  ? -12.246 -15.304 -2.615  1.00 32.72 ? 132 HOH D O     1 
HETATM 970 O  O     . HOH L 4 .  ? 11.950  5.574   -6.017  1.00 27.71 ? 140 HOH D O     1 
HETATM 971 O  O     . HOH L 4 .  ? -4.764  -1.556  3.504   1.00 36.14 ? 142 HOH D O     1 
HETATM 972 O  O     . HOH L 4 .  ? -7.488  -1.417  3.488   1.00 25.70 ? 161 HOH D O     1 
HETATM 973 O  O     . HOH L 4 .  ? -9.571  -3.915  3.662   1.00 31.50 ? 162 HOH D O     1 
HETATM 974 O  O     . HOH L 4 .  ? -2.491  1.953   -6.038  1.00 14.09 ? 164 HOH D O     1 
HETATM 975 O  O     . HOH L 4 .  ? 0.063   -1.891  -6.516  1.00 16.82 ? 165 HOH D O     1 
HETATM 976 O  O     . HOH L 4 .  ? -2.538  -11.069 -0.327  1.00 23.93 ? 166 HOH D O     1 
HETATM 977 O  O     . HOH L 4 .  ? 3.272   -5.587  -0.060  1.00 33.25 ? 167 HOH D O     1 
HETATM 978 O  O     . HOH L 4 .  ? 15.163  -6.103  -10.666 1.00 16.30 ? 173 HOH D O     1 
HETATM 979 O  O     . HOH L 4 .  ? -2.002  -6.688  6.496   1.00 38.40 ? 175 HOH D O     1 
HETATM 980 O  O     . HOH L 4 .  ? -4.454  -2.727  -4.833  1.00 29.28 ? 177 HOH D O     1 
HETATM 981 O  O     . HOH L 4 .  ? -13.937 -5.044  -2.611  1.00 25.69 ? 187 HOH D O     1 
HETATM 982 O  O     . HOH L 4 .  ? -15.692 -6.733  -7.461  1.00 26.48 ? 188 HOH D O     1 
HETATM 983 O  O     . HOH L 4 .  ? 0.314   -12.543 2.151   1.00 27.19 ? 189 HOH D O     1 
HETATM 984 O  O     . HOH L 4 .  ? -6.700  1.632   -5.813  1.00 33.30 ? 196 HOH D O     1 
HETATM 985 O  O     . HOH L 4 .  ? -12.308 -7.900  -14.230 1.00 17.40 ? 198 HOH D O     1 
HETATM 986 O  O     . HOH L 4 .  ? -8.784  -11.391 -15.006 1.00 36.03 ? 199 HOH D O     1 
HETATM 987 O  O     . HOH L 4 .  ? 7.280   6.064   -11.480 1.00 28.77 ? 211 HOH D O     1 
HETATM 988 O  O     . HOH L 4 .  ? 10.661  4.683   -13.126 1.00 32.87 ? 212 HOH D O     1 
HETATM 989 O  O     . HOH L 4 .  ? 11.963  1.579   -15.464 1.00 25.14 ? 213 HOH D O     1 
HETATM 990 O  O     . HOH L 4 .  ? 16.121  0.040   -15.167 1.00 27.82 ? 214 HOH D O     1 
HETATM 991 O  O     . HOH L 4 .  ? 9.258   1.806   -15.099 1.00 27.27 ? 217 HOH D O     1 
HETATM 992 O  O     . HOH L 4 .  ? 1.868   6.637   -4.909  1.00 25.72 ? 219 HOH D O     1 
HETATM 993 O  O     . HOH L 4 .  ? -20.284 -15.470 -9.588  1.00 26.85 ? 223 HOH D O     1 
HETATM 994 O  O     . HOH L 4 .  ? -18.689 -14.557 -2.413  1.00 23.48 ? 224 HOH D O     1 
HETATM 995 O  O     . HOH L 4 .  ? -18.734 -11.735 -17.429 1.00 17.52 ? 226 HOH D O     1 
# 
loop_
_pdbx_poly_seq_scheme.asym_id 
_pdbx_poly_seq_scheme.entity_id 
_pdbx_poly_seq_scheme.seq_id 
_pdbx_poly_seq_scheme.mon_id 
_pdbx_poly_seq_scheme.ndb_seq_num 
_pdbx_poly_seq_scheme.pdb_seq_num 
_pdbx_poly_seq_scheme.auth_seq_num 
_pdbx_poly_seq_scheme.pdb_mon_id 
_pdbx_poly_seq_scheme.auth_mon_id 
_pdbx_poly_seq_scheme.pdb_strand_id 
_pdbx_poly_seq_scheme.pdb_ins_code 
_pdbx_poly_seq_scheme.hetero 
A 1 1  DT 1  1  1  DT DT A . n 
A 1 2  DC 2  2  2  DC DC A . n 
A 1 3  DG 3  3  3  DG DG A . n 
A 1 4  DG 4  4  4  DG DG A . n 
A 1 5  DC 5  5  5  DC DC A . n 
A 1 6  DG 6  6  6  DG DG A . n 
A 1 7  DC 7  7  7  DC DC A . n 
A 1 8  DC 8  8  8  DC DC A . n 
A 1 9  DG 9  9  9  DG DG A . n 
A 1 10 DA 10 10 10 DA DA A . n 
B 1 1  DT 1  11 11 DT DT B . n 
B 1 2  DC 2  12 12 DC DC B . n 
B 1 3  DG 3  13 13 DG DG B . n 
B 1 4  DG 4  14 14 DG DG B . n 
B 1 5  DC 5  15 15 DC DC B . n 
B 1 6  DG 6  16 16 DG DG B . n 
B 1 7  DC 7  17 17 DC DC B . n 
B 1 8  DC 8  18 18 DC DC B . n 
B 1 9  DG 9  19 19 DG DG B . n 
B 1 10 DA 10 20 20 DA DA B . n 
C 1 1  DT 1  21 21 DT DT C . n 
C 1 2  DC 2  22 22 DC DC C . n 
C 1 3  DG 3  23 23 DG DG C . n 
C 1 4  DG 4  24 24 DG DG C . n 
C 1 5  DC 5  25 25 DC DC C . n 
C 1 6  DG 6  26 26 DG DG C . n 
C 1 7  DC 7  27 27 DC DC C . n 
C 1 8  DC 8  28 28 DC DC C . n 
C 1 9  DG 9  29 29 DG DG C . n 
C 1 10 DA 10 30 30 DA DA C . n 
D 1 1  DT 1  31 31 DT DT D . n 
D 1 2  DC 2  32 32 DC DC D . n 
D 1 3  DG 3  33 33 DG DG D . n 
D 1 4  DG 4  34 34 DG DG D . n 
D 1 5  DC 5  35 35 DC DC D . n 
D 1 6  DG 6  36 36 DG DG D . n 
D 1 7  DC 7  37 37 DC DC D . n 
D 1 8  DC 8  38 38 DC DC D . n 
D 1 9  DG 9  39 39 DG DG D . n 
D 1 10 DA 10 40 40 DA DA D . n 
# 
loop_
_pdbx_nonpoly_scheme.asym_id 
_pdbx_nonpoly_scheme.entity_id 
_pdbx_nonpoly_scheme.mon_id 
_pdbx_nonpoly_scheme.ndb_seq_num 
_pdbx_nonpoly_scheme.pdb_seq_num 
_pdbx_nonpoly_scheme.auth_seq_num 
_pdbx_nonpoly_scheme.pdb_mon_id 
_pdbx_nonpoly_scheme.auth_mon_id 
_pdbx_nonpoly_scheme.pdb_strand_id 
_pdbx_nonpoly_scheme.pdb_ins_code 
E 2 CA  1  60  60  CA  CA  A . 
F 3 NA  1  106 106 NA  NA  B . 
G 3 NA  1  42  42  NA  NA  D . 
H 2 CA  1  77  77  CA  CA  D . 
I 4 HOH 1  44  44  HOH HOH A . 
I 4 HOH 2  46  46  HOH HOH A . 
I 4 HOH 3  52  52  HOH HOH A . 
I 4 HOH 4  53  53  HOH HOH A . 
I 4 HOH 5  55  55  HOH HOH A . 
I 4 HOH 6  57  57  HOH HOH A . 
I 4 HOH 7  59  59  HOH HOH A . 
I 4 HOH 8  61  61  HOH HOH A . 
I 4 HOH 9  62  62  HOH HOH A . 
I 4 HOH 10 63  63  HOH HOH A . 
I 4 HOH 11 64  64  HOH HOH A . 
I 4 HOH 12 67  67  HOH HOH A . 
I 4 HOH 13 68  68  HOH HOH A . 
I 4 HOH 14 74  74  HOH HOH A . 
I 4 HOH 15 100 100 HOH HOH A . 
I 4 HOH 16 102 102 HOH HOH A . 
I 4 HOH 17 115 115 HOH HOH A . 
I 4 HOH 18 123 123 HOH HOH A . 
I 4 HOH 19 126 126 HOH HOH A . 
I 4 HOH 20 137 137 HOH HOH A . 
I 4 HOH 21 138 138 HOH HOH A . 
I 4 HOH 22 139 139 HOH HOH A . 
I 4 HOH 23 153 153 HOH HOH A . 
I 4 HOH 24 154 154 HOH HOH A . 
I 4 HOH 25 156 156 HOH HOH A . 
I 4 HOH 26 157 157 HOH HOH A . 
I 4 HOH 27 158 158 HOH HOH A . 
I 4 HOH 28 159 159 HOH HOH A . 
I 4 HOH 29 169 169 HOH HOH A . 
I 4 HOH 30 170 170 HOH HOH A . 
I 4 HOH 31 171 171 HOH HOH A . 
I 4 HOH 32 172 172 HOH HOH A . 
I 4 HOH 33 179 179 HOH HOH A . 
I 4 HOH 34 180 180 HOH HOH A . 
I 4 HOH 35 182 182 HOH HOH A . 
I 4 HOH 36 185 185 HOH HOH A . 
I 4 HOH 37 186 186 HOH HOH A . 
I 4 HOH 38 190 190 HOH HOH A . 
I 4 HOH 39 194 194 HOH HOH A . 
I 4 HOH 40 195 195 HOH HOH A . 
I 4 HOH 41 200 200 HOH HOH A . 
I 4 HOH 42 201 201 HOH HOH A . 
I 4 HOH 43 202 202 HOH HOH A . 
I 4 HOH 44 210 210 HOH HOH A . 
I 4 HOH 45 215 215 HOH HOH A . 
I 4 HOH 46 216 216 HOH HOH A . 
J 4 HOH 1  43  43  HOH HOH B . 
J 4 HOH 2  47  47  HOH HOH B . 
J 4 HOH 3  51  51  HOH HOH B . 
J 4 HOH 4  73  73  HOH HOH B . 
J 4 HOH 5  96  96  HOH HOH B . 
J 4 HOH 6  101 101 HOH HOH B . 
J 4 HOH 7  103 103 HOH HOH B . 
J 4 HOH 8  104 104 HOH HOH B . 
J 4 HOH 9  105 105 HOH HOH B . 
J 4 HOH 10 107 107 HOH HOH B . 
J 4 HOH 11 108 108 HOH HOH B . 
J 4 HOH 12 109 109 HOH HOH B . 
J 4 HOH 13 110 110 HOH HOH B . 
J 4 HOH 14 111 111 HOH HOH B . 
J 4 HOH 15 112 112 HOH HOH B . 
J 4 HOH 16 113 113 HOH HOH B . 
J 4 HOH 17 114 114 HOH HOH B . 
J 4 HOH 18 116 116 HOH HOH B . 
J 4 HOH 19 121 121 HOH HOH B . 
J 4 HOH 20 133 133 HOH HOH B . 
J 4 HOH 21 141 141 HOH HOH B . 
J 4 HOH 22 143 143 HOH HOH B . 
J 4 HOH 23 146 146 HOH HOH B . 
J 4 HOH 24 149 149 HOH HOH B . 
J 4 HOH 25 150 150 HOH HOH B . 
J 4 HOH 26 151 151 HOH HOH B . 
J 4 HOH 27 152 152 HOH HOH B . 
J 4 HOH 28 155 155 HOH HOH B . 
J 4 HOH 29 160 160 HOH HOH B . 
J 4 HOH 30 168 168 HOH HOH B . 
J 4 HOH 31 181 181 HOH HOH B . 
J 4 HOH 32 183 183 HOH HOH B . 
J 4 HOH 33 184 184 HOH HOH B . 
J 4 HOH 34 191 191 HOH HOH B . 
J 4 HOH 35 192 192 HOH HOH B . 
J 4 HOH 36 193 193 HOH HOH B . 
J 4 HOH 37 203 203 HOH HOH B . 
J 4 HOH 38 207 207 HOH HOH B . 
J 4 HOH 39 208 208 HOH HOH B . 
J 4 HOH 40 209 209 HOH HOH B . 
J 4 HOH 41 218 218 HOH HOH B . 
J 4 HOH 42 220 220 HOH HOH B . 
K 4 HOH 1  48  48  HOH HOH C . 
K 4 HOH 2  49  49  HOH HOH C . 
K 4 HOH 3  50  50  HOH HOH C . 
K 4 HOH 4  54  54  HOH HOH C . 
K 4 HOH 5  56  56  HOH HOH C . 
K 4 HOH 6  75  75  HOH HOH C . 
K 4 HOH 7  77  77  HOH HOH C . 
K 4 HOH 8  78  78  HOH HOH C . 
K 4 HOH 9  80  80  HOH HOH C . 
K 4 HOH 10 81  81  HOH HOH C . 
K 4 HOH 11 82  82  HOH HOH C . 
K 4 HOH 12 85  85  HOH HOH C . 
K 4 HOH 13 92  92  HOH HOH C . 
K 4 HOH 14 93  93  HOH HOH C . 
K 4 HOH 15 94  94  HOH HOH C . 
K 4 HOH 16 95  95  HOH HOH C . 
K 4 HOH 17 97  97  HOH HOH C . 
K 4 HOH 18 98  98  HOH HOH C . 
K 4 HOH 19 99  99  HOH HOH C . 
K 4 HOH 20 122 122 HOH HOH C . 
K 4 HOH 21 124 124 HOH HOH C . 
K 4 HOH 22 127 127 HOH HOH C . 
K 4 HOH 23 131 131 HOH HOH C . 
K 4 HOH 24 134 134 HOH HOH C . 
K 4 HOH 25 135 135 HOH HOH C . 
K 4 HOH 26 136 136 HOH HOH C . 
K 4 HOH 27 144 144 HOH HOH C . 
K 4 HOH 28 145 145 HOH HOH C . 
K 4 HOH 29 147 147 HOH HOH C . 
K 4 HOH 30 148 148 HOH HOH C . 
K 4 HOH 31 163 163 HOH HOH C . 
K 4 HOH 32 174 174 HOH HOH C . 
K 4 HOH 33 176 176 HOH HOH C . 
K 4 HOH 34 178 178 HOH HOH C . 
K 4 HOH 35 197 197 HOH HOH C . 
K 4 HOH 36 204 204 HOH HOH C . 
K 4 HOH 37 205 205 HOH HOH C . 
K 4 HOH 38 206 206 HOH HOH C . 
K 4 HOH 39 221 221 HOH HOH C . 
K 4 HOH 40 222 222 HOH HOH C . 
K 4 HOH 41 225 225 HOH HOH C . 
L 4 HOH 1  41  41  HOH HOH D . 
L 4 HOH 2  45  45  HOH HOH D . 
L 4 HOH 3  58  58  HOH HOH D . 
L 4 HOH 4  65  65  HOH HOH D . 
L 4 HOH 5  66  66  HOH HOH D . 
L 4 HOH 6  69  69  HOH HOH D . 
L 4 HOH 7  70  70  HOH HOH D . 
L 4 HOH 8  71  71  HOH HOH D . 
L 4 HOH 9  72  72  HOH HOH D . 
L 4 HOH 10 76  76  HOH HOH D . 
L 4 HOH 11 79  79  HOH HOH D . 
L 4 HOH 12 83  83  HOH HOH D . 
L 4 HOH 13 84  84  HOH HOH D . 
L 4 HOH 14 86  86  HOH HOH D . 
L 4 HOH 15 87  87  HOH HOH D . 
L 4 HOH 16 88  88  HOH HOH D . 
L 4 HOH 17 89  89  HOH HOH D . 
L 4 HOH 18 90  90  HOH HOH D . 
L 4 HOH 19 91  91  HOH HOH D . 
L 4 HOH 20 117 117 HOH HOH D . 
L 4 HOH 21 118 118 HOH HOH D . 
L 4 HOH 22 119 119 HOH HOH D . 
L 4 HOH 23 120 120 HOH HOH D . 
L 4 HOH 24 125 125 HOH HOH D . 
L 4 HOH 25 128 128 HOH HOH D . 
L 4 HOH 26 129 129 HOH HOH D . 
L 4 HOH 27 130 130 HOH HOH D . 
L 4 HOH 28 132 132 HOH HOH D . 
L 4 HOH 29 140 140 HOH HOH D . 
L 4 HOH 30 142 142 HOH HOH D . 
L 4 HOH 31 161 161 HOH HOH D . 
L 4 HOH 32 162 162 HOH HOH D . 
L 4 HOH 33 164 164 HOH HOH D . 
L 4 HOH 34 165 165 HOH HOH D . 
L 4 HOH 35 166 166 HOH HOH D . 
L 4 HOH 36 167 167 HOH HOH D . 
L 4 HOH 37 173 173 HOH HOH D . 
L 4 HOH 38 175 175 HOH HOH D . 
L 4 HOH 39 177 177 HOH HOH D . 
L 4 HOH 40 187 187 HOH HOH D . 
L 4 HOH 41 188 188 HOH HOH D . 
L 4 HOH 42 189 189 HOH HOH D . 
L 4 HOH 43 196 196 HOH HOH D . 
L 4 HOH 44 198 198 HOH HOH D . 
L 4 HOH 45 199 199 HOH HOH D . 
L 4 HOH 46 211 211 HOH HOH D . 
L 4 HOH 47 212 212 HOH HOH D . 
L 4 HOH 48 213 213 HOH HOH D . 
L 4 HOH 49 214 214 HOH HOH D . 
L 4 HOH 50 217 217 HOH HOH D . 
L 4 HOH 51 219 219 HOH HOH D . 
L 4 HOH 52 223 223 HOH HOH D . 
L 4 HOH 53 224 224 HOH HOH D . 
L 4 HOH 54 226 226 HOH HOH D . 
# 
_pdbx_struct_assembly.id                   1 
_pdbx_struct_assembly.details              author_and_software_defined_assembly 
_pdbx_struct_assembly.method_details       PISA 
_pdbx_struct_assembly.oligomeric_details   tetrameric 
_pdbx_struct_assembly.oligomeric_count     4 
# 
_pdbx_struct_assembly_gen.assembly_id       1 
_pdbx_struct_assembly_gen.oper_expression   1 
_pdbx_struct_assembly_gen.asym_id_list      A,B,C,D,E,F,G,H,I,J,K,L 
# 
loop_
_pdbx_struct_assembly_prop.biol_id 
_pdbx_struct_assembly_prop.type 
_pdbx_struct_assembly_prop.value 
_pdbx_struct_assembly_prop.details 
1 'ABSA (A^2)' 3280 ? 
1 MORE         -43  ? 
1 'SSA (A^2)'  6910 ? 
# 
_pdbx_struct_oper_list.id                   1 
_pdbx_struct_oper_list.type                 'identity operation' 
_pdbx_struct_oper_list.name                 1_555 
_pdbx_struct_oper_list.symmetry_operation   x,y,z 
_pdbx_struct_oper_list.matrix[1][1]         1.0000000000 
_pdbx_struct_oper_list.matrix[1][2]         0.0000000000 
_pdbx_struct_oper_list.matrix[1][3]         0.0000000000 
_pdbx_struct_oper_list.vector[1]            0.0000000000 
_pdbx_struct_oper_list.matrix[2][1]         0.0000000000 
_pdbx_struct_oper_list.matrix[2][2]         1.0000000000 
_pdbx_struct_oper_list.matrix[2][3]         0.0000000000 
_pdbx_struct_oper_list.vector[2]            0.0000000000 
_pdbx_struct_oper_list.matrix[3][1]         0.0000000000 
_pdbx_struct_oper_list.matrix[3][2]         0.0000000000 
_pdbx_struct_oper_list.matrix[3][3]         1.0000000000 
_pdbx_struct_oper_list.vector[3]            0.0000000000 
# 
_pdbx_struct_special_symmetry.id              1 
_pdbx_struct_special_symmetry.PDB_model_num   1 
_pdbx_struct_special_symmetry.auth_asym_id    A 
_pdbx_struct_special_symmetry.auth_comp_id    HOH 
_pdbx_struct_special_symmetry.auth_seq_id     190 
_pdbx_struct_special_symmetry.PDB_ins_code    ? 
_pdbx_struct_special_symmetry.label_asym_id   I 
_pdbx_struct_special_symmetry.label_comp_id   HOH 
_pdbx_struct_special_symmetry.label_seq_id    . 
# 
loop_
_pdbx_struct_conn_angle.id 
_pdbx_struct_conn_angle.ptnr1_label_atom_id 
_pdbx_struct_conn_angle.ptnr1_label_alt_id 
_pdbx_struct_conn_angle.ptnr1_label_asym_id 
_pdbx_struct_conn_angle.ptnr1_label_comp_id 
_pdbx_struct_conn_angle.ptnr1_label_seq_id 
_pdbx_struct_conn_angle.ptnr1_auth_atom_id 
_pdbx_struct_conn_angle.ptnr1_auth_asym_id 
_pdbx_struct_conn_angle.ptnr1_auth_comp_id 
_pdbx_struct_conn_angle.ptnr1_auth_seq_id 
_pdbx_struct_conn_angle.ptnr1_PDB_ins_code 
_pdbx_struct_conn_angle.ptnr1_symmetry 
_pdbx_struct_conn_angle.ptnr2_label_atom_id 
_pdbx_struct_conn_angle.ptnr2_label_alt_id 
_pdbx_struct_conn_angle.ptnr2_label_asym_id 
_pdbx_struct_conn_angle.ptnr2_label_comp_id 
_pdbx_struct_conn_angle.ptnr2_label_seq_id 
_pdbx_struct_conn_angle.ptnr2_auth_atom_id 
_pdbx_struct_conn_angle.ptnr2_auth_asym_id 
_pdbx_struct_conn_angle.ptnr2_auth_comp_id 
_pdbx_struct_conn_angle.ptnr2_auth_seq_id 
_pdbx_struct_conn_angle.ptnr2_PDB_ins_code 
_pdbx_struct_conn_angle.ptnr2_symmetry 
_pdbx_struct_conn_angle.ptnr3_label_atom_id 
_pdbx_struct_conn_angle.ptnr3_label_alt_id 
_pdbx_struct_conn_angle.ptnr3_label_asym_id 
_pdbx_struct_conn_angle.ptnr3_label_comp_id 
_pdbx_struct_conn_angle.ptnr3_label_seq_id 
_pdbx_struct_conn_angle.ptnr3_auth_atom_id 
_pdbx_struct_conn_angle.ptnr3_auth_asym_id 
_pdbx_struct_conn_angle.ptnr3_auth_comp_id 
_pdbx_struct_conn_angle.ptnr3_auth_seq_id 
_pdbx_struct_conn_angle.ptnr3_PDB_ins_code 
_pdbx_struct_conn_angle.ptnr3_symmetry 
_pdbx_struct_conn_angle.value 
_pdbx_struct_conn_angle.value_esd 
1  O ? I HOH . ? A HOH 59  ? 1_555 CA ? E CA . ? A CA 60  ? 1_555 O ? I HOH . ? A HOH 61  ? 1_555 110.8 ? 
2  O ? I HOH . ? A HOH 59  ? 1_555 CA ? E CA . ? A CA 60  ? 1_555 O ? I HOH . ? A HOH 62  ? 1_555 139.5 ? 
3  O ? I HOH . ? A HOH 61  ? 1_555 CA ? E CA . ? A CA 60  ? 1_555 O ? I HOH . ? A HOH 62  ? 1_555 87.1  ? 
4  O ? I HOH . ? A HOH 59  ? 1_555 CA ? E CA . ? A CA 60  ? 1_555 O ? I HOH . ? A HOH 63  ? 1_555 70.8  ? 
5  O ? I HOH . ? A HOH 61  ? 1_555 CA ? E CA . ? A CA 60  ? 1_555 O ? I HOH . ? A HOH 63  ? 1_555 177.1 ? 
6  O ? I HOH . ? A HOH 62  ? 1_555 CA ? E CA . ? A CA 60  ? 1_555 O ? I HOH . ? A HOH 63  ? 1_555 90.1  ? 
7  O ? I HOH . ? A HOH 59  ? 1_555 CA ? E CA . ? A CA 60  ? 1_555 O ? I HOH . ? A HOH 64  ? 1_555 75.6  ? 
8  O ? I HOH . ? A HOH 61  ? 1_555 CA ? E CA . ? A CA 60  ? 1_555 O ? I HOH . ? A HOH 64  ? 1_555 77.8  ? 
9  O ? I HOH . ? A HOH 62  ? 1_555 CA ? E CA . ? A CA 60  ? 1_555 O ? I HOH . ? A HOH 64  ? 1_555 73.1  ? 
10 O ? I HOH . ? A HOH 63  ? 1_555 CA ? E CA . ? A CA 60  ? 1_555 O ? I HOH . ? A HOH 64  ? 1_555 100.4 ? 
11 O ? I HOH . ? A HOH 59  ? 1_555 CA ? E CA . ? A CA 60  ? 1_555 O ? L HOH . ? D HOH 58  ? 1_555 72.5  ? 
12 O ? I HOH . ? A HOH 61  ? 1_555 CA ? E CA . ? A CA 60  ? 1_555 O ? L HOH . ? D HOH 58  ? 1_555 85.9  ? 
13 O ? I HOH . ? A HOH 62  ? 1_555 CA ? E CA . ? A CA 60  ? 1_555 O ? L HOH . ? D HOH 58  ? 1_555 147.0 ? 
14 O ? I HOH . ? A HOH 63  ? 1_555 CA ? E CA . ? A CA 60  ? 1_555 O ? L HOH . ? D HOH 58  ? 1_555 97.0  ? 
15 O ? I HOH . ? A HOH 64  ? 1_555 CA ? E CA . ? A CA 60  ? 1_555 O ? L HOH . ? D HOH 58  ? 1_555 136.0 ? 
16 O ? I HOH . ? A HOH 126 ? 1_555 NA ? G NA . ? D NA 42  ? 1_555 O ? L HOH . ? D HOH 41  ? 1_555 101.9 ? 
17 O ? I HOH . ? A HOH 126 ? 1_555 NA ? G NA . ? D NA 42  ? 1_555 O ? L HOH . ? D HOH 125 ? 1_555 109.1 ? 
18 O ? L HOH . ? D HOH 41  ? 1_555 NA ? G NA . ? D NA 42  ? 1_555 O ? L HOH . ? D HOH 125 ? 1_555 110.8 ? 
19 O ? I HOH . ? A HOH 126 ? 1_555 NA ? G NA . ? D NA 42  ? 1_555 O ? L HOH . ? D HOH 165 ? 1_555 120.8 ? 
20 O ? L HOH . ? D HOH 41  ? 1_555 NA ? G NA . ? D NA 42  ? 1_555 O ? L HOH . ? D HOH 165 ? 1_555 113.9 ? 
21 O ? L HOH . ? D HOH 125 ? 1_555 NA ? G NA . ? D NA 42  ? 1_555 O ? L HOH . ? D HOH 165 ? 1_555 100.4 ? 
22 O ? I HOH . ? A HOH 182 ? 1_555 NA ? F NA . ? B NA 106 ? 1_555 O ? J HOH . ? B HOH 105 ? 1_555 74.1  ? 
23 O ? I HOH . ? A HOH 182 ? 1_555 NA ? F NA . ? B NA 106 ? 1_555 O ? J HOH . ? B HOH 107 ? 1_555 71.4  ? 
24 O ? J HOH . ? B HOH 105 ? 1_555 NA ? F NA . ? B NA 106 ? 1_555 O ? J HOH . ? B HOH 107 ? 1_555 125.8 ? 
25 O ? I HOH . ? A HOH 182 ? 1_555 NA ? F NA . ? B NA 106 ? 1_555 O ? J HOH . ? B HOH 108 ? 1_555 136.4 ? 
26 O ? J HOH . ? B HOH 105 ? 1_555 NA ? F NA . ? B NA 106 ? 1_555 O ? J HOH . ? B HOH 108 ? 1_555 77.8  ? 
27 O ? J HOH . ? B HOH 107 ? 1_555 NA ? F NA . ? B NA 106 ? 1_555 O ? J HOH . ? B HOH 108 ? 1_555 100.6 ? 
28 O ? I HOH . ? A HOH 182 ? 1_555 NA ? F NA . ? B NA 106 ? 1_555 O ? J HOH . ? B HOH 181 ? 1_555 135.5 ? 
29 O ? J HOH . ? B HOH 105 ? 1_555 NA ? F NA . ? B NA 106 ? 1_555 O ? J HOH . ? B HOH 181 ? 1_555 83.4  ? 
30 O ? J HOH . ? B HOH 107 ? 1_555 NA ? F NA . ? B NA 106 ? 1_555 O ? J HOH . ? B HOH 181 ? 1_555 148.3 ? 
31 O ? J HOH . ? B HOH 108 ? 1_555 NA ? F NA . ? B NA 106 ? 1_555 O ? J HOH . ? B HOH 181 ? 1_555 71.5  ? 
32 O ? K HOH . ? C HOH 77  ? 1_555 CA ? H CA . ? D CA 77  ? 1_555 O ? K HOH . ? C HOH 78  ? 1_555 85.9  ? 
33 O ? K HOH . ? C HOH 77  ? 1_555 CA ? H CA . ? D CA 77  ? 1_555 O ? L HOH . ? D HOH 76  ? 1_555 71.2  ? 
34 O ? K HOH . ? C HOH 78  ? 1_555 CA ? H CA . ? D CA 77  ? 1_555 O ? L HOH . ? D HOH 76  ? 1_555 105.8 ? 
# 
loop_
_pdbx_audit_revision_history.ordinal 
_pdbx_audit_revision_history.data_content_type 
_pdbx_audit_revision_history.major_revision 
_pdbx_audit_revision_history.minor_revision 
_pdbx_audit_revision_history.revision_date 
1 'Structure model' 1 0 2009-03-31 
2 'Structure model' 1 1 2011-07-13 
3 'Structure model' 1 2 2017-11-01 
4 'Structure model' 1 3 2018-04-04 
5 'Structure model' 1 4 2023-09-06 
# 
_pdbx_audit_revision_details.ordinal             1 
_pdbx_audit_revision_details.revision_ordinal    1 
_pdbx_audit_revision_details.data_content_type   'Structure model' 
_pdbx_audit_revision_details.provider            repository 
_pdbx_audit_revision_details.type                'Initial release' 
_pdbx_audit_revision_details.description         ? 
_pdbx_audit_revision_details.details             ? 
# 
loop_
_pdbx_audit_revision_group.ordinal 
_pdbx_audit_revision_group.revision_ordinal 
_pdbx_audit_revision_group.data_content_type 
_pdbx_audit_revision_group.group 
1 2 'Structure model' 'Version format compliance' 
2 3 'Structure model' 'Refinement description'    
3 4 'Structure model' 'Data collection'           
4 5 'Structure model' 'Data collection'           
5 5 'Structure model' 'Database references'       
6 5 'Structure model' 'Derived calculations'      
7 5 'Structure model' 'Refinement description'    
# 
loop_
_pdbx_audit_revision_category.ordinal 
_pdbx_audit_revision_category.revision_ordinal 
_pdbx_audit_revision_category.data_content_type 
_pdbx_audit_revision_category.category 
1 3 'Structure model' software                      
2 4 'Structure model' diffrn_source                 
3 5 'Structure model' chem_comp_atom                
4 5 'Structure model' chem_comp_bond                
5 5 'Structure model' database_2                    
6 5 'Structure model' pdbx_initial_refinement_model 
7 5 'Structure model' pdbx_struct_conn_angle        
8 5 'Structure model' struct_conn                   
9 5 'Structure model' struct_site                   
# 
loop_
_pdbx_audit_revision_item.ordinal 
_pdbx_audit_revision_item.revision_ordinal 
_pdbx_audit_revision_item.data_content_type 
_pdbx_audit_revision_item.item 
1  3 'Structure model' '_software.name'                              
2  4 'Structure model' '_diffrn_source.type'                         
3  5 'Structure model' '_database_2.pdbx_DOI'                        
4  5 'Structure model' '_database_2.pdbx_database_accession'         
5  5 'Structure model' '_pdbx_struct_conn_angle.ptnr1_auth_asym_id'  
6  5 'Structure model' '_pdbx_struct_conn_angle.ptnr1_auth_seq_id'   
7  5 'Structure model' '_pdbx_struct_conn_angle.ptnr1_label_asym_id' 
8  5 'Structure model' '_pdbx_struct_conn_angle.ptnr2_auth_asym_id'  
9  5 'Structure model' '_pdbx_struct_conn_angle.ptnr2_auth_seq_id'   
10 5 'Structure model' '_pdbx_struct_conn_angle.ptnr2_label_asym_id' 
11 5 'Structure model' '_pdbx_struct_conn_angle.ptnr3_auth_asym_id'  
12 5 'Structure model' '_pdbx_struct_conn_angle.ptnr3_auth_seq_id'   
13 5 'Structure model' '_pdbx_struct_conn_angle.ptnr3_label_asym_id' 
14 5 'Structure model' '_pdbx_struct_conn_angle.value'               
15 5 'Structure model' '_struct_conn.pdbx_dist_value'                
16 5 'Structure model' '_struct_conn.ptnr1_auth_asym_id'             
17 5 'Structure model' '_struct_conn.ptnr1_auth_comp_id'             
18 5 'Structure model' '_struct_conn.ptnr1_auth_seq_id'              
19 5 'Structure model' '_struct_conn.ptnr1_label_asym_id'            
20 5 'Structure model' '_struct_conn.ptnr1_label_atom_id'            
21 5 'Structure model' '_struct_conn.ptnr1_label_comp_id'            
22 5 'Structure model' '_struct_conn.ptnr2_auth_asym_id'             
23 5 'Structure model' '_struct_conn.ptnr2_auth_comp_id'             
24 5 'Structure model' '_struct_conn.ptnr2_auth_seq_id'              
25 5 'Structure model' '_struct_conn.ptnr2_label_asym_id'            
26 5 'Structure model' '_struct_conn.ptnr2_label_atom_id'            
27 5 'Structure model' '_struct_conn.ptnr2_label_comp_id'            
28 5 'Structure model' '_struct_site.pdbx_auth_asym_id'              
29 5 'Structure model' '_struct_site.pdbx_auth_comp_id'              
30 5 'Structure model' '_struct_site.pdbx_auth_seq_id'               
# 
loop_
_symmetry_equiv.id 
_symmetry_equiv.pos_as_xyz 
1 'X,  Y,  Z'           
2 '-X,  Y,  -Z'         
3 'X+1/2,  Y+1/2,  Z'   
4 '-X+1/2,  Y+1/2,  -Z' 
# 
loop_
_software.name 
_software.version 
_software.date 
_software.type 
_software.contact_author 
_software.contact_author_email 
_software.classification 
_software.location 
_software.language 
_software.citation_id 
_software.pdbx_ordinal 
CNS         .     ?               package 'Axel T. Brunger' axel.brunger@yale.edu    refinement        
http://cns.csb.yale.edu/v1.1/    Fortran_77 ? 1 
PDB_EXTRACT 1.401 'March 3, 2004' program H.Yang            sw-help@rcsb.rutgers.edu 'data extraction' 
http://pdb.rutgers.edu/software/ C/C++      ? 2 
CrysalisPro Red   ?               ?       ?                 ?                        'data collection' ? ?          ? 3 
CrysalisPro Red   ?               ?       ?                 ?                        'data reduction'  ? ?          ? 4 
MOLREP      .     ?               ?       ?                 ?                        phasing           ? ?          ? 5 
REFMAC      5.0   ?               ?       ?                 ?                        refinement        ? ?          ? 6 
# 
loop_
_pdbx_validate_rmsd_angle.id 
_pdbx_validate_rmsd_angle.PDB_model_num 
_pdbx_validate_rmsd_angle.auth_atom_id_1 
_pdbx_validate_rmsd_angle.auth_asym_id_1 
_pdbx_validate_rmsd_angle.auth_comp_id_1 
_pdbx_validate_rmsd_angle.auth_seq_id_1 
_pdbx_validate_rmsd_angle.PDB_ins_code_1 
_pdbx_validate_rmsd_angle.label_alt_id_1 
_pdbx_validate_rmsd_angle.auth_atom_id_2 
_pdbx_validate_rmsd_angle.auth_asym_id_2 
_pdbx_validate_rmsd_angle.auth_comp_id_2 
_pdbx_validate_rmsd_angle.auth_seq_id_2 
_pdbx_validate_rmsd_angle.PDB_ins_code_2 
_pdbx_validate_rmsd_angle.label_alt_id_2 
_pdbx_validate_rmsd_angle.auth_atom_id_3 
_pdbx_validate_rmsd_angle.auth_asym_id_3 
_pdbx_validate_rmsd_angle.auth_comp_id_3 
_pdbx_validate_rmsd_angle.auth_seq_id_3 
_pdbx_validate_rmsd_angle.PDB_ins_code_3 
_pdbx_validate_rmsd_angle.label_alt_id_3 
_pdbx_validate_rmsd_angle.angle_value 
_pdbx_validate_rmsd_angle.angle_target_value 
_pdbx_validate_rmsd_angle.angle_deviation 
_pdbx_validate_rmsd_angle.angle_standard_deviation 
_pdbx_validate_rmsd_angle.linker_flag 
1 1 "O4'" A DT 1  ? ? "C1'" A DT 1  ? ? N1 A DT 1  ? ? 110.77 108.30 2.47 0.30 N 
2 1 "O4'" A DG 6  ? ? "C1'" A DG 6  ? ? N9 A DG 6  ? ? 111.01 108.30 2.71 0.30 N 
3 1 "O4'" B DC 17 ? ? "C1'" B DC 17 ? ? N1 B DC 17 ? ? 110.14 108.30 1.84 0.30 N 
4 1 "O4'" B DG 19 ? ? "C1'" B DG 19 ? ? N9 B DG 19 ? ? 110.13 108.30 1.83 0.30 N 
5 1 "O4'" C DG 26 ? ? "C1'" C DG 26 ? ? N9 C DG 26 ? ? 110.69 108.30 2.39 0.30 N 
6 1 "O4'" D DT 31 ? ? "C1'" D DT 31 ? ? N1 D DT 31 ? ? 110.71 108.30 2.41 0.30 N 
# 
loop_
_chem_comp_atom.comp_id 
_chem_comp_atom.atom_id 
_chem_comp_atom.type_symbol 
_chem_comp_atom.pdbx_aromatic_flag 
_chem_comp_atom.pdbx_stereo_config 
_chem_comp_atom.pdbx_ordinal 
CA  CA     CA N N 1   
DA  OP3    O  N N 2   
DA  P      P  N N 3   
DA  OP1    O  N N 4   
DA  OP2    O  N N 5   
DA  "O5'"  O  N N 6   
DA  "C5'"  C  N N 7   
DA  "C4'"  C  N R 8   
DA  "O4'"  O  N N 9   
DA  "C3'"  C  N S 10  
DA  "O3'"  O  N N 11  
DA  "C2'"  C  N N 12  
DA  "C1'"  C  N R 13  
DA  N9     N  Y N 14  
DA  C8     C  Y N 15  
DA  N7     N  Y N 16  
DA  C5     C  Y N 17  
DA  C6     C  Y N 18  
DA  N6     N  N N 19  
DA  N1     N  Y N 20  
DA  C2     C  Y N 21  
DA  N3     N  Y N 22  
DA  C4     C  Y N 23  
DA  HOP3   H  N N 24  
DA  HOP2   H  N N 25  
DA  "H5'"  H  N N 26  
DA  "H5''" H  N N 27  
DA  "H4'"  H  N N 28  
DA  "H3'"  H  N N 29  
DA  "HO3'" H  N N 30  
DA  "H2'"  H  N N 31  
DA  "H2''" H  N N 32  
DA  "H1'"  H  N N 33  
DA  H8     H  N N 34  
DA  H61    H  N N 35  
DA  H62    H  N N 36  
DA  H2     H  N N 37  
DC  OP3    O  N N 38  
DC  P      P  N N 39  
DC  OP1    O  N N 40  
DC  OP2    O  N N 41  
DC  "O5'"  O  N N 42  
DC  "C5'"  C  N N 43  
DC  "C4'"  C  N R 44  
DC  "O4'"  O  N N 45  
DC  "C3'"  C  N S 46  
DC  "O3'"  O  N N 47  
DC  "C2'"  C  N N 48  
DC  "C1'"  C  N R 49  
DC  N1     N  N N 50  
DC  C2     C  N N 51  
DC  O2     O  N N 52  
DC  N3     N  N N 53  
DC  C4     C  N N 54  
DC  N4     N  N N 55  
DC  C5     C  N N 56  
DC  C6     C  N N 57  
DC  HOP3   H  N N 58  
DC  HOP2   H  N N 59  
DC  "H5'"  H  N N 60  
DC  "H5''" H  N N 61  
DC  "H4'"  H  N N 62  
DC  "H3'"  H  N N 63  
DC  "HO3'" H  N N 64  
DC  "H2'"  H  N N 65  
DC  "H2''" H  N N 66  
DC  "H1'"  H  N N 67  
DC  H41    H  N N 68  
DC  H42    H  N N 69  
DC  H5     H  N N 70  
DC  H6     H  N N 71  
DG  OP3    O  N N 72  
DG  P      P  N N 73  
DG  OP1    O  N N 74  
DG  OP2    O  N N 75  
DG  "O5'"  O  N N 76  
DG  "C5'"  C  N N 77  
DG  "C4'"  C  N R 78  
DG  "O4'"  O  N N 79  
DG  "C3'"  C  N S 80  
DG  "O3'"  O  N N 81  
DG  "C2'"  C  N N 82  
DG  "C1'"  C  N R 83  
DG  N9     N  Y N 84  
DG  C8     C  Y N 85  
DG  N7     N  Y N 86  
DG  C5     C  Y N 87  
DG  C6     C  N N 88  
DG  O6     O  N N 89  
DG  N1     N  N N 90  
DG  C2     C  N N 91  
DG  N2     N  N N 92  
DG  N3     N  N N 93  
DG  C4     C  Y N 94  
DG  HOP3   H  N N 95  
DG  HOP2   H  N N 96  
DG  "H5'"  H  N N 97  
DG  "H5''" H  N N 98  
DG  "H4'"  H  N N 99  
DG  "H3'"  H  N N 100 
DG  "HO3'" H  N N 101 
DG  "H2'"  H  N N 102 
DG  "H2''" H  N N 103 
DG  "H1'"  H  N N 104 
DG  H8     H  N N 105 
DG  H1     H  N N 106 
DG  H21    H  N N 107 
DG  H22    H  N N 108 
DT  OP3    O  N N 109 
DT  P      P  N N 110 
DT  OP1    O  N N 111 
DT  OP2    O  N N 112 
DT  "O5'"  O  N N 113 
DT  "C5'"  C  N N 114 
DT  "C4'"  C  N R 115 
DT  "O4'"  O  N N 116 
DT  "C3'"  C  N S 117 
DT  "O3'"  O  N N 118 
DT  "C2'"  C  N N 119 
DT  "C1'"  C  N R 120 
DT  N1     N  N N 121 
DT  C2     C  N N 122 
DT  O2     O  N N 123 
DT  N3     N  N N 124 
DT  C4     C  N N 125 
DT  O4     O  N N 126 
DT  C5     C  N N 127 
DT  C7     C  N N 128 
DT  C6     C  N N 129 
DT  HOP3   H  N N 130 
DT  HOP2   H  N N 131 
DT  "H5'"  H  N N 132 
DT  "H5''" H  N N 133 
DT  "H4'"  H  N N 134 
DT  "H3'"  H  N N 135 
DT  "HO3'" H  N N 136 
DT  "H2'"  H  N N 137 
DT  "H2''" H  N N 138 
DT  "H1'"  H  N N 139 
DT  H3     H  N N 140 
DT  H71    H  N N 141 
DT  H72    H  N N 142 
DT  H73    H  N N 143 
DT  H6     H  N N 144 
HOH O      O  N N 145 
HOH H1     H  N N 146 
HOH H2     H  N N 147 
NA  NA     NA N N 148 
# 
loop_
_chem_comp_bond.comp_id 
_chem_comp_bond.atom_id_1 
_chem_comp_bond.atom_id_2 
_chem_comp_bond.value_order 
_chem_comp_bond.pdbx_aromatic_flag 
_chem_comp_bond.pdbx_stereo_config 
_chem_comp_bond.pdbx_ordinal 
DA  OP3   P      sing N N 1   
DA  OP3   HOP3   sing N N 2   
DA  P     OP1    doub N N 3   
DA  P     OP2    sing N N 4   
DA  P     "O5'"  sing N N 5   
DA  OP2   HOP2   sing N N 6   
DA  "O5'" "C5'"  sing N N 7   
DA  "C5'" "C4'"  sing N N 8   
DA  "C5'" "H5'"  sing N N 9   
DA  "C5'" "H5''" sing N N 10  
DA  "C4'" "O4'"  sing N N 11  
DA  "C4'" "C3'"  sing N N 12  
DA  "C4'" "H4'"  sing N N 13  
DA  "O4'" "C1'"  sing N N 14  
DA  "C3'" "O3'"  sing N N 15  
DA  "C3'" "C2'"  sing N N 16  
DA  "C3'" "H3'"  sing N N 17  
DA  "O3'" "HO3'" sing N N 18  
DA  "C2'" "C1'"  sing N N 19  
DA  "C2'" "H2'"  sing N N 20  
DA  "C2'" "H2''" sing N N 21  
DA  "C1'" N9     sing N N 22  
DA  "C1'" "H1'"  sing N N 23  
DA  N9    C8     sing Y N 24  
DA  N9    C4     sing Y N 25  
DA  C8    N7     doub Y N 26  
DA  C8    H8     sing N N 27  
DA  N7    C5     sing Y N 28  
DA  C5    C6     sing Y N 29  
DA  C5    C4     doub Y N 30  
DA  C6    N6     sing N N 31  
DA  C6    N1     doub Y N 32  
DA  N6    H61    sing N N 33  
DA  N6    H62    sing N N 34  
DA  N1    C2     sing Y N 35  
DA  C2    N3     doub Y N 36  
DA  C2    H2     sing N N 37  
DA  N3    C4     sing Y N 38  
DC  OP3   P      sing N N 39  
DC  OP3   HOP3   sing N N 40  
DC  P     OP1    doub N N 41  
DC  P     OP2    sing N N 42  
DC  P     "O5'"  sing N N 43  
DC  OP2   HOP2   sing N N 44  
DC  "O5'" "C5'"  sing N N 45  
DC  "C5'" "C4'"  sing N N 46  
DC  "C5'" "H5'"  sing N N 47  
DC  "C5'" "H5''" sing N N 48  
DC  "C4'" "O4'"  sing N N 49  
DC  "C4'" "C3'"  sing N N 50  
DC  "C4'" "H4'"  sing N N 51  
DC  "O4'" "C1'"  sing N N 52  
DC  "C3'" "O3'"  sing N N 53  
DC  "C3'" "C2'"  sing N N 54  
DC  "C3'" "H3'"  sing N N 55  
DC  "O3'" "HO3'" sing N N 56  
DC  "C2'" "C1'"  sing N N 57  
DC  "C2'" "H2'"  sing N N 58  
DC  "C2'" "H2''" sing N N 59  
DC  "C1'" N1     sing N N 60  
DC  "C1'" "H1'"  sing N N 61  
DC  N1    C2     sing N N 62  
DC  N1    C6     sing N N 63  
DC  C2    O2     doub N N 64  
DC  C2    N3     sing N N 65  
DC  N3    C4     doub N N 66  
DC  C4    N4     sing N N 67  
DC  C4    C5     sing N N 68  
DC  N4    H41    sing N N 69  
DC  N4    H42    sing N N 70  
DC  C5    C6     doub N N 71  
DC  C5    H5     sing N N 72  
DC  C6    H6     sing N N 73  
DG  OP3   P      sing N N 74  
DG  OP3   HOP3   sing N N 75  
DG  P     OP1    doub N N 76  
DG  P     OP2    sing N N 77  
DG  P     "O5'"  sing N N 78  
DG  OP2   HOP2   sing N N 79  
DG  "O5'" "C5'"  sing N N 80  
DG  "C5'" "C4'"  sing N N 81  
DG  "C5'" "H5'"  sing N N 82  
DG  "C5'" "H5''" sing N N 83  
DG  "C4'" "O4'"  sing N N 84  
DG  "C4'" "C3'"  sing N N 85  
DG  "C4'" "H4'"  sing N N 86  
DG  "O4'" "C1'"  sing N N 87  
DG  "C3'" "O3'"  sing N N 88  
DG  "C3'" "C2'"  sing N N 89  
DG  "C3'" "H3'"  sing N N 90  
DG  "O3'" "HO3'" sing N N 91  
DG  "C2'" "C1'"  sing N N 92  
DG  "C2'" "H2'"  sing N N 93  
DG  "C2'" "H2''" sing N N 94  
DG  "C1'" N9     sing N N 95  
DG  "C1'" "H1'"  sing N N 96  
DG  N9    C8     sing Y N 97  
DG  N9    C4     sing Y N 98  
DG  C8    N7     doub Y N 99  
DG  C8    H8     sing N N 100 
DG  N7    C5     sing Y N 101 
DG  C5    C6     sing N N 102 
DG  C5    C4     doub Y N 103 
DG  C6    O6     doub N N 104 
DG  C6    N1     sing N N 105 
DG  N1    C2     sing N N 106 
DG  N1    H1     sing N N 107 
DG  C2    N2     sing N N 108 
DG  C2    N3     doub N N 109 
DG  N2    H21    sing N N 110 
DG  N2    H22    sing N N 111 
DG  N3    C4     sing N N 112 
DT  OP3   P      sing N N 113 
DT  OP3   HOP3   sing N N 114 
DT  P     OP1    doub N N 115 
DT  P     OP2    sing N N 116 
DT  P     "O5'"  sing N N 117 
DT  OP2   HOP2   sing N N 118 
DT  "O5'" "C5'"  sing N N 119 
DT  "C5'" "C4'"  sing N N 120 
DT  "C5'" "H5'"  sing N N 121 
DT  "C5'" "H5''" sing N N 122 
DT  "C4'" "O4'"  sing N N 123 
DT  "C4'" "C3'"  sing N N 124 
DT  "C4'" "H4'"  sing N N 125 
DT  "O4'" "C1'"  sing N N 126 
DT  "C3'" "O3'"  sing N N 127 
DT  "C3'" "C2'"  sing N N 128 
DT  "C3'" "H3'"  sing N N 129 
DT  "O3'" "HO3'" sing N N 130 
DT  "C2'" "C1'"  sing N N 131 
DT  "C2'" "H2'"  sing N N 132 
DT  "C2'" "H2''" sing N N 133 
DT  "C1'" N1     sing N N 134 
DT  "C1'" "H1'"  sing N N 135 
DT  N1    C2     sing N N 136 
DT  N1    C6     sing N N 137 
DT  C2    O2     doub N N 138 
DT  C2    N3     sing N N 139 
DT  N3    C4     sing N N 140 
DT  N3    H3     sing N N 141 
DT  C4    O4     doub N N 142 
DT  C4    C5     sing N N 143 
DT  C5    C7     sing N N 144 
DT  C5    C6     doub N N 145 
DT  C7    H71    sing N N 146 
DT  C7    H72    sing N N 147 
DT  C7    H73    sing N N 148 
DT  C6    H6     sing N N 149 
HOH O     H1     sing N N 150 
HOH O     H2     sing N N 151 
# 
loop_
_ndb_struct_conf_na.entry_id 
_ndb_struct_conf_na.feature 
3GNK 'b-form double helix' 
3GNK 'four-way junction'   
# 
loop_
_ndb_struct_na_base_pair.model_number 
_ndb_struct_na_base_pair.i_label_asym_id 
_ndb_struct_na_base_pair.i_label_comp_id 
_ndb_struct_na_base_pair.i_label_seq_id 
_ndb_struct_na_base_pair.i_symmetry 
_ndb_struct_na_base_pair.j_label_asym_id 
_ndb_struct_na_base_pair.j_label_comp_id 
_ndb_struct_na_base_pair.j_label_seq_id 
_ndb_struct_na_base_pair.j_symmetry 
_ndb_struct_na_base_pair.shear 
_ndb_struct_na_base_pair.stretch 
_ndb_struct_na_base_pair.stagger 
_ndb_struct_na_base_pair.buckle 
_ndb_struct_na_base_pair.propeller 
_ndb_struct_na_base_pair.opening 
_ndb_struct_na_base_pair.pair_number 
_ndb_struct_na_base_pair.pair_name 
_ndb_struct_na_base_pair.i_auth_asym_id 
_ndb_struct_na_base_pair.i_auth_seq_id 
_ndb_struct_na_base_pair.i_PDB_ins_code 
_ndb_struct_na_base_pair.j_auth_asym_id 
_ndb_struct_na_base_pair.j_auth_seq_id 
_ndb_struct_na_base_pair.j_PDB_ins_code 
_ndb_struct_na_base_pair.hbond_type_28 
_ndb_struct_na_base_pair.hbond_type_12 
1 A DT 1  1_555 D DA 10 1_555 0.004  -0.231 0.187  0.423  -18.076 6.871  1  A_DT1:DA40_D  A 1  ? D 40 ? 20 1 
1 A DC 2  1_555 D DG 9  1_555 0.049  -0.331 0.445  3.934  -2.947  -1.769 2  A_DC2:DG39_D  A 2  ? D 39 ? 19 1 
1 A DG 3  1_555 D DC 8  1_555 -0.328 -0.256 0.129  2.474  -4.630  -0.855 3  A_DG3:DC38_D  A 3  ? D 38 ? 19 1 
1 A DG 4  1_555 D DC 7  1_555 -0.224 -0.339 0.562  6.414  -15.274 -2.203 4  A_DG4:DC37_D  A 4  ? D 37 ? 19 1 
1 A DC 5  1_555 B DG 6  1_555 0.300  -0.120 0.112  -4.255 -13.495 -2.076 5  A_DC5:DG16_B  A 5  ? B 16 ? 19 1 
1 A DG 6  1_555 B DC 5  1_555 -0.152 -0.147 0.351  12.636 -6.850  0.295  6  A_DG6:DC15_B  A 6  ? B 15 ? 19 1 
1 A DC 7  1_555 B DG 4  1_555 0.362  -0.023 0.550  -0.913 -20.661 0.788  7  A_DC7:DG14_B  A 7  ? B 14 ? 19 1 
1 A DC 8  1_555 B DG 3  1_555 0.364  -0.305 0.257  -8.043 -0.172  -2.857 8  A_DC8:DG13_B  A 8  ? B 13 ? 19 1 
1 A DG 9  1_555 B DC 2  1_555 -0.300 -0.171 -0.003 -3.892 -2.839  0.947  9  A_DG9:DC12_B  A 9  ? B 12 ? 19 1 
1 A DA 10 1_555 B DT 1  1_555 -0.054 -0.288 0.277  5.817  -14.779 1.008  10 A_DA10:DT11_B A 10 ? B 11 ? 20 1 
1 C DT 1  1_555 B DA 10 1_555 -0.047 -0.071 0.090  -3.495 -18.522 0.231  11 C_DT21:DA20_B C 21 ? B 20 ? 20 1 
1 C DC 2  1_555 B DG 9  1_555 0.047  -0.224 0.013  1.165  -6.924  1.127  12 C_DC22:DG19_B C 22 ? B 19 ? 19 1 
1 C DG 3  1_555 B DC 8  1_555 -0.519 -0.226 0.222  0.349  -6.440  1.771  13 C_DG23:DC18_B C 23 ? B 18 ? 19 1 
1 C DG 4  1_555 B DC 7  1_555 -0.388 -0.254 0.281  2.671  -17.544 1.706  14 C_DG24:DC17_B C 24 ? B 17 ? 19 1 
1 C DC 5  1_555 D DG 6  1_555 0.177  -0.220 0.304  -7.713 -12.249 -2.997 15 C_DC25:DG36_D C 25 ? D 36 ? 19 1 
1 C DG 6  1_555 D DC 5  1_555 -0.045 -0.191 0.261  9.391  -8.215  -2.982 16 C_DG26:DC35_D C 26 ? D 35 ? 19 1 
1 C DC 7  1_555 D DG 4  1_555 0.267  -0.220 0.466  -2.263 -20.794 -2.731 17 C_DC27:DG34_D C 27 ? D 34 ? 19 1 
1 C DC 8  1_555 D DG 3  1_555 0.480  -0.313 0.412  -8.210 1.315   0.480  18 C_DC28:DG33_D C 28 ? D 33 ? 19 1 
1 C DG 9  1_555 D DC 2  1_555 -0.206 -0.207 0.215  -1.423 -0.040  -0.607 19 C_DG29:DC32_D C 29 ? D 32 ? 19 1 
1 C DA 10 1_555 D DT 1  1_555 0.054  -0.179 0.193  1.387  -18.838 5.400  20 C_DA30:DT31_D C 30 ? D 31 ? 20 1 
# 
loop_
_ndb_struct_na_base_pair_step.model_number 
_ndb_struct_na_base_pair_step.i_label_asym_id_1 
_ndb_struct_na_base_pair_step.i_label_comp_id_1 
_ndb_struct_na_base_pair_step.i_label_seq_id_1 
_ndb_struct_na_base_pair_step.i_symmetry_1 
_ndb_struct_na_base_pair_step.j_label_asym_id_1 
_ndb_struct_na_base_pair_step.j_label_comp_id_1 
_ndb_struct_na_base_pair_step.j_label_seq_id_1 
_ndb_struct_na_base_pair_step.j_symmetry_1 
_ndb_struct_na_base_pair_step.i_label_asym_id_2 
_ndb_struct_na_base_pair_step.i_label_comp_id_2 
_ndb_struct_na_base_pair_step.i_label_seq_id_2 
_ndb_struct_na_base_pair_step.i_symmetry_2 
_ndb_struct_na_base_pair_step.j_label_asym_id_2 
_ndb_struct_na_base_pair_step.j_label_comp_id_2 
_ndb_struct_na_base_pair_step.j_label_seq_id_2 
_ndb_struct_na_base_pair_step.j_symmetry_2 
_ndb_struct_na_base_pair_step.shift 
_ndb_struct_na_base_pair_step.slide 
_ndb_struct_na_base_pair_step.rise 
_ndb_struct_na_base_pair_step.tilt 
_ndb_struct_na_base_pair_step.roll 
_ndb_struct_na_base_pair_step.twist 
_ndb_struct_na_base_pair_step.x_displacement 
_ndb_struct_na_base_pair_step.y_displacement 
_ndb_struct_na_base_pair_step.helical_rise 
_ndb_struct_na_base_pair_step.inclination 
_ndb_struct_na_base_pair_step.tip 
_ndb_struct_na_base_pair_step.helical_twist 
_ndb_struct_na_base_pair_step.step_number 
_ndb_struct_na_base_pair_step.step_name 
_ndb_struct_na_base_pair_step.i_auth_asym_id_1 
_ndb_struct_na_base_pair_step.i_auth_seq_id_1 
_ndb_struct_na_base_pair_step.i_PDB_ins_code_1 
_ndb_struct_na_base_pair_step.j_auth_asym_id_1 
_ndb_struct_na_base_pair_step.j_auth_seq_id_1 
_ndb_struct_na_base_pair_step.j_PDB_ins_code_1 
_ndb_struct_na_base_pair_step.i_auth_asym_id_2 
_ndb_struct_na_base_pair_step.i_auth_seq_id_2 
_ndb_struct_na_base_pair_step.i_PDB_ins_code_2 
_ndb_struct_na_base_pair_step.j_auth_asym_id_2 
_ndb_struct_na_base_pair_step.j_auth_seq_id_2 
_ndb_struct_na_base_pair_step.j_PDB_ins_code_2 
1 A DT 1 1_555 D DA 10 1_555 A DC 2  1_555 D DG 9 1_555 0.106  2.510  3.525 1.814  5.405  40.048 2.948  0.077  3.819 7.844  -2.633 
40.435 1  AA_DT1DC2:DG39DA40_DD   A 1  ? D 40 ? A 2  ? D 39 ? 
1 A DC 2 1_555 D DG 9  1_555 A DG 3  1_555 D DC 8 1_555 0.452  2.891  3.437 4.867  0.108  37.167 4.485  -0.027 3.475 0.169  -7.595 
37.473 2  AA_DC2DG3:DC38DG39_DD   A 2  ? D 39 ? A 3  ? D 38 ? 
1 A DG 3 1_555 D DC 8  1_555 A DG 4  1_555 D DC 7 1_555 -0.277 2.294  3.459 -8.000 0.028  43.768 3.029  -0.422 3.457 0.037  10.626 
44.457 3  AA_DG3DG4:DC37DC38_DD   A 3  ? D 38 ? A 4  ? D 37 ? 
1 A DG 4 1_555 D DC 7  1_555 A DC 5  1_555 B DG 6 1_555 -0.430 -0.518 3.524 2.997  1.685  32.790 -1.219 1.303  3.442 2.975  -5.291 
32.965 4  AA_DG4DC5:DG16DC37_BD   A 4  ? D 37 ? A 5  ? B 16 ? 
1 A DC 5 1_555 B DG 6  1_555 A DG 6  1_555 B DC 5 1_555 0.483  1.017  3.044 -1.410 6.506  28.910 0.669  -1.230 3.165 12.817 2.777  
29.650 5  AA_DC5DG6:DC15DG16_BB   A 5  ? B 16 ? A 6  ? B 15 ? 
1 A DG 6 1_555 B DC 5  1_555 A DC 7  1_555 B DG 4 1_555 -0.874 0.504  3.712 -3.493 -5.055 42.409 1.263  0.801  3.689 -6.943 4.798  
42.832 6  AA_DG6DC7:DG14DC15_BB   A 6  ? B 15 ? A 7  ? B 14 ? 
1 A DC 7 1_555 B DG 4  1_555 A DC 8  1_555 B DG 3 1_555 1.049  1.283  3.654 5.525  2.541  35.953 1.644  -0.793 3.846 4.081  -8.872 
36.447 7  AA_DC7DC8:DG13DG14_BB   A 7  ? B 14 ? A 8  ? B 13 ? 
1 A DC 8 1_555 B DG 3  1_555 A DG 9  1_555 B DC 2 1_555 -0.193 2.586  3.317 1.407  -1.799 38.589 4.128  0.464  3.189 -2.720 -2.127 
38.654 8  AA_DC8DG9:DC12DG13_BB   A 8  ? B 13 ? A 9  ? B 12 ? 
1 A DG 9 1_555 B DC 2  1_555 A DA 10 1_555 B DT 1 1_555 -0.394 2.016  3.269 -5.189 4.995  37.968 2.404  -0.074 3.518 7.594  7.889  
38.620 9  AA_DG9DA10:DT11DC12_BB  A 9  ? B 12 ? A 10 ? B 11 ? 
1 C DT 1 1_555 B DA 10 1_555 C DC 2  1_555 B DG 9 1_555 0.587  1.229  3.332 5.860  5.308  37.339 1.171  -0.113 3.517 8.178  -9.030 
38.138 10 CC_DT21DC22:DG19DA20_BB C 21 ? B 20 ? C 22 ? B 19 ? 
1 C DC 2 1_555 B DG 9  1_555 C DG 3  1_555 B DC 8 1_555 0.186  2.403  3.366 0.226  2.415  34.189 3.678  -0.279 3.524 4.102  -0.383 
34.272 11 CC_DC22DG23:DC18DG19_BB C 22 ? B 19 ? C 23 ? B 18 ? 
1 C DG 3 1_555 B DC 8  1_555 C DG 4  1_555 B DC 7 1_555 -0.368 2.365  3.498 -4.938 2.056  42.624 3.008  -0.032 3.622 2.816  6.761  
42.943 12 CC_DG23DG24:DC17DC18_BB C 23 ? B 18 ? C 24 ? B 17 ? 
1 C DG 4 1_555 B DC 7  1_555 C DC 5  1_555 D DG 6 1_555 -0.692 -0.644 3.478 -0.823 2.050  31.298 -1.600 1.115  3.446 3.794  1.523  
31.374 13 CC_DG24DC25:DG36DC17_DB C 24 ? B 17 ? C 25 ? D 36 ? 
1 C DC 5 1_555 D DG 6  1_555 C DG 6  1_555 D DC 5 1_555 -0.162 0.819  3.023 0.947  7.929  28.124 -0.028 0.518  3.125 15.915 -1.900 
29.214 14 CC_DC25DG26:DC35DG36_DD C 25 ? D 36 ? C 26 ? D 35 ? 
1 C DG 6 1_555 D DC 5  1_555 C DC 7  1_555 D DG 4 1_555 -0.612 0.665  3.609 -3.492 -3.759 43.275 1.296  0.454  3.579 -5.076 4.715  
43.563 15 CC_DG26DC27:DG34DC35_DD C 26 ? D 35 ? C 27 ? D 34 ? 
1 C DC 7 1_555 D DG 4  1_555 C DC 8  1_555 D DG 3 1_555 1.299  1.408  3.703 3.677  2.521  39.255 1.738  -1.419 3.884 3.738  -5.452 
39.498 16 CC_DC27DC28:DG33DG34_DD C 27 ? D 34 ? C 28 ? D 33 ? 
1 C DC 8 1_555 D DG 3  1_555 C DG 9  1_555 D DC 2 1_555 -0.267 2.461  3.309 1.253  -1.731 37.537 4.043  0.577  3.186 -2.687 -1.945 
37.596 17 CC_DC28DG29:DC32DG33_DD C 28 ? D 33 ? C 29 ? D 32 ? 
1 C DG 9 1_555 D DC 2  1_555 C DA 10 1_555 D DT 1 1_555 -0.285 2.524  3.520 -2.667 6.200  41.831 2.777  0.086  3.850 8.616  3.707  
42.348 18 CC_DG29DA30:DT31DC32_DD C 29 ? D 32 ? C 30 ? D 31 ? 
# 
loop_
_pdbx_entity_nonpoly.entity_id 
_pdbx_entity_nonpoly.name 
_pdbx_entity_nonpoly.comp_id 
2 'CALCIUM ION' CA  
3 'SODIUM ION'  NA  
4 water         HOH 
# 
_pdbx_initial_refinement_model.id               1 
_pdbx_initial_refinement_model.entity_id_list   ? 
_pdbx_initial_refinement_model.type             'experimental model' 
_pdbx_initial_refinement_model.source_name      PDB 
_pdbx_initial_refinement_model.accession_code   1L4J 
_pdbx_initial_refinement_model.details          'PDB entry 1L4J' 
# 
_reflns_scale.group_code   1 
# 
